data_2CRV
#
_entry.id   2CRV
#
_entity_poly.entity_id   1
_entity_poly.type   'polypeptide(L)'
_entity_poly.pdbx_seq_one_letter_code
;GSSGSSGYPIGEASILATFTVTEGKKKIPVADCRVQKGQLERHKKFKLIRNGQVIWKGSLTSLKHHKDDISVIKTGMDCG
LSLDEEKVEFKPGDQVICYEENKVPTKTSWDPGFSGPSSG
;
_entity_poly.pdbx_strand_id   A
#
# COMPACT_ATOMS: atom_id res chain seq x y z
N GLY A 1 2.42 13.87 -16.30
CA GLY A 1 3.30 13.22 -17.27
C GLY A 1 3.20 11.70 -17.16
N SER A 2 4.35 11.06 -17.20
CA SER A 2 4.41 9.61 -17.10
C SER A 2 3.79 9.14 -15.79
N SER A 3 2.86 8.20 -15.91
CA SER A 3 2.19 7.66 -14.74
C SER A 3 2.78 6.29 -14.38
N GLY A 4 3.42 6.24 -13.22
CA GLY A 4 4.02 5.01 -12.75
C GLY A 4 5.40 4.80 -13.39
N SER A 5 6.40 4.61 -12.53
CA SER A 5 7.75 4.40 -13.00
C SER A 5 7.95 2.94 -13.36
N SER A 6 9.10 2.67 -13.98
CA SER A 6 9.43 1.31 -14.38
C SER A 6 9.84 0.48 -13.17
N GLY A 7 8.97 -0.45 -12.81
CA GLY A 7 9.23 -1.32 -11.66
C GLY A 7 8.18 -2.42 -11.56
N TYR A 8 7.80 -2.70 -10.32
CA TYR A 8 6.79 -3.72 -10.07
C TYR A 8 6.16 -3.54 -8.68
N PRO A 9 4.91 -4.03 -8.57
CA PRO A 9 4.18 -3.92 -7.30
C PRO A 9 4.71 -4.94 -6.29
N ILE A 10 4.97 -4.44 -5.08
CA ILE A 10 5.47 -5.29 -4.02
C ILE A 10 4.33 -6.11 -3.43
N GLY A 11 3.21 -5.43 -3.21
CA GLY A 11 2.03 -6.08 -2.66
C GLY A 11 0.78 -5.21 -2.83
N GLU A 12 -0.33 -5.87 -3.09
CA GLU A 12 -1.59 -5.17 -3.29
C GLU A 12 -2.46 -5.29 -2.03
N ALA A 13 -3.03 -4.16 -1.64
CA ALA A 13 -3.88 -4.13 -0.47
C ALA A 13 -5.22 -3.46 -0.83
N SER A 14 -6.30 -4.08 -0.35
CA SER A 14 -7.63 -3.57 -0.62
C SER A 14 -8.20 -2.92 0.64
N ILE A 15 -8.97 -1.87 0.42
CA ILE A 15 -9.58 -1.14 1.53
C ILE A 15 -10.93 -1.78 1.86
N LEU A 16 -11.02 -2.30 3.08
CA LEU A 16 -12.23 -2.94 3.54
C LEU A 16 -13.13 -1.90 4.22
N ALA A 17 -12.49 -0.99 4.92
CA ALA A 17 -13.21 0.07 5.61
C ALA A 17 -12.37 1.34 5.61
N THR A 18 -13.05 2.46 5.83
CA THR A 18 -12.39 3.75 5.85
C THR A 18 -12.96 4.63 6.96
N PHE A 19 -12.06 5.26 7.70
CA PHE A 19 -12.47 6.14 8.79
C PHE A 19 -11.41 7.20 9.06
N THR A 20 -11.73 8.08 10.00
CA THR A 20 -10.82 9.15 10.35
C THR A 20 -10.39 9.02 11.82
N VAL A 21 -9.30 9.70 12.15
CA VAL A 21 -8.78 9.67 13.51
C VAL A 21 -8.44 11.09 13.96
N THR A 22 -8.37 11.26 15.27
CA THR A 22 -8.06 12.56 15.85
C THR A 22 -6.72 12.51 16.58
N GLU A 23 -5.95 13.57 16.40
CA GLU A 23 -4.64 13.67 17.02
C GLU A 23 -4.39 15.09 17.52
N GLY A 24 -4.61 15.28 18.81
CA GLY A 24 -4.41 16.59 19.42
C GLY A 24 -5.64 17.47 19.22
N LYS A 25 -6.11 17.51 17.98
CA LYS A 25 -7.26 18.32 17.65
C LYS A 25 -7.66 18.07 16.19
N LYS A 26 -6.65 18.08 15.33
CA LYS A 26 -6.87 17.86 13.91
C LYS A 26 -7.54 16.50 13.71
N LYS A 27 -7.97 16.26 12.48
CA LYS A 27 -8.63 15.01 12.15
C LYS A 27 -7.94 14.39 10.94
N ILE A 28 -7.07 13.43 11.22
CA ILE A 28 -6.34 12.74 10.17
C ILE A 28 -7.13 11.52 9.71
N PRO A 29 -7.37 11.45 8.37
CA PRO A 29 -8.12 10.35 7.80
C PRO A 29 -7.26 9.08 7.74
N VAL A 30 -7.93 7.95 7.93
CA VAL A 30 -7.25 6.67 7.90
C VAL A 30 -8.00 5.72 6.99
N ALA A 31 -7.26 4.80 6.39
CA ALA A 31 -7.84 3.82 5.49
C ALA A 31 -7.39 2.42 5.89
N ASP A 32 -8.36 1.60 6.28
CA ASP A 32 -8.07 0.24 6.69
C ASP A 32 -8.13 -0.69 5.48
N CYS A 33 -7.00 -1.33 5.22
CA CYS A 33 -6.90 -2.24 4.09
C CYS A 33 -6.26 -3.55 4.57
N ARG A 34 -6.69 -4.64 3.97
CA ARG A 34 -6.16 -5.95 4.33
C ARG A 34 -5.29 -6.50 3.20
N VAL A 35 -4.01 -6.68 3.51
CA VAL A 35 -3.07 -7.19 2.54
C VAL A 35 -3.58 -8.52 1.99
N GLN A 36 -3.91 -8.51 0.71
CA GLN A 36 -4.42 -9.70 0.06
C GLN A 36 -3.26 -10.53 -0.52
N LYS A 37 -2.23 -9.81 -0.95
CA LYS A 37 -1.05 -10.46 -1.52
C LYS A 37 0.17 -9.58 -1.28
N GLY A 38 1.25 -10.23 -0.88
CA GLY A 38 2.50 -9.51 -0.62
C GLY A 38 2.46 -8.84 0.76
N GLN A 39 3.22 -7.76 0.87
CA GLN A 39 3.29 -7.02 2.11
C GLN A 39 3.48 -5.53 1.84
N LEU A 40 3.40 -4.75 2.90
CA LEU A 40 3.56 -3.31 2.77
C LEU A 40 4.78 -2.87 3.58
N GLU A 41 5.69 -2.19 2.90
CA GLU A 41 6.91 -1.71 3.53
C GLU A 41 6.84 -0.20 3.75
N ARG A 42 6.98 0.20 5.01
CA ARG A 42 6.93 1.61 5.35
C ARG A 42 8.19 2.32 4.85
N HIS A 43 8.20 2.59 3.56
CA HIS A 43 9.33 3.27 2.94
C HIS A 43 9.05 3.48 1.45
N LYS A 44 8.67 2.40 0.79
CA LYS A 44 8.38 2.45 -0.63
C LYS A 44 7.28 3.48 -0.88
N LYS A 45 6.82 3.52 -2.11
CA LYS A 45 5.77 4.45 -2.50
C LYS A 45 4.42 3.72 -2.54
N PHE A 46 3.36 4.51 -2.52
CA PHE A 46 2.02 3.95 -2.55
C PHE A 46 1.09 4.83 -3.39
N LYS A 47 -0.13 4.32 -3.58
CA LYS A 47 -1.12 5.04 -4.36
C LYS A 47 -2.51 4.46 -4.08
N LEU A 48 -3.52 5.32 -4.17
CA LEU A 48 -4.88 4.90 -3.93
C LEU A 48 -5.61 4.77 -5.27
N ILE A 49 -6.08 3.57 -5.53
CA ILE A 49 -6.80 3.30 -6.77
C ILE A 49 -8.30 3.16 -6.47
N ARG A 50 -9.07 4.06 -7.05
CA ARG A 50 -10.51 4.05 -6.85
C ARG A 50 -11.23 3.99 -8.20
N ASN A 51 -11.88 2.85 -8.43
CA ASN A 51 -12.61 2.64 -9.68
C ASN A 51 -11.62 2.27 -10.78
N GLY A 52 -10.35 2.22 -10.41
CA GLY A 52 -9.31 1.87 -11.36
C GLY A 52 -8.38 3.06 -11.62
N GLN A 53 -8.85 4.23 -11.20
CA GLN A 53 -8.07 5.45 -11.38
C GLN A 53 -7.35 5.81 -10.09
N VAL A 54 -6.18 6.41 -10.26
CA VAL A 54 -5.37 6.81 -9.12
C VAL A 54 -5.81 8.20 -8.64
N ILE A 55 -5.89 8.35 -7.34
CA ILE A 55 -6.30 9.62 -6.75
C ILE A 55 -5.09 10.24 -6.03
N TRP A 56 -4.36 9.40 -5.33
CA TRP A 56 -3.19 9.86 -4.59
C TRP A 56 -2.00 8.98 -4.99
N LYS A 57 -0.87 9.63 -5.19
CA LYS A 57 0.33 8.91 -5.57
C LYS A 57 1.53 9.47 -4.79
N GLY A 58 2.22 8.58 -4.09
CA GLY A 58 3.38 8.97 -3.30
C GLY A 58 3.57 8.04 -2.12
N SER A 59 4.38 8.49 -1.17
CA SER A 59 4.67 7.70 0.02
C SER A 59 3.74 8.12 1.16
N LEU A 60 3.38 7.14 1.98
CA LEU A 60 2.49 7.40 3.10
C LEU A 60 3.20 8.33 4.10
N THR A 61 2.44 8.78 5.08
CA THR A 61 2.97 9.67 6.09
C THR A 61 3.14 8.92 7.42
N SER A 62 2.31 7.90 7.60
CA SER A 62 2.36 7.11 8.82
C SER A 62 1.67 5.77 8.59
N LEU A 63 2.12 4.77 9.33
CA LEU A 63 1.55 3.44 9.22
C LEU A 63 1.61 2.74 10.58
N LYS A 64 0.51 2.09 10.93
CA LYS A 64 0.42 1.38 12.20
C LYS A 64 -0.40 0.11 12.01
N HIS A 65 -0.07 -0.89 12.81
CA HIS A 65 -0.76 -2.17 12.75
C HIS A 65 -1.56 -2.39 14.03
N HIS A 66 -2.33 -1.37 14.40
CA HIS A 66 -3.14 -1.43 15.60
C HIS A 66 -2.23 -1.58 16.82
N LYS A 67 -2.07 -0.47 17.53
CA LYS A 67 -1.23 -0.46 18.72
C LYS A 67 0.02 -1.31 18.46
N ASP A 68 0.88 -0.78 17.60
CA ASP A 68 2.11 -1.47 17.27
C ASP A 68 2.79 -0.76 16.09
N ASP A 69 3.80 0.03 16.41
CA ASP A 69 4.54 0.76 15.39
C ASP A 69 5.38 -0.21 14.58
N ILE A 70 4.74 -0.85 13.61
CA ILE A 70 5.43 -1.80 12.76
C ILE A 70 5.98 -1.08 11.52
N SER A 71 6.79 -1.80 10.76
CA SER A 71 7.38 -1.24 9.57
C SER A 71 6.87 -1.99 8.33
N VAL A 72 6.83 -3.31 8.46
CA VAL A 72 6.35 -4.15 7.36
C VAL A 72 5.06 -4.85 7.78
N ILE A 73 4.17 -4.99 6.81
CA ILE A 73 2.89 -5.63 7.07
C ILE A 73 2.78 -6.90 6.20
N LYS A 74 2.79 -8.03 6.87
CA LYS A 74 2.70 -9.30 6.17
C LYS A 74 1.27 -9.49 5.66
N THR A 75 1.04 -10.66 5.06
CA THR A 75 -0.28 -10.97 4.52
C THR A 75 -1.24 -11.35 5.64
N GLY A 76 -2.49 -10.96 5.46
CA GLY A 76 -3.52 -11.26 6.45
C GLY A 76 -3.44 -10.30 7.63
N MET A 77 -2.60 -9.29 7.48
CA MET A 77 -2.40 -8.29 8.52
C MET A 77 -3.16 -7.01 8.18
N ASP A 78 -3.90 -6.52 9.16
CA ASP A 78 -4.67 -5.29 8.99
C ASP A 78 -3.83 -4.10 9.45
N CYS A 79 -3.79 -3.08 8.60
CA CYS A 79 -3.04 -1.88 8.92
C CYS A 79 -3.80 -0.67 8.35
N GLY A 80 -3.51 0.49 8.92
CA GLY A 80 -4.15 1.72 8.48
C GLY A 80 -3.11 2.76 8.06
N LEU A 81 -3.27 3.25 6.84
CA LEU A 81 -2.36 4.24 6.31
C LEU A 81 -3.11 5.56 6.09
N SER A 82 -2.38 6.65 6.21
CA SER A 82 -2.98 7.97 6.01
C SER A 82 -2.11 8.79 5.05
N LEU A 83 -2.79 9.44 4.12
CA LEU A 83 -2.10 10.27 3.14
C LEU A 83 -1.97 11.69 3.67
N ASP A 84 -0.92 12.36 3.23
CA ASP A 84 -0.67 13.74 3.65
C ASP A 84 -1.70 14.66 3.01
N GLU A 85 -2.15 14.27 1.84
CA GLU A 85 -3.13 15.06 1.11
C GLU A 85 -4.55 14.69 1.57
N GLU A 86 -4.88 15.13 2.77
CA GLU A 86 -6.19 14.85 3.33
C GLU A 86 -7.26 14.94 2.24
N LYS A 87 -7.04 15.86 1.31
CA LYS A 87 -7.98 16.06 0.21
C LYS A 87 -8.41 14.69 -0.33
N VAL A 88 -7.43 13.84 -0.57
CA VAL A 88 -7.70 12.51 -1.09
C VAL A 88 -8.60 11.75 -0.10
N GLU A 89 -9.53 11.00 -0.66
CA GLU A 89 -10.45 10.23 0.15
C GLU A 89 -10.46 8.76 -0.30
N PHE A 90 -10.67 7.88 0.67
CA PHE A 90 -10.69 6.46 0.40
C PHE A 90 -12.12 5.92 0.45
N LYS A 91 -12.23 4.60 0.31
CA LYS A 91 -13.52 3.96 0.33
C LYS A 91 -13.33 2.44 0.26
N PRO A 92 -14.39 1.70 0.71
CA PRO A 92 -14.34 0.26 0.70
C PRO A 92 -14.53 -0.29 -0.72
N GLY A 93 -13.66 0.16 -1.61
CA GLY A 93 -13.71 -0.27 -3.00
C GLY A 93 -12.54 0.31 -3.79
N ASP A 94 -11.41 0.44 -3.12
CA ASP A 94 -10.21 0.97 -3.74
C ASP A 94 -9.08 -0.04 -3.65
N GLN A 95 -7.90 0.39 -4.03
CA GLN A 95 -6.74 -0.48 -3.99
C GLN A 95 -5.49 0.31 -3.59
N VAL A 96 -4.59 -0.37 -2.90
CA VAL A 96 -3.36 0.26 -2.46
C VAL A 96 -2.16 -0.57 -2.94
N ILE A 97 -1.58 -0.12 -4.04
CA ILE A 97 -0.43 -0.81 -4.62
C ILE A 97 0.85 -0.16 -4.11
N CYS A 98 1.70 -0.98 -3.50
CA CYS A 98 2.96 -0.49 -2.97
C CYS A 98 4.08 -0.97 -3.89
N TYR A 99 4.46 -0.10 -4.81
CA TYR A 99 5.51 -0.41 -5.76
C TYR A 99 6.79 0.37 -5.43
N GLU A 100 7.87 -0.02 -6.10
CA GLU A 100 9.15 0.64 -5.90
C GLU A 100 9.52 1.47 -7.12
N GLU A 101 10.02 2.68 -6.85
CA GLU A 101 10.41 3.58 -7.91
C GLU A 101 11.94 3.74 -7.94
N ASN A 102 12.53 3.27 -9.02
CA ASN A 102 13.98 3.36 -9.18
C ASN A 102 14.37 2.77 -10.54
N LYS A 103 14.15 1.47 -10.67
CA LYS A 103 14.48 0.77 -11.90
C LYS A 103 13.62 -0.49 -12.02
N VAL A 104 13.96 -1.30 -13.00
CA VAL A 104 13.23 -2.54 -13.23
C VAL A 104 14.21 -3.71 -13.25
N PRO A 105 13.75 -4.85 -12.67
CA PRO A 105 14.57 -6.05 -12.60
C PRO A 105 14.65 -6.73 -13.97
N THR A 106 15.34 -7.86 -13.99
CA THR A 106 15.50 -8.62 -15.22
C THR A 106 14.72 -9.93 -15.14
N LYS A 107 14.60 -10.44 -13.92
CA LYS A 107 13.89 -11.69 -13.70
C LYS A 107 14.53 -12.80 -14.53
N THR A 108 15.30 -13.64 -13.85
CA THR A 108 15.97 -14.74 -14.51
C THR A 108 15.82 -16.03 -13.69
N SER A 109 14.61 -16.56 -13.68
CA SER A 109 14.33 -17.77 -12.94
C SER A 109 12.86 -18.17 -13.11
N TRP A 110 12.65 -19.40 -13.56
CA TRP A 110 11.31 -19.91 -13.77
C TRP A 110 11.24 -21.33 -13.21
N ASP A 111 10.40 -21.50 -12.20
CA ASP A 111 10.23 -22.79 -11.57
C ASP A 111 9.10 -22.72 -10.55
N PRO A 112 8.02 -23.50 -10.83
CA PRO A 112 6.87 -23.52 -9.95
C PRO A 112 7.17 -24.34 -8.69
N GLY A 113 6.20 -24.33 -7.78
CA GLY A 113 6.35 -25.07 -6.53
C GLY A 113 5.22 -24.71 -5.55
N PHE A 114 4.43 -25.73 -5.21
CA PHE A 114 3.33 -25.54 -4.30
C PHE A 114 3.31 -26.63 -3.22
N SER A 115 2.56 -26.37 -2.17
CA SER A 115 2.45 -27.32 -1.07
C SER A 115 1.30 -26.91 -0.13
N GLY A 116 0.49 -27.89 0.22
CA GLY A 116 -0.64 -27.64 1.11
C GLY A 116 -1.48 -28.90 1.26
N PRO A 117 -0.95 -29.88 2.04
CA PRO A 117 -1.65 -31.13 2.27
C PRO A 117 -2.80 -30.93 3.26
N SER A 118 -3.58 -31.99 3.42
CA SER A 118 -4.72 -31.94 4.33
C SER A 118 -4.42 -32.78 5.58
N SER A 119 -4.94 -32.31 6.69
CA SER A 119 -4.74 -33.00 7.96
C SER A 119 -5.96 -32.79 8.87
N GLY A 120 -6.06 -33.67 9.87
CA GLY A 120 -7.16 -33.59 10.80
C GLY A 120 -8.51 -33.61 10.07
N GLY A 1 -4.09 5.40 -24.00
CA GLY A 1 -5.01 5.42 -22.88
C GLY A 1 -4.25 5.32 -21.54
N SER A 2 -3.46 6.34 -21.27
CA SER A 2 -2.68 6.37 -20.05
C SER A 2 -1.61 5.27 -20.07
N SER A 3 -0.39 5.68 -19.80
CA SER A 3 0.73 4.74 -19.79
C SER A 3 1.67 5.07 -18.63
N GLY A 4 2.52 4.10 -18.31
CA GLY A 4 3.47 4.27 -17.23
C GLY A 4 3.70 2.95 -16.48
N SER A 5 4.92 2.44 -16.60
CA SER A 5 5.28 1.20 -15.94
C SER A 5 6.68 1.31 -15.34
N SER A 6 6.73 1.31 -14.02
CA SER A 6 8.00 1.41 -13.31
C SER A 6 8.10 0.30 -12.26
N GLY A 7 9.16 -0.48 -12.38
CA GLY A 7 9.38 -1.58 -11.45
C GLY A 7 8.11 -2.41 -11.27
N TYR A 8 8.19 -3.35 -10.33
CA TYR A 8 7.07 -4.22 -10.06
C TYR A 8 6.49 -3.94 -8.67
N PRO A 9 5.19 -4.28 -8.50
CA PRO A 9 4.50 -4.07 -7.24
C PRO A 9 4.95 -5.11 -6.20
N ILE A 10 5.32 -4.61 -5.03
CA ILE A 10 5.77 -5.48 -3.96
C ILE A 10 4.58 -6.28 -3.43
N GLY A 11 3.46 -5.59 -3.26
CA GLY A 11 2.26 -6.23 -2.77
C GLY A 11 1.05 -5.29 -2.87
N GLU A 12 -0.11 -5.89 -3.08
CA GLU A 12 -1.33 -5.12 -3.20
C GLU A 12 -2.15 -5.21 -1.91
N ALA A 13 -2.94 -4.18 -1.67
CA ALA A 13 -3.77 -4.13 -0.48
C ALA A 13 -5.13 -3.52 -0.83
N SER A 14 -6.17 -4.12 -0.29
CA SER A 14 -7.52 -3.66 -0.54
C SER A 14 -8.09 -2.98 0.71
N ILE A 15 -8.92 -1.98 0.48
CA ILE A 15 -9.53 -1.24 1.57
C ILE A 15 -10.88 -1.88 1.93
N LEU A 16 -10.97 -2.30 3.18
CA LEU A 16 -12.19 -2.94 3.66
C LEU A 16 -13.07 -1.88 4.33
N ALA A 17 -12.43 -0.98 5.05
CA ALA A 17 -13.14 0.08 5.74
C ALA A 17 -12.31 1.36 5.70
N THR A 18 -13.00 2.48 5.83
CA THR A 18 -12.33 3.77 5.82
C THR A 18 -12.88 4.67 6.92
N PHE A 19 -11.97 5.34 7.61
CA PHE A 19 -12.35 6.22 8.70
C PHE A 19 -11.30 7.32 8.90
N THR A 20 -11.54 8.14 9.91
CA THR A 20 -10.63 9.23 10.23
C THR A 20 -10.17 9.15 11.68
N VAL A 21 -9.09 9.85 11.97
CA VAL A 21 -8.54 9.85 13.32
C VAL A 21 -8.22 11.30 13.72
N THR A 22 -8.13 11.50 15.04
CA THR A 22 -7.84 12.82 15.57
C THR A 22 -6.48 12.82 16.27
N GLU A 23 -5.74 13.90 16.06
CA GLU A 23 -4.43 14.04 16.65
C GLU A 23 -4.21 15.48 17.13
N GLY A 24 -4.41 15.68 18.43
CA GLY A 24 -4.24 17.00 19.02
C GLY A 24 -5.47 17.87 18.77
N LYS A 25 -5.83 17.98 17.50
CA LYS A 25 -6.98 18.77 17.11
C LYS A 25 -7.37 18.42 15.67
N LYS A 26 -6.37 18.37 14.81
CA LYS A 26 -6.61 18.04 13.41
C LYS A 26 -7.18 16.63 13.31
N LYS A 27 -7.66 16.31 12.12
CA LYS A 27 -8.23 14.99 11.87
C LYS A 27 -7.61 14.39 10.62
N ILE A 28 -6.76 13.39 10.84
CA ILE A 28 -6.08 12.72 9.74
C ILE A 28 -6.93 11.53 9.29
N PRO A 29 -7.16 11.47 7.95
CA PRO A 29 -7.94 10.39 7.37
C PRO A 29 -7.14 9.09 7.32
N VAL A 30 -7.76 8.02 7.78
CA VAL A 30 -7.11 6.72 7.79
C VAL A 30 -7.89 5.76 6.91
N ALA A 31 -7.18 4.78 6.37
CA ALA A 31 -7.79 3.79 5.50
C ALA A 31 -7.34 2.39 5.93
N ASP A 32 -8.31 1.59 6.36
CA ASP A 32 -8.03 0.24 6.80
C ASP A 32 -8.06 -0.70 5.59
N CYS A 33 -6.90 -1.24 5.27
CA CYS A 33 -6.78 -2.16 4.14
C CYS A 33 -6.14 -3.45 4.64
N ARG A 34 -6.51 -4.55 3.99
CA ARG A 34 -5.97 -5.85 4.36
C ARG A 34 -5.05 -6.37 3.26
N VAL A 35 -3.84 -6.69 3.66
CA VAL A 35 -2.84 -7.20 2.72
C VAL A 35 -3.33 -8.52 2.14
N GLN A 36 -3.64 -8.49 0.85
CA GLN A 36 -4.12 -9.67 0.16
C GLN A 36 -2.95 -10.45 -0.42
N LYS A 37 -1.91 -9.72 -0.81
CA LYS A 37 -0.73 -10.33 -1.38
C LYS A 37 0.50 -9.49 -1.02
N GLY A 38 1.63 -10.18 -0.91
CA GLY A 38 2.88 -9.52 -0.57
C GLY A 38 2.81 -8.89 0.82
N GLN A 39 3.35 -7.69 0.92
CA GLN A 39 3.35 -6.98 2.19
C GLN A 39 3.29 -5.47 1.96
N LEU A 40 3.15 -4.73 3.04
CA LEU A 40 3.07 -3.28 2.97
C LEU A 40 4.27 -2.68 3.71
N GLU A 41 5.01 -1.85 3.00
CA GLU A 41 6.18 -1.19 3.57
C GLU A 41 5.77 0.13 4.22
N ARG A 42 6.77 0.80 4.80
CA ARG A 42 6.53 2.07 5.46
C ARG A 42 7.09 3.21 4.61
N HIS A 43 8.37 3.12 4.32
CA HIS A 43 9.04 4.13 3.52
C HIS A 43 8.60 4.01 2.06
N LYS A 44 8.42 2.76 1.64
CA LYS A 44 8.01 2.49 0.27
C LYS A 44 6.92 3.48 -0.14
N LYS A 45 6.71 3.59 -1.43
CA LYS A 45 5.70 4.50 -1.96
C LYS A 45 4.39 3.73 -2.16
N PHE A 46 3.30 4.50 -2.21
CA PHE A 46 1.98 3.91 -2.37
C PHE A 46 1.06 4.85 -3.15
N LYS A 47 -0.15 4.38 -3.40
CA LYS A 47 -1.13 5.17 -4.12
C LYS A 47 -2.52 4.58 -3.89
N LEU A 48 -3.52 5.45 -4.01
CA LEU A 48 -4.90 5.03 -3.81
C LEU A 48 -5.59 4.90 -5.18
N ILE A 49 -6.04 3.69 -5.47
CA ILE A 49 -6.72 3.43 -6.73
C ILE A 49 -8.22 3.25 -6.46
N ARG A 50 -9.00 4.14 -7.05
CA ARG A 50 -10.44 4.10 -6.88
C ARG A 50 -11.12 4.06 -8.26
N ASN A 51 -11.76 2.93 -8.52
CA ASN A 51 -12.45 2.74 -9.79
C ASN A 51 -11.43 2.45 -10.89
N GLY A 52 -10.18 2.29 -10.47
CA GLY A 52 -9.11 2.01 -11.41
C GLY A 52 -8.23 3.24 -11.62
N GLN A 53 -8.74 4.38 -11.17
CA GLN A 53 -8.02 5.63 -11.30
C GLN A 53 -7.28 5.96 -10.00
N VAL A 54 -6.18 6.67 -10.14
CA VAL A 54 -5.37 7.06 -9.00
C VAL A 54 -5.81 8.44 -8.52
N ILE A 55 -6.06 8.53 -7.23
CA ILE A 55 -6.49 9.78 -6.62
C ILE A 55 -5.31 10.41 -5.88
N TRP A 56 -4.56 9.56 -5.20
CA TRP A 56 -3.41 10.00 -4.44
C TRP A 56 -2.20 9.16 -4.85
N LYS A 57 -1.07 9.83 -5.05
CA LYS A 57 0.14 9.15 -5.44
C LYS A 57 1.32 9.73 -4.65
N GLY A 58 2.12 8.83 -4.09
CA GLY A 58 3.27 9.24 -3.31
C GLY A 58 3.63 8.18 -2.27
N SER A 59 4.05 8.65 -1.11
CA SER A 59 4.43 7.77 -0.03
C SER A 59 3.56 8.02 1.20
N LEU A 60 3.31 6.96 1.95
CA LEU A 60 2.49 7.06 3.14
C LEU A 60 3.24 7.85 4.22
N THR A 61 2.48 8.47 5.10
CA THR A 61 3.06 9.26 6.18
C THR A 61 3.14 8.43 7.46
N SER A 62 2.25 7.46 7.56
CA SER A 62 2.20 6.58 8.72
C SER A 62 1.78 5.18 8.31
N LEU A 63 1.95 4.25 9.23
CA LEU A 63 1.58 2.87 8.99
C LEU A 63 1.77 2.05 10.27
N LYS A 64 0.65 1.68 10.87
CA LYS A 64 0.67 0.90 12.10
C LYS A 64 -0.19 -0.35 11.92
N HIS A 65 0.14 -1.38 12.70
CA HIS A 65 -0.60 -2.62 12.64
C HIS A 65 -1.60 -2.69 13.80
N HIS A 66 -2.70 -1.97 13.63
CA HIS A 66 -3.73 -1.94 14.65
C HIS A 66 -3.31 -0.99 15.78
N LYS A 67 -2.18 -1.32 16.38
CA LYS A 67 -1.65 -0.51 17.48
C LYS A 67 -0.17 -0.83 17.68
N ASP A 68 0.57 -0.73 16.58
CA ASP A 68 2.00 -1.00 16.62
C ASP A 68 2.68 -0.34 15.43
N ASP A 69 3.71 0.44 15.72
CA ASP A 69 4.45 1.13 14.68
C ASP A 69 5.33 0.13 13.93
N ILE A 70 4.71 -0.55 12.98
CA ILE A 70 5.43 -1.53 12.19
C ILE A 70 5.89 -0.88 10.88
N SER A 71 6.75 -1.61 10.17
CA SER A 71 7.27 -1.12 8.90
C SER A 71 6.82 -2.04 7.76
N VAL A 72 6.76 -3.32 8.06
CA VAL A 72 6.35 -4.31 7.07
C VAL A 72 5.10 -5.02 7.58
N ILE A 73 4.14 -5.19 6.67
CA ILE A 73 2.90 -5.86 7.01
C ILE A 73 2.77 -7.14 6.17
N LYS A 74 2.69 -8.25 6.87
CA LYS A 74 2.56 -9.54 6.21
C LYS A 74 1.15 -9.69 5.65
N THR A 75 0.90 -10.85 5.06
CA THR A 75 -0.40 -11.12 4.48
C THR A 75 -1.40 -11.50 5.57
N GLY A 76 -2.65 -11.10 5.35
CA GLY A 76 -3.71 -11.39 6.30
C GLY A 76 -3.61 -10.47 7.52
N MET A 77 -2.65 -9.56 7.47
CA MET A 77 -2.44 -8.63 8.56
C MET A 77 -3.14 -7.29 8.28
N ASP A 78 -3.89 -6.84 9.28
CA ASP A 78 -4.62 -5.58 9.15
C ASP A 78 -3.70 -4.43 9.56
N CYS A 79 -3.86 -3.31 8.85
CA CYS A 79 -3.05 -2.13 9.12
C CYS A 79 -3.78 -0.92 8.56
N GLY A 80 -3.44 0.24 9.10
CA GLY A 80 -4.05 1.48 8.66
C GLY A 80 -2.98 2.49 8.19
N LEU A 81 -3.21 3.04 7.01
CA LEU A 81 -2.29 4.00 6.45
C LEU A 81 -3.02 5.32 6.21
N SER A 82 -2.24 6.39 6.10
CA SER A 82 -2.79 7.71 5.89
C SER A 82 -1.95 8.46 4.86
N LEU A 83 -2.62 9.31 4.09
CA LEU A 83 -1.95 10.10 3.08
C LEU A 83 -1.71 11.51 3.60
N ASP A 84 -0.61 12.10 3.15
CA ASP A 84 -0.25 13.44 3.57
C ASP A 84 -1.38 14.41 3.20
N GLU A 85 -2.21 13.97 2.26
CA GLU A 85 -3.32 14.79 1.80
C GLU A 85 -4.61 14.34 2.49
N GLU A 86 -5.37 15.31 2.95
CA GLU A 86 -6.62 15.03 3.63
C GLU A 86 -7.79 15.04 2.62
N LYS A 87 -7.61 15.85 1.59
CA LYS A 87 -8.63 15.96 0.56
C LYS A 87 -8.98 14.56 0.04
N VAL A 88 -7.94 13.77 -0.18
CA VAL A 88 -8.13 12.41 -0.66
C VAL A 88 -8.82 11.58 0.41
N GLU A 89 -9.89 10.92 -0.01
CA GLU A 89 -10.65 10.07 0.90
C GLU A 89 -10.76 8.65 0.35
N PHE A 90 -10.48 7.70 1.22
CA PHE A 90 -10.55 6.30 0.84
C PHE A 90 -11.98 5.77 0.93
N LYS A 91 -12.17 4.58 0.37
CA LYS A 91 -13.48 3.95 0.38
C LYS A 91 -13.32 2.44 0.31
N PRO A 92 -14.38 1.72 0.78
CA PRO A 92 -14.37 0.27 0.78
C PRO A 92 -14.57 -0.28 -0.63
N GLY A 93 -13.71 0.17 -1.54
CA GLY A 93 -13.79 -0.27 -2.92
C GLY A 93 -12.65 0.34 -3.75
N ASP A 94 -11.51 0.49 -3.10
CA ASP A 94 -10.34 1.04 -3.76
C ASP A 94 -9.21 0.01 -3.73
N GLN A 95 -8.02 0.48 -4.08
CA GLN A 95 -6.85 -0.38 -4.10
C GLN A 95 -5.61 0.38 -3.64
N VAL A 96 -4.66 -0.36 -3.10
CA VAL A 96 -3.43 0.24 -2.61
C VAL A 96 -2.23 -0.60 -3.10
N ILE A 97 -1.60 -0.10 -4.16
CA ILE A 97 -0.46 -0.80 -4.73
C ILE A 97 0.82 -0.34 -4.00
N CYS A 98 1.49 -1.30 -3.39
CA CYS A 98 2.72 -1.01 -2.67
C CYS A 98 3.90 -1.39 -3.56
N TYR A 99 4.48 -0.37 -4.18
CA TYR A 99 5.62 -0.59 -5.06
C TYR A 99 6.79 0.32 -4.67
N GLU A 100 7.91 0.10 -5.34
CA GLU A 100 9.10 0.88 -5.08
C GLU A 100 9.55 1.63 -6.33
N GLU A 101 10.07 2.83 -6.12
CA GLU A 101 10.53 3.64 -7.24
C GLU A 101 12.01 3.34 -7.54
N ASN A 102 12.21 2.29 -8.32
CA ASN A 102 13.56 1.89 -8.69
C ASN A 102 13.49 0.68 -9.61
N LYS A 103 14.60 0.41 -10.29
CA LYS A 103 14.67 -0.72 -11.20
C LYS A 103 15.99 -1.47 -10.97
N VAL A 104 15.85 -2.73 -10.61
CA VAL A 104 17.02 -3.56 -10.36
C VAL A 104 16.87 -4.88 -11.13
N PRO A 105 18.04 -5.50 -11.44
CA PRO A 105 18.06 -6.75 -12.16
C PRO A 105 17.65 -7.92 -11.26
N THR A 106 16.44 -8.41 -11.50
CA THR A 106 15.91 -9.51 -10.72
C THR A 106 14.94 -10.34 -11.56
N LYS A 107 14.93 -11.64 -11.28
CA LYS A 107 14.06 -12.56 -12.01
C LYS A 107 13.18 -13.31 -11.01
N THR A 108 11.88 -13.09 -11.12
CA THR A 108 10.93 -13.73 -10.24
C THR A 108 9.93 -14.57 -11.05
N SER A 109 9.42 -15.61 -10.40
CA SER A 109 8.46 -16.49 -11.05
C SER A 109 7.36 -16.87 -10.06
N TRP A 110 6.39 -15.98 -9.92
CA TRP A 110 5.29 -16.21 -9.02
C TRP A 110 4.00 -15.75 -9.71
N ASP A 111 3.45 -16.65 -10.52
CA ASP A 111 2.24 -16.35 -11.25
C ASP A 111 1.11 -16.05 -10.26
N PRO A 112 0.27 -15.04 -10.63
CA PRO A 112 -0.84 -14.64 -9.78
C PRO A 112 -1.98 -15.66 -9.85
N GLY A 113 -2.20 -16.33 -8.74
CA GLY A 113 -3.26 -17.33 -8.66
C GLY A 113 -3.29 -17.98 -7.28
N PHE A 114 -3.64 -17.16 -6.29
CA PHE A 114 -3.72 -17.64 -4.91
C PHE A 114 -5.12 -17.41 -4.33
N SER A 115 -5.76 -18.50 -3.99
CA SER A 115 -7.10 -18.43 -3.42
C SER A 115 -7.29 -19.55 -2.38
N GLY A 116 -7.21 -19.15 -1.12
CA GLY A 116 -7.37 -20.10 -0.03
C GLY A 116 -7.02 -19.45 1.31
N PRO A 117 -7.90 -18.50 1.73
CA PRO A 117 -7.68 -17.80 2.99
C PRO A 117 -8.04 -18.69 4.18
N SER A 118 -7.45 -18.37 5.32
CA SER A 118 -7.70 -19.13 6.53
C SER A 118 -7.01 -18.44 7.72
N SER A 119 -5.70 -18.30 7.62
CA SER A 119 -4.93 -17.68 8.67
C SER A 119 -3.51 -17.41 8.19
N GLY A 120 -3.04 -16.19 8.44
CA GLY A 120 -1.70 -15.80 8.04
C GLY A 120 -0.86 -15.39 9.26
N GLY A 1 7.56 -8.76 -23.12
CA GLY A 1 7.17 -7.54 -22.42
C GLY A 1 5.69 -7.24 -22.65
N SER A 2 5.17 -6.30 -21.87
CA SER A 2 3.78 -5.91 -21.98
C SER A 2 3.44 -4.86 -20.93
N SER A 3 3.64 -5.24 -19.67
CA SER A 3 3.36 -4.34 -18.56
C SER A 3 4.59 -4.23 -17.66
N GLY A 4 4.75 -3.05 -17.06
CA GLY A 4 5.87 -2.82 -16.17
C GLY A 4 6.90 -1.89 -16.82
N SER A 5 6.74 -0.60 -16.55
CA SER A 5 7.64 0.40 -17.11
C SER A 5 8.83 0.60 -16.17
N SER A 6 8.51 0.95 -14.93
CA SER A 6 9.55 1.18 -13.93
C SER A 6 9.99 -0.15 -13.32
N GLY A 7 9.03 -0.83 -12.72
CA GLY A 7 9.29 -2.12 -12.10
C GLY A 7 8.02 -2.95 -11.97
N TYR A 8 7.72 -3.32 -10.73
CA TYR A 8 6.53 -4.12 -10.47
C TYR A 8 6.01 -3.86 -9.05
N PRO A 9 4.72 -4.25 -8.83
CA PRO A 9 4.09 -4.07 -7.53
C PRO A 9 4.61 -5.10 -6.53
N ILE A 10 5.09 -4.59 -5.41
CA ILE A 10 5.61 -5.45 -4.36
C ILE A 10 4.47 -6.21 -3.70
N GLY A 11 3.44 -5.45 -3.35
CA GLY A 11 2.27 -6.03 -2.71
C GLY A 11 1.05 -5.12 -2.86
N GLU A 12 -0.11 -5.75 -3.03
CA GLU A 12 -1.35 -5.02 -3.19
C GLU A 12 -2.22 -5.15 -1.93
N ALA A 13 -2.87 -4.06 -1.58
CA ALA A 13 -3.74 -4.04 -0.42
C ALA A 13 -5.10 -3.48 -0.81
N SER A 14 -6.14 -4.03 -0.18
CA SER A 14 -7.50 -3.59 -0.45
C SER A 14 -8.10 -2.95 0.80
N ILE A 15 -8.83 -1.87 0.58
CA ILE A 15 -9.46 -1.16 1.68
C ILE A 15 -10.82 -1.79 1.98
N LEU A 16 -10.96 -2.27 3.22
CA LEU A 16 -12.19 -2.90 3.64
C LEU A 16 -13.07 -1.86 4.35
N ALA A 17 -12.41 -0.97 5.07
CA ALA A 17 -13.12 0.08 5.80
C ALA A 17 -12.29 1.36 5.78
N THR A 18 -12.96 2.47 6.03
CA THR A 18 -12.30 3.77 6.05
C THR A 18 -12.93 4.67 7.10
N PHE A 19 -12.07 5.36 7.83
CA PHE A 19 -12.53 6.26 8.88
C PHE A 19 -11.51 7.37 9.13
N THR A 20 -11.84 8.23 10.08
CA THR A 20 -10.96 9.34 10.44
C THR A 20 -10.52 9.22 11.89
N VAL A 21 -9.47 9.97 12.22
CA VAL A 21 -8.94 9.96 13.57
C VAL A 21 -8.65 11.39 14.01
N THR A 22 -8.59 11.57 15.32
CA THR A 22 -8.32 12.90 15.88
C THR A 22 -7.08 12.85 16.77
N GLU A 23 -6.14 13.73 16.47
CA GLU A 23 -4.90 13.80 17.24
C GLU A 23 -4.34 15.22 17.20
N GLY A 24 -4.60 15.96 18.26
CA GLY A 24 -4.13 17.33 18.35
C GLY A 24 -5.02 18.28 17.55
N LYS A 25 -6.30 18.23 17.86
CA LYS A 25 -7.27 19.08 17.17
C LYS A 25 -7.10 18.92 15.66
N LYS A 26 -6.61 17.75 15.27
CA LYS A 26 -6.39 17.46 13.87
C LYS A 26 -7.32 16.33 13.45
N LYS A 27 -7.49 16.20 12.14
CA LYS A 27 -8.34 15.15 11.59
C LYS A 27 -7.60 14.44 10.45
N ILE A 28 -6.92 13.36 10.83
CA ILE A 28 -6.18 12.57 9.86
C ILE A 28 -7.03 11.40 9.39
N PRO A 29 -7.30 11.38 8.05
CA PRO A 29 -8.10 10.32 7.46
C PRO A 29 -7.30 9.02 7.35
N VAL A 30 -7.78 8.01 8.06
CA VAL A 30 -7.13 6.71 8.04
C VAL A 30 -7.88 5.78 7.08
N ALA A 31 -7.16 4.77 6.62
CA ALA A 31 -7.74 3.79 5.71
C ALA A 31 -7.27 2.39 6.09
N ASP A 32 -8.25 1.56 6.45
CA ASP A 32 -7.94 0.19 6.84
C ASP A 32 -8.05 -0.72 5.61
N CYS A 33 -6.95 -1.42 5.34
CA CYS A 33 -6.91 -2.32 4.20
C CYS A 33 -6.28 -3.63 4.67
N ARG A 34 -6.60 -4.70 3.93
CA ARG A 34 -6.08 -6.01 4.26
C ARG A 34 -5.16 -6.51 3.14
N VAL A 35 -3.92 -6.78 3.52
CA VAL A 35 -2.94 -7.27 2.56
C VAL A 35 -3.48 -8.51 1.85
N GLN A 36 -3.64 -8.37 0.54
CA GLN A 36 -4.15 -9.46 -0.27
C GLN A 36 -2.99 -10.26 -0.88
N LYS A 37 -1.89 -9.56 -1.12
CA LYS A 37 -0.72 -10.19 -1.71
C LYS A 37 0.53 -9.38 -1.32
N GLY A 38 1.61 -10.11 -1.06
CA GLY A 38 2.86 -9.48 -0.69
C GLY A 38 2.75 -8.81 0.69
N GLN A 39 3.51 -7.74 0.85
CA GLN A 39 3.50 -7.01 2.11
C GLN A 39 3.63 -5.50 1.84
N LEU A 40 3.55 -4.74 2.91
CA LEU A 40 3.66 -3.30 2.82
C LEU A 40 4.89 -2.82 3.60
N GLU A 41 5.76 -2.11 2.89
CA GLU A 41 6.97 -1.60 3.51
C GLU A 41 6.86 -0.09 3.70
N ARG A 42 6.92 0.33 4.97
CA ARG A 42 6.84 1.73 5.30
C ARG A 42 8.04 2.49 4.73
N HIS A 43 8.01 2.71 3.43
CA HIS A 43 9.09 3.40 2.75
C HIS A 43 8.79 3.49 1.26
N LYS A 44 8.40 2.35 0.70
CA LYS A 44 8.09 2.27 -0.71
C LYS A 44 7.04 3.34 -1.07
N LYS A 45 6.67 3.36 -2.32
CA LYS A 45 5.68 4.31 -2.79
C LYS A 45 4.31 3.64 -2.86
N PHE A 46 3.29 4.39 -2.46
CA PHE A 46 1.94 3.88 -2.46
C PHE A 46 1.01 4.78 -3.28
N LYS A 47 -0.20 4.28 -3.52
CA LYS A 47 -1.18 5.03 -4.28
C LYS A 47 -2.57 4.43 -4.04
N LEU A 48 -3.57 5.29 -4.13
CA LEU A 48 -4.95 4.85 -3.94
C LEU A 48 -5.64 4.76 -5.29
N ILE A 49 -6.11 3.57 -5.60
CA ILE A 49 -6.80 3.33 -6.86
C ILE A 49 -8.30 3.16 -6.59
N ARG A 50 -9.08 4.08 -7.12
CA ARG A 50 -10.52 4.05 -6.95
C ARG A 50 -11.22 4.05 -8.31
N ASN A 51 -11.86 2.93 -8.62
CA ASN A 51 -12.57 2.80 -9.88
C ASN A 51 -11.57 2.47 -10.99
N GLY A 52 -10.31 2.39 -10.59
CA GLY A 52 -9.25 2.09 -11.55
C GLY A 52 -8.32 3.30 -11.74
N GLN A 53 -8.79 4.44 -11.27
CA GLN A 53 -8.03 5.67 -11.38
C GLN A 53 -7.31 5.97 -10.06
N VAL A 54 -6.15 6.59 -10.19
CA VAL A 54 -5.35 6.93 -9.01
C VAL A 54 -5.76 8.31 -8.52
N ILE A 55 -6.00 8.39 -7.22
CA ILE A 55 -6.40 9.65 -6.60
C ILE A 55 -5.21 10.24 -5.85
N TRP A 56 -4.46 9.37 -5.20
CA TRP A 56 -3.30 9.79 -4.44
C TRP A 56 -2.12 8.90 -4.83
N LYS A 57 -0.99 9.54 -5.06
CA LYS A 57 0.21 8.81 -5.45
C LYS A 57 1.42 9.39 -4.69
N GLY A 58 1.99 8.55 -3.83
CA GLY A 58 3.13 8.97 -3.04
C GLY A 58 3.40 7.99 -1.90
N SER A 59 4.20 8.42 -0.94
CA SER A 59 4.55 7.61 0.20
C SER A 59 3.62 7.95 1.38
N LEU A 60 3.43 6.96 2.23
CA LEU A 60 2.57 7.14 3.39
C LEU A 60 3.32 7.98 4.44
N THR A 61 2.54 8.59 5.33
CA THR A 61 3.11 9.42 6.38
C THR A 61 3.22 8.62 7.68
N SER A 62 2.37 7.62 7.80
CA SER A 62 2.36 6.78 8.98
C SER A 62 1.69 5.44 8.67
N LEU A 63 2.07 4.43 9.45
CA LEU A 63 1.52 3.10 9.27
C LEU A 63 1.61 2.33 10.59
N LYS A 64 0.46 1.80 11.00
CA LYS A 64 0.40 1.05 12.25
C LYS A 64 -0.51 -0.17 12.05
N HIS A 65 -0.23 -1.20 12.82
CA HIS A 65 -1.01 -2.43 12.74
C HIS A 65 -2.02 -2.47 13.89
N HIS A 66 -2.97 -1.56 13.83
CA HIS A 66 -4.00 -1.48 14.85
C HIS A 66 -3.45 -0.75 16.08
N LYS A 67 -2.39 -1.33 16.65
CA LYS A 67 -1.77 -0.75 17.82
C LYS A 67 -0.32 -1.23 17.91
N ASP A 68 0.52 -0.64 17.06
CA ASP A 68 1.93 -1.00 17.03
C ASP A 68 2.60 -0.33 15.84
N ASP A 69 3.67 0.40 16.13
CA ASP A 69 4.41 1.10 15.09
C ASP A 69 5.28 0.10 14.33
N ILE A 70 4.68 -0.58 13.38
CA ILE A 70 5.39 -1.56 12.59
C ILE A 70 5.89 -0.91 11.30
N SER A 71 6.72 -1.65 10.58
CA SER A 71 7.27 -1.14 9.32
C SER A 71 6.82 -2.03 8.17
N VAL A 72 6.83 -3.33 8.41
CA VAL A 72 6.44 -4.29 7.40
C VAL A 72 5.11 -4.95 7.82
N ILE A 73 4.29 -5.24 6.82
CA ILE A 73 3.01 -5.87 7.08
C ILE A 73 2.87 -7.12 6.20
N LYS A 74 2.72 -8.25 6.86
CA LYS A 74 2.58 -9.52 6.15
C LYS A 74 1.12 -9.69 5.72
N THR A 75 0.87 -10.81 5.05
CA THR A 75 -0.47 -11.11 4.58
C THR A 75 -1.37 -11.53 5.73
N GLY A 76 -2.64 -11.19 5.61
CA GLY A 76 -3.61 -11.52 6.64
C GLY A 76 -3.53 -10.54 7.82
N MET A 77 -2.59 -9.63 7.71
CA MET A 77 -2.39 -8.62 8.75
C MET A 77 -3.03 -7.29 8.37
N ASP A 78 -3.86 -6.78 9.27
CA ASP A 78 -4.54 -5.52 9.03
C ASP A 78 -3.62 -4.37 9.43
N CYS A 79 -3.74 -3.27 8.69
CA CYS A 79 -2.93 -2.09 8.96
C CYS A 79 -3.67 -0.87 8.44
N GLY A 80 -3.36 0.28 9.02
CA GLY A 80 -3.99 1.52 8.62
C GLY A 80 -2.95 2.54 8.17
N LEU A 81 -3.22 3.17 7.04
CA LEU A 81 -2.32 4.17 6.49
C LEU A 81 -3.09 5.47 6.25
N SER A 82 -2.38 6.58 6.39
CA SER A 82 -2.98 7.89 6.20
C SER A 82 -2.13 8.71 5.23
N LEU A 83 -2.80 9.36 4.30
CA LEU A 83 -2.12 10.18 3.32
C LEU A 83 -1.93 11.60 3.88
N ASP A 84 -0.90 12.27 3.39
CA ASP A 84 -0.61 13.62 3.83
C ASP A 84 -1.67 14.58 3.28
N GLU A 85 -2.23 14.20 2.14
CA GLU A 85 -3.26 15.00 1.51
C GLU A 85 -4.65 14.56 1.96
N GLU A 86 -5.06 15.10 3.10
CA GLU A 86 -6.36 14.75 3.65
C GLU A 86 -7.44 14.87 2.58
N LYS A 87 -7.16 15.70 1.58
CA LYS A 87 -8.09 15.92 0.49
C LYS A 87 -8.51 14.56 -0.09
N VAL A 88 -7.52 13.71 -0.30
CA VAL A 88 -7.76 12.39 -0.84
C VAL A 88 -8.55 11.56 0.18
N GLU A 89 -9.66 11.01 -0.28
CA GLU A 89 -10.51 10.20 0.57
C GLU A 89 -10.60 8.78 0.03
N PHE A 90 -10.38 7.82 0.92
CA PHE A 90 -10.42 6.42 0.55
C PHE A 90 -11.87 5.92 0.48
N LYS A 91 -12.01 4.60 0.47
CA LYS A 91 -13.33 4.00 0.40
C LYS A 91 -13.17 2.47 0.35
N PRO A 92 -14.24 1.78 0.83
CA PRO A 92 -14.23 0.32 0.85
C PRO A 92 -14.45 -0.24 -0.56
N GLY A 93 -13.60 0.18 -1.47
CA GLY A 93 -13.68 -0.27 -2.85
C GLY A 93 -12.53 0.31 -3.69
N ASP A 94 -11.39 0.46 -3.04
CA ASP A 94 -10.22 1.00 -3.71
C ASP A 94 -9.08 -0.02 -3.64
N GLN A 95 -7.90 0.42 -4.05
CA GLN A 95 -6.73 -0.44 -4.03
C GLN A 95 -5.49 0.35 -3.64
N VAL A 96 -4.55 -0.35 -3.02
CA VAL A 96 -3.32 0.28 -2.57
C VAL A 96 -2.13 -0.56 -3.05
N ILE A 97 -1.54 -0.15 -4.16
CA ILE A 97 -0.41 -0.85 -4.71
C ILE A 97 0.89 -0.28 -4.11
N CYS A 98 1.60 -1.16 -3.41
CA CYS A 98 2.84 -0.78 -2.78
C CYS A 98 3.99 -1.19 -3.69
N TYR A 99 4.53 -0.21 -4.39
CA TYR A 99 5.64 -0.45 -5.30
C TYR A 99 6.63 0.72 -5.30
N GLU A 100 7.71 0.53 -6.04
CA GLU A 100 8.74 1.56 -6.13
C GLU A 100 8.95 1.96 -7.58
N GLU A 101 9.00 3.28 -7.80
CA GLU A 101 9.20 3.80 -9.14
C GLU A 101 10.69 4.08 -9.37
N ASN A 102 11.39 3.06 -9.82
CA ASN A 102 12.81 3.19 -10.11
C ASN A 102 13.20 2.20 -11.21
N LYS A 103 13.84 2.73 -12.24
CA LYS A 103 14.26 1.92 -13.35
C LYS A 103 15.50 1.11 -12.95
N VAL A 104 15.34 -0.21 -13.00
CA VAL A 104 16.42 -1.10 -12.64
C VAL A 104 16.33 -2.38 -13.49
N PRO A 105 17.52 -2.85 -13.94
CA PRO A 105 17.58 -4.06 -14.76
C PRO A 105 17.36 -5.31 -13.90
N THR A 106 16.55 -6.21 -14.43
CA THR A 106 16.24 -7.44 -13.73
C THR A 106 15.54 -8.43 -14.67
N LYS A 107 15.72 -9.70 -14.38
CA LYS A 107 15.11 -10.76 -15.18
C LYS A 107 15.36 -12.11 -14.52
N THR A 108 14.31 -12.61 -13.88
CA THR A 108 14.39 -13.88 -13.19
C THR A 108 12.99 -14.50 -13.04
N SER A 109 12.92 -15.80 -13.29
CA SER A 109 11.65 -16.51 -13.17
C SER A 109 11.36 -16.84 -11.71
N TRP A 110 12.32 -17.51 -11.08
CA TRP A 110 12.17 -17.89 -9.69
C TRP A 110 11.09 -18.97 -9.60
N ASP A 111 11.08 -19.66 -8.47
CA ASP A 111 10.11 -20.72 -8.25
C ASP A 111 9.51 -20.57 -6.85
N PRO A 112 8.20 -20.92 -6.73
CA PRO A 112 7.51 -20.83 -5.46
C PRO A 112 7.92 -21.96 -4.53
N GLY A 113 8.53 -21.57 -3.41
CA GLY A 113 8.98 -22.54 -2.42
C GLY A 113 9.49 -21.84 -1.17
N PHE A 114 8.66 -21.88 -0.14
CA PHE A 114 9.01 -21.26 1.13
C PHE A 114 8.24 -21.90 2.29
N SER A 115 8.94 -22.06 3.41
CA SER A 115 8.33 -22.65 4.58
C SER A 115 9.28 -22.56 5.78
N GLY A 116 8.91 -21.72 6.74
CA GLY A 116 9.72 -21.53 7.92
C GLY A 116 8.89 -21.72 9.19
N PRO A 117 9.24 -20.91 10.24
CA PRO A 117 8.54 -20.98 11.50
C PRO A 117 7.16 -20.32 11.40
N SER A 118 6.43 -20.36 12.52
CA SER A 118 5.10 -19.77 12.57
C SER A 118 5.18 -18.30 12.14
N SER A 119 5.93 -17.53 12.92
CA SER A 119 6.09 -16.12 12.64
C SER A 119 7.56 -15.71 12.79
N GLY A 120 8.03 -14.94 11.82
CA GLY A 120 9.41 -14.48 11.84
C GLY A 120 9.78 -13.89 13.20
N GLY A 1 -3.75 2.97 -18.38
CA GLY A 1 -4.23 4.28 -17.99
C GLY A 1 -3.08 5.16 -17.48
N SER A 2 -2.41 5.80 -18.43
CA SER A 2 -1.29 6.67 -18.09
C SER A 2 -0.19 5.86 -17.39
N SER A 3 0.67 5.27 -18.20
CA SER A 3 1.77 4.47 -17.67
C SER A 3 3.10 5.11 -18.04
N GLY A 4 4.15 4.62 -17.41
CA GLY A 4 5.49 5.12 -17.65
C GLY A 4 6.56 4.18 -17.09
N SER A 5 7.41 4.73 -16.25
CA SER A 5 8.48 3.96 -15.64
C SER A 5 8.01 3.41 -14.29
N SER A 6 8.12 2.09 -14.16
CA SER A 6 7.71 1.43 -12.94
C SER A 6 8.18 -0.02 -12.95
N GLY A 7 8.91 -0.39 -11.89
CA GLY A 7 9.43 -1.74 -11.77
C GLY A 7 8.29 -2.75 -11.64
N TYR A 8 7.95 -3.04 -10.39
CA TYR A 8 6.88 -3.99 -10.10
C TYR A 8 6.28 -3.73 -8.72
N PRO A 9 5.00 -4.20 -8.56
CA PRO A 9 4.31 -4.02 -7.29
C PRO A 9 4.84 -5.00 -6.24
N ILE A 10 5.20 -4.44 -5.09
CA ILE A 10 5.73 -5.23 -4.00
C ILE A 10 4.59 -6.04 -3.37
N GLY A 11 3.47 -5.36 -3.15
CA GLY A 11 2.31 -5.99 -2.57
C GLY A 11 1.08 -5.10 -2.67
N GLU A 12 -0.06 -5.72 -2.96
CA GLU A 12 -1.31 -5.00 -3.10
C GLU A 12 -2.14 -5.13 -1.82
N ALA A 13 -2.89 -4.08 -1.52
CA ALA A 13 -3.73 -4.07 -0.34
C ALA A 13 -5.12 -3.56 -0.71
N SER A 14 -6.13 -4.13 -0.06
CA SER A 14 -7.50 -3.75 -0.32
C SER A 14 -8.10 -3.11 0.94
N ILE A 15 -8.80 -2.01 0.71
CA ILE A 15 -9.44 -1.29 1.81
C ILE A 15 -10.78 -1.94 2.14
N LEU A 16 -10.93 -2.31 3.40
CA LEU A 16 -12.15 -2.94 3.85
C LEU A 16 -13.02 -1.92 4.59
N ALA A 17 -12.34 -1.05 5.33
CA ALA A 17 -13.03 -0.02 6.08
C ALA A 17 -12.22 1.29 6.00
N THR A 18 -12.96 2.39 6.04
CA THR A 18 -12.33 3.70 5.98
C THR A 18 -12.90 4.63 7.05
N PHE A 19 -12.01 5.32 7.74
CA PHE A 19 -12.42 6.24 8.79
C PHE A 19 -11.37 7.33 8.99
N THR A 20 -11.68 8.25 9.90
CA THR A 20 -10.79 9.35 10.20
C THR A 20 -10.36 9.30 11.67
N VAL A 21 -9.28 10.02 11.96
CA VAL A 21 -8.77 10.07 13.32
C VAL A 21 -8.44 11.52 13.68
N THR A 22 -8.40 11.78 14.99
CA THR A 22 -8.10 13.11 15.48
C THR A 22 -6.77 13.12 16.24
N GLU A 23 -6.02 14.18 16.05
CA GLU A 23 -4.73 14.32 16.72
C GLU A 23 -4.49 15.78 17.10
N GLY A 24 -4.74 16.08 18.36
CA GLY A 24 -4.56 17.43 18.87
C GLY A 24 -5.76 18.31 18.53
N LYS A 25 -6.16 18.26 17.27
CA LYS A 25 -7.30 19.05 16.82
C LYS A 25 -7.68 18.62 15.41
N LYS A 26 -6.69 18.67 14.52
CA LYS A 26 -6.90 18.28 13.13
C LYS A 26 -7.44 16.86 13.08
N LYS A 27 -7.87 16.46 11.89
CA LYS A 27 -8.40 15.12 11.70
C LYS A 27 -7.69 14.46 10.51
N ILE A 28 -6.85 13.49 10.83
CA ILE A 28 -6.11 12.77 9.81
C ILE A 28 -6.93 11.57 9.34
N PRO A 29 -7.13 11.49 7.99
CA PRO A 29 -7.89 10.41 7.40
C PRO A 29 -7.07 9.12 7.39
N VAL A 30 -7.69 8.06 7.90
CA VAL A 30 -7.03 6.77 7.95
C VAL A 30 -7.80 5.77 7.09
N ALA A 31 -7.08 4.81 6.55
CA ALA A 31 -7.68 3.79 5.70
C ALA A 31 -7.19 2.41 6.14
N ASP A 32 -8.14 1.53 6.41
CA ASP A 32 -7.82 0.18 6.83
C ASP A 32 -7.94 -0.77 5.64
N CYS A 33 -6.83 -1.43 5.34
CA CYS A 33 -6.81 -2.37 4.23
C CYS A 33 -6.08 -3.62 4.68
N ARG A 34 -6.44 -4.74 4.06
CA ARG A 34 -5.83 -6.01 4.38
C ARG A 34 -4.91 -6.48 3.25
N VAL A 35 -3.63 -6.62 3.59
CA VAL A 35 -2.64 -7.04 2.61
C VAL A 35 -3.11 -8.35 1.95
N GLN A 36 -3.47 -8.23 0.68
CA GLN A 36 -3.93 -9.38 -0.07
C GLN A 36 -2.75 -10.18 -0.61
N LYS A 37 -1.74 -9.45 -1.06
CA LYS A 37 -0.54 -10.08 -1.60
C LYS A 37 0.67 -9.21 -1.28
N GLY A 38 1.77 -9.87 -0.98
CA GLY A 38 3.01 -9.18 -0.65
C GLY A 38 2.94 -8.57 0.76
N GLN A 39 3.67 -7.48 0.93
CA GLN A 39 3.71 -6.80 2.21
C GLN A 39 3.71 -5.28 2.01
N LEU A 40 3.67 -4.56 3.12
CA LEU A 40 3.67 -3.11 3.08
C LEU A 40 4.92 -2.58 3.79
N GLU A 41 5.66 -1.77 3.06
CA GLU A 41 6.88 -1.20 3.61
C GLU A 41 6.71 0.31 3.83
N ARG A 42 7.02 0.73 5.04
CA ARG A 42 6.90 2.13 5.39
C ARG A 42 8.05 2.94 4.77
N HIS A 43 8.02 3.03 3.45
CA HIS A 43 9.04 3.76 2.73
C HIS A 43 8.74 3.73 1.23
N LYS A 44 8.47 2.52 0.74
CA LYS A 44 8.16 2.34 -0.67
C LYS A 44 7.09 3.35 -1.09
N LYS A 45 6.77 3.33 -2.37
CA LYS A 45 5.77 4.24 -2.91
C LYS A 45 4.41 3.55 -2.91
N PHE A 46 3.37 4.36 -2.78
CA PHE A 46 2.01 3.85 -2.76
C PHE A 46 1.06 4.79 -3.50
N LYS A 47 -0.16 4.32 -3.69
CA LYS A 47 -1.17 5.10 -4.38
C LYS A 47 -2.55 4.53 -4.07
N LEU A 48 -3.55 5.39 -4.14
CA LEU A 48 -4.92 4.99 -3.88
C LEU A 48 -5.68 4.88 -5.19
N ILE A 49 -6.19 3.68 -5.45
CA ILE A 49 -6.94 3.43 -6.67
C ILE A 49 -8.42 3.25 -6.33
N ARG A 50 -9.22 4.19 -6.82
CA ARG A 50 -10.65 4.15 -6.57
C ARG A 50 -11.42 4.15 -7.90
N ASN A 51 -12.04 3.02 -8.18
CA ASN A 51 -12.81 2.88 -9.40
C ASN A 51 -11.90 2.39 -10.53
N GLY A 52 -10.61 2.66 -10.35
CA GLY A 52 -9.63 2.25 -11.34
C GLY A 52 -8.63 3.38 -11.61
N GLN A 53 -8.98 4.57 -11.16
CA GLN A 53 -8.14 5.73 -11.35
C GLN A 53 -7.37 6.05 -10.06
N VAL A 54 -6.18 6.60 -10.24
CA VAL A 54 -5.34 6.95 -9.11
C VAL A 54 -5.70 8.36 -8.64
N ILE A 55 -5.86 8.49 -7.33
CA ILE A 55 -6.20 9.77 -6.73
C ILE A 55 -4.98 10.33 -5.98
N TRP A 56 -4.32 9.44 -5.27
CA TRP A 56 -3.14 9.82 -4.51
C TRP A 56 -1.98 8.93 -4.95
N LYS A 57 -0.83 9.56 -5.14
CA LYS A 57 0.36 8.83 -5.56
C LYS A 57 1.57 9.35 -4.79
N GLY A 58 2.18 8.45 -4.03
CA GLY A 58 3.34 8.80 -3.23
C GLY A 58 3.55 7.80 -2.09
N SER A 59 4.43 8.18 -1.18
CA SER A 59 4.74 7.32 -0.04
C SER A 59 3.82 7.68 1.13
N LEU A 60 3.58 6.68 1.97
CA LEU A 60 2.73 6.87 3.13
C LEU A 60 3.47 7.70 4.18
N THR A 61 2.71 8.21 5.14
CA THR A 61 3.29 9.01 6.20
C THR A 61 3.41 8.20 7.49
N SER A 62 2.50 7.25 7.63
CA SER A 62 2.48 6.40 8.81
C SER A 62 1.82 5.06 8.48
N LEU A 63 2.14 4.06 9.28
CA LEU A 63 1.59 2.73 9.09
C LEU A 63 1.73 1.92 10.39
N LYS A 64 0.58 1.58 10.96
CA LYS A 64 0.56 0.83 12.20
C LYS A 64 -0.29 -0.43 12.00
N HIS A 65 -0.13 -1.35 12.95
CA HIS A 65 -0.88 -2.59 12.89
C HIS A 65 -2.00 -2.58 13.94
N HIS A 66 -2.87 -1.60 13.80
CA HIS A 66 -3.98 -1.45 14.72
C HIS A 66 -3.48 -0.86 16.04
N LYS A 67 -2.67 -1.65 16.74
CA LYS A 67 -2.12 -1.22 18.01
C LYS A 67 -0.67 -1.70 18.11
N ASP A 68 0.16 -1.13 17.24
CA ASP A 68 1.58 -1.49 17.22
C ASP A 68 2.26 -0.77 16.05
N ASP A 69 3.17 0.12 16.39
CA ASP A 69 3.90 0.87 15.38
C ASP A 69 4.86 -0.07 14.66
N ILE A 70 4.32 -0.76 13.66
CA ILE A 70 5.13 -1.70 12.89
C ILE A 70 5.64 -1.00 11.62
N SER A 71 6.52 -1.68 10.91
CA SER A 71 7.08 -1.14 9.69
C SER A 71 6.67 -2.00 8.50
N VAL A 72 6.69 -3.30 8.71
CA VAL A 72 6.32 -4.24 7.67
C VAL A 72 4.99 -4.91 8.03
N ILE A 73 4.22 -5.23 7.01
CA ILE A 73 2.93 -5.87 7.21
C ILE A 73 2.81 -7.06 6.27
N LYS A 74 2.83 -8.25 6.85
CA LYS A 74 2.73 -9.47 6.08
C LYS A 74 1.36 -9.52 5.39
N THR A 75 1.07 -10.66 4.79
CA THR A 75 -0.18 -10.85 4.09
C THR A 75 -1.30 -11.19 5.08
N GLY A 76 -2.52 -10.99 4.62
CA GLY A 76 -3.69 -11.27 5.46
C GLY A 76 -3.62 -10.50 6.77
N MET A 77 -2.80 -9.45 6.76
CA MET A 77 -2.64 -8.62 7.94
C MET A 77 -3.40 -7.30 7.81
N ASP A 78 -4.04 -6.91 8.89
CA ASP A 78 -4.81 -5.67 8.90
C ASP A 78 -3.94 -4.54 9.45
N CYS A 79 -3.96 -3.43 8.74
CA CYS A 79 -3.18 -2.27 9.14
C CYS A 79 -3.86 -1.01 8.60
N GLY A 80 -3.52 0.12 9.20
CA GLY A 80 -4.09 1.39 8.78
C GLY A 80 -3.01 2.33 8.24
N LEU A 81 -3.33 2.98 7.14
CA LEU A 81 -2.40 3.91 6.52
C LEU A 81 -3.13 5.22 6.21
N SER A 82 -2.33 6.26 6.00
CA SER A 82 -2.88 7.57 5.68
C SER A 82 -1.99 8.29 4.68
N LEU A 83 -2.60 9.18 3.92
CA LEU A 83 -1.88 9.94 2.91
C LEU A 83 -1.62 11.35 3.43
N ASP A 84 -0.46 11.88 3.09
CA ASP A 84 -0.08 13.22 3.51
C ASP A 84 -1.23 14.18 3.21
N GLU A 85 -1.98 13.85 2.17
CA GLU A 85 -3.11 14.67 1.77
C GLU A 85 -4.38 14.23 2.49
N GLU A 86 -5.11 15.20 3.01
CA GLU A 86 -6.35 14.91 3.71
C GLU A 86 -7.54 14.94 2.75
N LYS A 87 -7.41 15.79 1.73
CA LYS A 87 -8.45 15.92 0.73
C LYS A 87 -8.83 14.53 0.20
N VAL A 88 -7.79 13.74 -0.09
CA VAL A 88 -7.99 12.40 -0.60
C VAL A 88 -8.69 11.56 0.46
N GLU A 89 -9.81 10.97 0.07
CA GLU A 89 -10.58 10.13 0.97
C GLU A 89 -10.71 8.71 0.40
N PHE A 90 -10.39 7.74 1.24
CA PHE A 90 -10.48 6.34 0.84
C PHE A 90 -11.91 5.84 0.90
N LYS A 91 -12.06 4.54 0.69
CA LYS A 91 -13.37 3.92 0.72
C LYS A 91 -13.22 2.41 0.58
N PRO A 92 -14.27 1.67 1.05
CA PRO A 92 -14.27 0.22 0.99
C PRO A 92 -14.51 -0.27 -0.45
N GLY A 93 -13.66 0.19 -1.35
CA GLY A 93 -13.77 -0.19 -2.75
C GLY A 93 -12.63 0.39 -3.57
N ASP A 94 -11.47 0.48 -2.93
CA ASP A 94 -10.29 1.02 -3.59
C ASP A 94 -9.15 0.00 -3.50
N GLN A 95 -7.99 0.42 -3.95
CA GLN A 95 -6.81 -0.44 -3.93
C GLN A 95 -5.57 0.36 -3.54
N VAL A 96 -4.61 -0.33 -2.95
CA VAL A 96 -3.38 0.30 -2.52
C VAL A 96 -2.19 -0.54 -3.01
N ILE A 97 -1.62 -0.11 -4.12
CA ILE A 97 -0.48 -0.81 -4.70
C ILE A 97 0.81 -0.26 -4.08
N CYS A 98 1.53 -1.14 -3.40
CA CYS A 98 2.78 -0.76 -2.77
C CYS A 98 3.93 -1.15 -3.69
N TYR A 99 4.40 -0.17 -4.45
CA TYR A 99 5.49 -0.40 -5.38
C TYR A 99 6.46 0.77 -5.39
N GLU A 100 7.55 0.60 -6.14
CA GLU A 100 8.56 1.64 -6.23
C GLU A 100 8.64 2.18 -7.67
N GLU A 101 9.30 3.32 -7.81
CA GLU A 101 9.46 3.93 -9.11
C GLU A 101 10.71 3.41 -9.80
N ASN A 102 11.85 3.62 -9.14
CA ASN A 102 13.12 3.17 -9.68
C ASN A 102 14.25 3.60 -8.75
N LYS A 103 14.98 2.62 -8.25
CA LYS A 103 16.08 2.88 -7.35
C LYS A 103 16.99 1.65 -7.27
N VAL A 104 17.60 1.33 -8.40
CA VAL A 104 18.48 0.19 -8.48
C VAL A 104 17.66 -1.10 -8.31
N PRO A 105 18.06 -2.14 -9.09
CA PRO A 105 17.38 -3.42 -9.04
C PRO A 105 17.74 -4.19 -7.77
N THR A 106 16.76 -4.90 -7.24
CA THR A 106 16.97 -5.68 -6.04
C THR A 106 16.98 -7.18 -6.36
N LYS A 107 18.09 -7.62 -6.95
CA LYS A 107 18.23 -9.02 -7.31
C LYS A 107 19.71 -9.31 -7.57
N THR A 108 20.20 -10.37 -6.93
CA THR A 108 21.59 -10.77 -7.09
C THR A 108 21.76 -12.25 -6.76
N SER A 109 21.34 -12.60 -5.55
CA SER A 109 21.44 -13.98 -5.09
C SER A 109 20.53 -14.20 -3.89
N TRP A 110 20.26 -15.46 -3.61
CA TRP A 110 19.40 -15.83 -2.49
C TRP A 110 19.44 -17.35 -2.34
N ASP A 111 19.96 -17.78 -1.21
CA ASP A 111 20.06 -19.20 -0.92
C ASP A 111 21.07 -19.42 0.21
N PRO A 112 22.28 -18.83 0.01
CA PRO A 112 23.34 -18.96 1.01
C PRO A 112 23.07 -18.08 2.22
N GLY A 113 23.55 -18.53 3.36
CA GLY A 113 23.37 -17.79 4.60
C GLY A 113 23.27 -18.75 5.80
N PHE A 114 24.44 -19.15 6.29
CA PHE A 114 24.49 -20.06 7.42
C PHE A 114 25.53 -19.59 8.44
N SER A 115 25.36 -20.04 9.67
CA SER A 115 26.27 -19.68 10.74
C SER A 115 27.21 -20.84 11.05
N GLY A 116 28.47 -20.51 11.29
CA GLY A 116 29.47 -21.52 11.60
C GLY A 116 30.06 -21.29 12.98
N PRO A 117 29.35 -21.84 14.01
CA PRO A 117 29.80 -21.71 15.38
C PRO A 117 30.99 -22.62 15.67
N SER A 118 31.72 -22.30 16.73
CA SER A 118 32.87 -23.08 17.12
C SER A 118 32.89 -23.27 18.64
N SER A 119 33.22 -24.49 19.05
CA SER A 119 33.28 -24.82 20.46
C SER A 119 34.72 -25.08 20.87
N GLY A 120 35.31 -24.10 21.54
CA GLY A 120 36.69 -24.22 22.00
C GLY A 120 36.88 -23.53 23.35
N GLY A 1 -2.74 4.75 -23.77
CA GLY A 1 -2.05 3.75 -22.96
C GLY A 1 -2.15 4.10 -21.48
N SER A 2 -1.06 3.85 -20.77
CA SER A 2 -1.00 4.13 -19.34
C SER A 2 0.45 4.26 -18.89
N SER A 3 0.65 5.07 -17.86
CA SER A 3 1.97 5.29 -17.32
C SER A 3 2.22 4.36 -16.13
N GLY A 4 3.26 3.56 -16.25
CA GLY A 4 3.61 2.61 -15.21
C GLY A 4 4.94 1.92 -15.51
N SER A 5 4.93 0.60 -15.34
CA SER A 5 6.13 -0.18 -15.58
C SER A 5 7.27 0.28 -14.66
N SER A 6 8.32 -0.52 -14.63
CA SER A 6 9.47 -0.20 -13.80
C SER A 6 9.08 -0.26 -12.32
N GLY A 7 9.80 -1.09 -11.58
CA GLY A 7 9.52 -1.24 -10.16
C GLY A 7 8.34 -2.17 -9.92
N TYR A 8 8.66 -3.41 -9.60
CA TYR A 8 7.63 -4.41 -9.35
C TYR A 8 6.86 -4.09 -8.06
N PRO A 9 5.58 -4.52 -8.03
CA PRO A 9 4.73 -4.28 -6.87
C PRO A 9 5.11 -5.22 -5.72
N ILE A 10 5.29 -4.62 -4.56
CA ILE A 10 5.66 -5.38 -3.37
C ILE A 10 4.44 -6.17 -2.89
N GLY A 11 3.30 -5.51 -2.92
CA GLY A 11 2.06 -6.13 -2.49
C GLY A 11 0.89 -5.16 -2.62
N GLU A 12 -0.24 -5.71 -3.07
CA GLU A 12 -1.45 -4.90 -3.24
C GLU A 12 -2.40 -5.12 -2.06
N ALA A 13 -2.84 -4.00 -1.48
CA ALA A 13 -3.75 -4.05 -0.36
C ALA A 13 -5.11 -3.49 -0.78
N SER A 14 -6.15 -4.05 -0.18
CA SER A 14 -7.50 -3.62 -0.48
C SER A 14 -8.14 -2.98 0.75
N ILE A 15 -8.79 -1.85 0.52
CA ILE A 15 -9.45 -1.12 1.60
C ILE A 15 -10.79 -1.78 1.91
N LEU A 16 -10.92 -2.24 3.15
CA LEU A 16 -12.14 -2.89 3.59
C LEU A 16 -13.07 -1.85 4.23
N ALA A 17 -12.45 -0.94 4.97
CA ALA A 17 -13.22 0.11 5.63
C ALA A 17 -12.39 1.40 5.63
N THR A 18 -13.11 2.51 5.72
CA THR A 18 -12.46 3.82 5.72
C THR A 18 -13.08 4.71 6.80
N PHE A 19 -12.21 5.39 7.53
CA PHE A 19 -12.66 6.28 8.59
C PHE A 19 -11.62 7.38 8.86
N THR A 20 -11.91 8.20 9.85
CA THR A 20 -11.03 9.29 10.21
C THR A 20 -10.64 9.19 11.69
N VAL A 21 -9.57 9.88 12.05
CA VAL A 21 -9.09 9.89 13.42
C VAL A 21 -8.83 11.33 13.86
N THR A 22 -8.87 11.52 15.17
CA THR A 22 -8.65 12.84 15.74
C THR A 22 -7.32 12.87 16.50
N GLU A 23 -6.54 13.90 16.21
CA GLU A 23 -5.25 14.06 16.86
C GLU A 23 -4.96 15.54 17.13
N GLY A 24 -5.23 15.95 18.37
CA GLY A 24 -5.01 17.32 18.76
C GLY A 24 -5.93 18.27 17.99
N LYS A 25 -7.22 18.08 18.18
CA LYS A 25 -8.22 18.90 17.51
C LYS A 25 -8.32 18.47 16.04
N LYS A 26 -7.17 18.49 15.38
CA LYS A 26 -7.12 18.11 13.97
C LYS A 26 -7.73 16.71 13.80
N LYS A 27 -8.11 16.41 12.57
CA LYS A 27 -8.71 15.13 12.25
C LYS A 27 -8.03 14.54 11.01
N ILE A 28 -7.22 13.53 11.25
CA ILE A 28 -6.51 12.87 10.16
C ILE A 28 -7.31 11.64 9.70
N PRO A 29 -7.49 11.55 8.35
CA PRO A 29 -8.23 10.45 7.78
C PRO A 29 -7.40 9.17 7.78
N VAL A 30 -8.08 8.05 7.96
CA VAL A 30 -7.42 6.76 7.98
C VAL A 30 -8.15 5.79 7.05
N ALA A 31 -7.40 4.82 6.55
CA ALA A 31 -7.96 3.83 5.65
C ALA A 31 -7.49 2.43 6.07
N ASP A 32 -8.46 1.63 6.49
CA ASP A 32 -8.16 0.27 6.92
C ASP A 32 -8.17 -0.66 5.71
N CYS A 33 -6.98 -1.17 5.38
CA CYS A 33 -6.85 -2.07 4.26
C CYS A 33 -6.21 -3.37 4.76
N ARG A 34 -6.58 -4.47 4.11
CA ARG A 34 -6.06 -5.76 4.47
C ARG A 34 -5.16 -6.31 3.35
N VAL A 35 -3.93 -6.60 3.72
CA VAL A 35 -2.96 -7.12 2.76
C VAL A 35 -3.48 -8.45 2.21
N GLN A 36 -3.78 -8.43 0.91
CA GLN A 36 -4.28 -9.62 0.25
C GLN A 36 -3.12 -10.44 -0.31
N LYS A 37 -2.17 -9.74 -0.91
CA LYS A 37 -1.00 -10.40 -1.48
C LYS A 37 0.24 -9.60 -1.13
N GLY A 38 1.28 -10.33 -0.73
CA GLY A 38 2.54 -9.71 -0.36
C GLY A 38 2.44 -9.03 1.01
N GLN A 39 3.10 -7.88 1.12
CA GLN A 39 3.09 -7.13 2.36
C GLN A 39 3.23 -5.63 2.07
N LEU A 40 3.17 -4.85 3.14
CA LEU A 40 3.30 -3.40 3.02
C LEU A 40 4.53 -2.94 3.78
N GLU A 41 5.40 -2.24 3.06
CA GLU A 41 6.63 -1.73 3.65
C GLU A 41 6.62 -0.20 3.65
N ARG A 42 6.74 0.36 4.85
CA ARG A 42 6.76 1.80 5.00
C ARG A 42 7.87 2.41 4.15
N HIS A 43 7.74 3.71 3.89
CA HIS A 43 8.72 4.42 3.09
C HIS A 43 8.41 4.23 1.61
N LYS A 44 8.26 2.97 1.23
CA LYS A 44 7.97 2.64 -0.16
C LYS A 44 6.90 3.60 -0.70
N LYS A 45 6.77 3.61 -2.02
CA LYS A 45 5.79 4.47 -2.66
C LYS A 45 4.46 3.74 -2.77
N PHE A 46 3.39 4.49 -2.57
CA PHE A 46 2.05 3.92 -2.64
C PHE A 46 1.10 4.86 -3.40
N LYS A 47 -0.10 4.35 -3.65
CA LYS A 47 -1.11 5.12 -4.36
C LYS A 47 -2.49 4.53 -4.08
N LEU A 48 -3.49 5.39 -4.16
CA LEU A 48 -4.86 4.97 -3.91
C LEU A 48 -5.60 4.87 -5.25
N ILE A 49 -6.01 3.65 -5.56
CA ILE A 49 -6.73 3.39 -6.80
C ILE A 49 -8.21 3.18 -6.50
N ARG A 50 -9.04 4.10 -6.99
CA ARG A 50 -10.46 4.02 -6.78
C ARG A 50 -11.21 4.03 -8.12
N ASN A 51 -11.83 2.91 -8.43
CA ASN A 51 -12.57 2.78 -9.67
C ASN A 51 -11.60 2.46 -10.80
N GLY A 52 -10.32 2.38 -10.44
CA GLY A 52 -9.29 2.08 -11.43
C GLY A 52 -8.40 3.29 -11.66
N GLN A 53 -8.87 4.44 -11.20
CA GLN A 53 -8.13 5.68 -11.36
C GLN A 53 -7.37 6.01 -10.07
N VAL A 54 -6.22 6.64 -10.25
CA VAL A 54 -5.38 7.02 -9.12
C VAL A 54 -5.84 8.39 -8.60
N ILE A 55 -5.87 8.49 -7.28
CA ILE A 55 -6.28 9.73 -6.64
C ILE A 55 -5.08 10.34 -5.89
N TRP A 56 -4.34 9.47 -5.23
CA TRP A 56 -3.17 9.90 -4.48
C TRP A 56 -1.99 9.01 -4.88
N LYS A 57 -0.86 9.64 -5.10
CA LYS A 57 0.35 8.94 -5.49
C LYS A 57 1.54 9.48 -4.72
N GLY A 58 2.15 8.60 -3.92
CA GLY A 58 3.30 8.99 -3.13
C GLY A 58 3.53 8.00 -1.99
N SER A 59 4.38 8.40 -1.06
CA SER A 59 4.70 7.56 0.09
C SER A 59 3.79 7.91 1.26
N LEU A 60 3.57 6.92 2.11
CA LEU A 60 2.71 7.11 3.27
C LEU A 60 3.50 7.85 4.36
N THR A 61 2.79 8.65 5.13
CA THR A 61 3.40 9.42 6.19
C THR A 61 3.56 8.55 7.45
N SER A 62 2.73 7.51 7.52
CA SER A 62 2.78 6.61 8.65
C SER A 62 2.02 5.33 8.32
N LEU A 63 2.40 4.26 9.00
CA LEU A 63 1.74 2.97 8.79
C LEU A 63 1.98 2.08 10.03
N LYS A 64 0.88 1.66 10.62
CA LYS A 64 0.95 0.82 11.80
C LYS A 64 0.15 -0.46 11.55
N HIS A 65 0.37 -1.44 12.42
CA HIS A 65 -0.32 -2.71 12.31
C HIS A 65 -1.57 -2.71 13.19
N HIS A 66 -1.35 -2.35 14.44
CA HIS A 66 -2.43 -2.29 15.41
C HIS A 66 -2.04 -1.40 16.58
N LYS A 67 -0.86 -1.66 17.11
CA LYS A 67 -0.36 -0.88 18.23
C LYS A 67 1.17 -0.98 18.28
N ASP A 68 1.78 -0.65 17.15
CA ASP A 68 3.23 -0.69 17.04
C ASP A 68 3.65 -0.12 15.69
N ASP A 69 4.88 0.38 15.65
CA ASP A 69 5.41 0.95 14.43
C ASP A 69 6.13 -0.15 13.63
N ILE A 70 5.34 -0.93 12.91
CA ILE A 70 5.88 -2.01 12.10
C ILE A 70 6.07 -1.53 10.67
N SER A 71 7.18 -1.93 10.07
CA SER A 71 7.49 -1.54 8.71
C SER A 71 7.23 -2.72 7.76
N VAL A 72 6.30 -3.56 8.18
CA VAL A 72 5.95 -4.73 7.38
C VAL A 72 4.57 -5.23 7.80
N ILE A 73 3.82 -5.71 6.82
CA ILE A 73 2.48 -6.22 7.07
C ILE A 73 2.24 -7.45 6.20
N LYS A 74 2.32 -8.61 6.84
CA LYS A 74 2.11 -9.86 6.14
C LYS A 74 0.66 -9.94 5.67
N THR A 75 0.35 -11.05 5.00
CA THR A 75 -1.00 -11.25 4.49
C THR A 75 -1.95 -11.61 5.63
N GLY A 76 -3.15 -11.05 5.56
CA GLY A 76 -4.16 -11.30 6.58
C GLY A 76 -4.02 -10.31 7.73
N MET A 77 -2.92 -9.57 7.72
CA MET A 77 -2.66 -8.59 8.76
C MET A 77 -3.31 -7.25 8.43
N ASP A 78 -4.10 -6.75 9.36
CA ASP A 78 -4.78 -5.48 9.19
C ASP A 78 -3.83 -4.34 9.56
N CYS A 79 -3.93 -3.26 8.81
CA CYS A 79 -3.09 -2.09 9.04
C CYS A 79 -3.81 -0.86 8.48
N GLY A 80 -3.40 0.30 8.97
CA GLY A 80 -3.99 1.54 8.52
C GLY A 80 -2.91 2.52 8.06
N LEU A 81 -3.26 3.30 7.05
CA LEU A 81 -2.32 4.28 6.50
C LEU A 81 -3.05 5.60 6.29
N SER A 82 -2.27 6.68 6.25
CA SER A 82 -2.83 8.00 6.05
C SER A 82 -1.92 8.82 5.13
N LEU A 83 -2.55 9.58 4.25
CA LEU A 83 -1.81 10.41 3.31
C LEU A 83 -1.73 11.84 3.86
N ASP A 84 -0.72 12.55 3.40
CA ASP A 84 -0.51 13.92 3.83
C ASP A 84 -1.60 14.81 3.24
N GLU A 85 -2.13 14.36 2.11
CA GLU A 85 -3.18 15.10 1.43
C GLU A 85 -4.55 14.62 1.88
N GLU A 86 -4.98 15.12 3.04
CA GLU A 86 -6.26 14.75 3.59
C GLU A 86 -7.35 14.87 2.53
N LYS A 87 -7.07 15.70 1.53
CA LYS A 87 -8.02 15.90 0.44
C LYS A 87 -8.43 14.55 -0.15
N VAL A 88 -7.41 13.72 -0.38
CA VAL A 88 -7.65 12.41 -0.94
C VAL A 88 -8.50 11.58 0.03
N GLU A 89 -9.57 11.01 -0.51
CA GLU A 89 -10.47 10.21 0.29
C GLU A 89 -10.44 8.75 -0.17
N PHE A 90 -10.67 7.86 0.77
CA PHE A 90 -10.68 6.44 0.47
C PHE A 90 -12.08 5.86 0.56
N LYS A 91 -12.22 4.64 0.07
CA LYS A 91 -13.51 3.97 0.09
C LYS A 91 -13.29 2.45 0.11
N PRO A 92 -14.33 1.72 0.60
CA PRO A 92 -14.26 0.28 0.68
C PRO A 92 -14.41 -0.36 -0.71
N GLY A 93 -13.56 0.07 -1.62
CA GLY A 93 -13.58 -0.45 -2.97
C GLY A 93 -12.45 0.16 -3.82
N ASP A 94 -11.34 0.41 -3.16
CA ASP A 94 -10.18 0.99 -3.82
C ASP A 94 -9.02 -0.01 -3.78
N GLN A 95 -7.86 0.44 -4.22
CA GLN A 95 -6.67 -0.39 -4.23
C GLN A 95 -5.46 0.40 -3.77
N VAL A 96 -4.54 -0.30 -3.11
CA VAL A 96 -3.34 0.34 -2.61
C VAL A 96 -2.12 -0.47 -3.09
N ILE A 97 -1.52 0.04 -4.16
CA ILE A 97 -0.35 -0.62 -4.73
C ILE A 97 0.91 -0.10 -4.03
N CYS A 98 1.75 -1.03 -3.63
CA CYS A 98 3.00 -0.69 -2.95
C CYS A 98 4.16 -1.20 -3.79
N TYR A 99 4.81 -0.26 -4.47
CA TYR A 99 5.94 -0.60 -5.32
C TYR A 99 7.09 0.39 -5.12
N GLU A 100 8.23 0.07 -5.71
CA GLU A 100 9.40 0.91 -5.62
C GLU A 100 9.68 1.60 -6.96
N GLU A 101 10.40 2.71 -6.89
CA GLU A 101 10.74 3.46 -8.07
C GLU A 101 12.25 3.46 -8.29
N ASN A 102 12.74 2.39 -8.89
CA ASN A 102 14.16 2.25 -9.16
C ASN A 102 14.41 0.94 -9.91
N LYS A 103 15.25 1.04 -10.94
CA LYS A 103 15.57 -0.12 -11.75
C LYS A 103 17.05 -0.48 -11.53
N VAL A 104 17.26 -1.50 -10.70
CA VAL A 104 18.61 -1.96 -10.40
C VAL A 104 19.12 -2.81 -11.57
N PRO A 105 20.47 -2.84 -11.70
CA PRO A 105 21.11 -3.61 -12.76
C PRO A 105 21.06 -5.11 -12.45
N THR A 106 19.98 -5.74 -12.86
CA THR A 106 19.80 -7.16 -12.64
C THR A 106 19.31 -7.85 -13.91
N LYS A 107 20.18 -8.70 -14.45
CA LYS A 107 19.86 -9.42 -15.67
C LYS A 107 19.51 -8.42 -16.78
N THR A 108 20.56 -7.84 -17.34
CA THR A 108 20.37 -6.88 -18.41
C THR A 108 20.27 -7.57 -19.77
N SER A 109 19.31 -8.50 -19.84
CA SER A 109 19.11 -9.25 -21.08
C SER A 109 17.86 -10.11 -20.94
N TRP A 110 16.90 -9.86 -21.82
CA TRP A 110 15.66 -10.60 -21.83
C TRP A 110 15.03 -10.47 -20.43
N ASP A 111 14.11 -9.51 -20.33
CA ASP A 111 13.43 -9.26 -19.08
C ASP A 111 12.48 -10.43 -18.77
N PRO A 112 12.47 -10.84 -17.48
CA PRO A 112 11.62 -11.94 -17.05
C PRO A 112 10.16 -11.49 -16.96
N GLY A 113 9.65 -10.98 -18.07
CA GLY A 113 8.28 -10.50 -18.12
C GLY A 113 7.90 -10.07 -19.53
N PHE A 114 7.72 -11.06 -20.40
CA PHE A 114 7.36 -10.79 -21.78
C PHE A 114 5.85 -10.96 -21.99
N SER A 115 5.36 -12.13 -21.60
CA SER A 115 3.95 -12.43 -21.75
C SER A 115 3.43 -13.12 -20.48
N GLY A 116 2.18 -12.82 -20.15
CA GLY A 116 1.57 -13.40 -18.97
C GLY A 116 1.68 -14.93 -18.99
N PRO A 117 2.56 -15.46 -18.11
CA PRO A 117 2.78 -16.89 -18.02
C PRO A 117 1.60 -17.57 -17.30
N SER A 118 1.54 -18.89 -17.46
CA SER A 118 0.48 -19.65 -16.84
C SER A 118 1.01 -21.05 -16.46
N SER A 119 0.35 -21.64 -15.47
CA SER A 119 0.74 -22.96 -15.02
C SER A 119 0.16 -24.03 -15.94
N GLY A 120 1.05 -24.88 -16.45
CA GLY A 120 0.65 -25.94 -17.35
C GLY A 120 1.55 -26.00 -18.58
N GLY A 1 -3.40 6.66 -16.36
CA GLY A 1 -2.51 7.35 -15.44
C GLY A 1 -1.22 7.76 -16.14
N SER A 2 -0.29 6.82 -16.23
CA SER A 2 0.98 7.08 -16.87
C SER A 2 1.56 5.78 -17.44
N SER A 3 1.77 5.78 -18.75
CA SER A 3 2.32 4.62 -19.42
C SER A 3 3.84 4.62 -19.32
N GLY A 4 4.38 3.47 -18.92
CA GLY A 4 5.81 3.33 -18.77
C GLY A 4 6.17 2.76 -17.40
N SER A 5 7.18 3.37 -16.78
CA SER A 5 7.63 2.95 -15.47
C SER A 5 7.77 1.42 -15.44
N SER A 6 8.97 0.97 -15.76
CA SER A 6 9.25 -0.47 -15.77
C SER A 6 9.50 -0.96 -14.34
N GLY A 7 8.80 -2.02 -13.98
CA GLY A 7 8.93 -2.60 -12.66
C GLY A 7 7.73 -3.50 -12.33
N TYR A 8 7.66 -3.90 -11.07
CA TYR A 8 6.58 -4.76 -10.61
C TYR A 8 6.10 -4.34 -9.23
N PRO A 9 4.82 -4.72 -8.92
CA PRO A 9 4.24 -4.39 -7.63
C PRO A 9 4.80 -5.30 -6.53
N ILE A 10 5.32 -4.66 -5.49
CA ILE A 10 5.90 -5.39 -4.38
C ILE A 10 4.78 -6.09 -3.61
N GLY A 11 3.63 -5.42 -3.55
CA GLY A 11 2.48 -5.98 -2.85
C GLY A 11 1.27 -5.06 -2.99
N GLU A 12 0.09 -5.67 -2.94
CA GLU A 12 -1.15 -4.92 -3.07
C GLU A 12 -1.99 -5.09 -1.80
N ALA A 13 -2.77 -4.06 -1.51
CA ALA A 13 -3.63 -4.08 -0.33
C ALA A 13 -4.97 -3.45 -0.68
N SER A 14 -6.04 -4.16 -0.33
CA SER A 14 -7.39 -3.68 -0.60
C SER A 14 -7.97 -3.03 0.66
N ILE A 15 -8.79 -2.01 0.44
CA ILE A 15 -9.42 -1.30 1.54
C ILE A 15 -10.76 -1.97 1.86
N LEU A 16 -10.89 -2.39 3.11
CA LEU A 16 -12.11 -3.04 3.56
C LEU A 16 -13.00 -2.01 4.26
N ALA A 17 -12.35 -1.15 5.03
CA ALA A 17 -13.06 -0.11 5.76
C ALA A 17 -12.26 1.18 5.72
N THR A 18 -12.97 2.30 5.83
CA THR A 18 -12.33 3.60 5.81
C THR A 18 -12.92 4.50 6.91
N PHE A 19 -12.04 5.19 7.60
CA PHE A 19 -12.45 6.09 8.67
C PHE A 19 -11.41 7.16 8.93
N THR A 20 -11.68 7.99 9.92
CA THR A 20 -10.77 9.07 10.28
C THR A 20 -10.38 8.97 11.76
N VAL A 21 -9.31 9.66 12.10
CA VAL A 21 -8.82 9.67 13.47
C VAL A 21 -8.53 11.10 13.90
N THR A 22 -8.50 11.30 15.21
CA THR A 22 -8.23 12.62 15.76
C THR A 22 -6.87 12.63 16.46
N GLU A 23 -6.10 13.67 16.17
CA GLU A 23 -4.79 13.82 16.77
C GLU A 23 -4.48 15.30 17.05
N GLY A 24 -4.68 15.68 18.30
CA GLY A 24 -4.45 17.06 18.71
C GLY A 24 -5.38 18.02 17.97
N LYS A 25 -6.66 17.67 17.99
CA LYS A 25 -7.66 18.48 17.33
C LYS A 25 -7.75 18.10 15.85
N LYS A 26 -6.59 18.09 15.21
CA LYS A 26 -6.51 17.73 13.81
C LYS A 26 -7.27 16.42 13.57
N LYS A 27 -7.58 16.17 12.30
CA LYS A 27 -8.30 14.97 11.93
C LYS A 27 -7.59 14.31 10.75
N ILE A 28 -6.85 13.25 11.04
CA ILE A 28 -6.13 12.52 10.02
C ILE A 28 -6.97 11.34 9.55
N PRO A 29 -7.24 11.32 8.21
CA PRO A 29 -8.01 10.25 7.62
C PRO A 29 -7.21 8.96 7.52
N VAL A 30 -7.81 7.88 8.01
CA VAL A 30 -7.15 6.58 7.97
C VAL A 30 -7.92 5.65 7.03
N ALA A 31 -7.21 4.64 6.55
CA ALA A 31 -7.80 3.67 5.64
C ALA A 31 -7.36 2.27 6.03
N ASP A 32 -8.34 1.46 6.43
CA ASP A 32 -8.06 0.10 6.84
C ASP A 32 -8.06 -0.81 5.60
N CYS A 33 -6.89 -1.37 5.32
CA CYS A 33 -6.75 -2.25 4.17
C CYS A 33 -6.11 -3.56 4.65
N ARG A 34 -6.53 -4.65 4.03
CA ARG A 34 -6.01 -5.96 4.38
C ARG A 34 -5.09 -6.48 3.28
N VAL A 35 -3.84 -6.71 3.67
CA VAL A 35 -2.84 -7.20 2.73
C VAL A 35 -3.35 -8.51 2.10
N GLN A 36 -3.40 -8.51 0.78
CA GLN A 36 -3.86 -9.68 0.05
C GLN A 36 -2.67 -10.41 -0.57
N LYS A 37 -1.68 -9.63 -0.99
CA LYS A 37 -0.49 -10.19 -1.60
C LYS A 37 0.71 -9.33 -1.23
N GLY A 38 1.85 -10.00 -1.07
CA GLY A 38 3.08 -9.31 -0.71
C GLY A 38 2.99 -8.74 0.71
N GLN A 39 3.64 -7.60 0.89
CA GLN A 39 3.65 -6.94 2.19
C GLN A 39 3.69 -5.42 2.01
N LEU A 40 3.61 -4.73 3.14
CA LEU A 40 3.64 -3.28 3.12
C LEU A 40 4.87 -2.78 3.88
N GLU A 41 5.66 -1.97 3.19
CA GLU A 41 6.87 -1.43 3.79
C GLU A 41 6.74 0.09 3.98
N ARG A 42 7.20 0.56 5.13
CA ARG A 42 7.13 1.97 5.45
C ARG A 42 8.29 2.72 4.79
N HIS A 43 8.21 2.82 3.47
CA HIS A 43 9.24 3.50 2.70
C HIS A 43 8.88 3.48 1.22
N LYS A 44 8.55 2.29 0.75
CA LYS A 44 8.18 2.12 -0.66
C LYS A 44 7.13 3.15 -1.03
N LYS A 45 6.73 3.12 -2.30
CA LYS A 45 5.73 4.05 -2.80
C LYS A 45 4.36 3.38 -2.77
N PHE A 46 3.32 4.21 -2.77
CA PHE A 46 1.96 3.71 -2.75
C PHE A 46 1.02 4.66 -3.50
N LYS A 47 -0.19 4.18 -3.72
CA LYS A 47 -1.20 4.96 -4.42
C LYS A 47 -2.58 4.38 -4.15
N LEU A 48 -3.57 5.26 -4.17
CA LEU A 48 -4.95 4.85 -3.93
C LEU A 48 -5.71 4.81 -5.26
N ILE A 49 -6.19 3.62 -5.58
CA ILE A 49 -6.93 3.43 -6.82
C ILE A 49 -8.42 3.25 -6.49
N ARG A 50 -9.21 4.23 -6.91
CA ARG A 50 -10.64 4.19 -6.67
C ARG A 50 -11.41 4.23 -8.00
N ASN A 51 -12.09 3.13 -8.30
CA ASN A 51 -12.86 3.04 -9.52
C ASN A 51 -11.91 2.76 -10.69
N GLY A 52 -10.63 2.64 -10.37
CA GLY A 52 -9.62 2.37 -11.37
C GLY A 52 -8.71 3.60 -11.57
N GLN A 53 -9.17 4.72 -11.05
CA GLN A 53 -8.41 5.96 -11.16
C GLN A 53 -7.60 6.20 -9.89
N VAL A 54 -6.46 6.85 -10.07
CA VAL A 54 -5.58 7.14 -8.95
C VAL A 54 -5.94 8.52 -8.37
N ILE A 55 -6.10 8.54 -7.05
CA ILE A 55 -6.45 9.78 -6.37
C ILE A 55 -5.21 10.32 -5.65
N TRP A 56 -4.48 9.41 -5.03
CA TRP A 56 -3.27 9.78 -4.30
C TRP A 56 -2.14 8.86 -4.77
N LYS A 57 -0.99 9.48 -5.01
CA LYS A 57 0.18 8.73 -5.46
C LYS A 57 1.41 9.24 -4.72
N GLY A 58 1.99 8.36 -3.92
CA GLY A 58 3.18 8.71 -3.16
C GLY A 58 3.44 7.69 -2.05
N SER A 59 4.27 8.09 -1.10
CA SER A 59 4.61 7.22 0.01
C SER A 59 3.72 7.53 1.21
N LEU A 60 3.44 6.49 1.98
CA LEU A 60 2.60 6.64 3.15
C LEU A 60 3.35 7.45 4.21
N THR A 61 2.83 8.63 4.50
CA THR A 61 3.43 9.51 5.49
C THR A 61 3.44 8.83 6.86
N SER A 62 2.67 7.77 6.96
CA SER A 62 2.57 7.03 8.21
C SER A 62 1.88 5.68 7.97
N LEU A 63 2.21 4.73 8.83
CA LEU A 63 1.63 3.39 8.73
C LEU A 63 1.67 2.71 10.10
N LYS A 64 0.51 2.24 10.53
CA LYS A 64 0.39 1.58 11.81
C LYS A 64 -0.52 0.37 11.67
N HIS A 65 -0.22 -0.66 12.46
CA HIS A 65 -1.00 -1.89 12.43
C HIS A 65 -2.21 -1.74 13.35
N HIS A 66 -2.96 -0.67 13.14
CA HIS A 66 -4.14 -0.40 13.95
C HIS A 66 -3.73 0.37 15.20
N LYS A 67 -2.69 -0.13 15.86
CA LYS A 67 -2.21 0.50 17.07
C LYS A 67 -0.83 -0.08 17.41
N ASP A 68 0.07 0.00 16.45
CA ASP A 68 1.42 -0.51 16.63
C ASP A 68 2.33 0.07 15.54
N ASP A 69 3.41 0.69 15.99
CA ASP A 69 4.37 1.29 15.07
C ASP A 69 5.20 0.18 14.42
N ILE A 70 4.61 -0.46 13.43
CA ILE A 70 5.29 -1.53 12.72
C ILE A 70 6.06 -0.95 11.53
N SER A 71 6.88 -1.80 10.92
CA SER A 71 7.67 -1.38 9.79
C SER A 71 7.24 -2.16 8.54
N VAL A 72 6.89 -3.42 8.76
CA VAL A 72 6.46 -4.29 7.67
C VAL A 72 5.16 -5.00 8.06
N ILE A 73 4.27 -5.11 7.10
CA ILE A 73 3.00 -5.76 7.33
C ILE A 73 2.89 -7.00 6.45
N LYS A 74 2.59 -8.13 7.08
CA LYS A 74 2.46 -9.38 6.36
C LYS A 74 1.04 -9.50 5.80
N THR A 75 0.80 -10.61 5.11
CA THR A 75 -0.50 -10.86 4.52
C THR A 75 -1.50 -11.29 5.59
N GLY A 76 -2.77 -11.01 5.33
CA GLY A 76 -3.82 -11.37 6.26
C GLY A 76 -3.80 -10.47 7.49
N MET A 77 -2.98 -9.43 7.41
CA MET A 77 -2.85 -8.48 8.52
C MET A 77 -3.56 -7.17 8.19
N ASP A 78 -4.34 -6.69 9.14
CA ASP A 78 -5.08 -5.46 8.98
C ASP A 78 -4.25 -4.30 9.53
N CYS A 79 -4.02 -3.32 8.67
CA CYS A 79 -3.25 -2.14 9.05
C CYS A 79 -3.94 -0.91 8.50
N GLY A 80 -3.61 0.24 9.09
CA GLY A 80 -4.19 1.49 8.67
C GLY A 80 -3.11 2.48 8.22
N LEU A 81 -3.29 2.99 7.00
CA LEU A 81 -2.34 3.93 6.44
C LEU A 81 -3.06 5.27 6.18
N SER A 82 -2.38 6.34 6.55
CA SER A 82 -2.93 7.67 6.36
C SER A 82 -2.06 8.46 5.39
N LEU A 83 -2.72 9.23 4.53
CA LEU A 83 -2.02 10.04 3.54
C LEU A 83 -1.81 11.44 4.12
N ASP A 84 -0.69 12.04 3.71
CA ASP A 84 -0.36 13.37 4.17
C ASP A 84 -1.40 14.37 3.65
N GLU A 85 -2.02 14.00 2.53
CA GLU A 85 -3.04 14.85 1.94
C GLU A 85 -4.43 14.40 2.39
N GLU A 86 -4.76 14.74 3.62
CA GLU A 86 -6.06 14.38 4.18
C GLU A 86 -7.15 14.56 3.12
N LYS A 87 -6.92 15.50 2.22
CA LYS A 87 -7.87 15.79 1.17
C LYS A 87 -8.32 14.47 0.52
N VAL A 88 -7.34 13.65 0.20
CA VAL A 88 -7.61 12.36 -0.42
C VAL A 88 -8.38 11.48 0.57
N GLU A 89 -9.53 11.00 0.11
CA GLU A 89 -10.36 10.15 0.94
C GLU A 89 -10.46 8.75 0.33
N PHE A 90 -10.35 7.75 1.19
CA PHE A 90 -10.43 6.37 0.74
C PHE A 90 -11.88 5.87 0.74
N LYS A 91 -12.03 4.58 0.49
CA LYS A 91 -13.35 3.98 0.46
C LYS A 91 -13.21 2.46 0.34
N PRO A 92 -14.27 1.74 0.80
CA PRO A 92 -14.27 0.29 0.75
C PRO A 92 -14.51 -0.21 -0.67
N GLY A 93 -13.66 0.24 -1.57
CA GLY A 93 -13.76 -0.15 -2.97
C GLY A 93 -12.61 0.43 -3.79
N ASP A 94 -11.45 0.51 -3.15
CA ASP A 94 -10.26 1.03 -3.80
C ASP A 94 -9.15 -0.01 -3.75
N GLN A 95 -7.95 0.43 -4.10
CA GLN A 95 -6.80 -0.45 -4.09
C GLN A 95 -5.55 0.31 -3.65
N VAL A 96 -4.59 -0.45 -3.13
CA VAL A 96 -3.34 0.15 -2.67
C VAL A 96 -2.17 -0.70 -3.18
N ILE A 97 -1.58 -0.24 -4.27
CA ILE A 97 -0.45 -0.93 -4.86
C ILE A 97 0.84 -0.45 -4.20
N CYS A 98 1.49 -1.38 -3.51
CA CYS A 98 2.74 -1.06 -2.83
C CYS A 98 3.90 -1.48 -3.74
N TYR A 99 4.49 -0.49 -4.38
CA TYR A 99 5.61 -0.74 -5.27
C TYR A 99 6.62 0.40 -5.21
N GLU A 100 7.72 0.22 -5.94
CA GLU A 100 8.77 1.22 -5.98
C GLU A 100 9.10 1.58 -7.43
N GLU A 101 9.41 2.86 -7.63
CA GLU A 101 9.74 3.35 -8.96
C GLU A 101 11.26 3.32 -9.17
N ASN A 102 11.72 2.29 -9.84
CA ASN A 102 13.15 2.14 -10.11
C ASN A 102 13.33 1.32 -11.38
N LYS A 103 14.14 1.86 -12.28
CA LYS A 103 14.42 1.18 -13.54
C LYS A 103 15.87 0.69 -13.54
N VAL A 104 16.01 -0.62 -13.64
CA VAL A 104 17.34 -1.22 -13.66
C VAL A 104 17.48 -2.09 -14.91
N PRO A 105 18.76 -2.27 -15.34
CA PRO A 105 19.05 -3.06 -16.52
C PRO A 105 18.89 -4.56 -16.23
N THR A 106 17.65 -4.96 -15.97
CA THR A 106 17.35 -6.34 -15.68
C THR A 106 17.13 -7.13 -16.97
N LYS A 107 17.53 -8.39 -16.94
CA LYS A 107 17.37 -9.25 -18.10
C LYS A 107 17.85 -10.66 -17.75
N THR A 108 17.02 -11.37 -17.01
CA THR A 108 17.35 -12.72 -16.59
C THR A 108 16.08 -13.58 -16.56
N SER A 109 16.26 -14.86 -16.90
CA SER A 109 15.15 -15.79 -16.90
C SER A 109 15.04 -16.48 -15.54
N TRP A 110 14.09 -16.02 -14.74
CA TRP A 110 13.88 -16.59 -13.42
C TRP A 110 13.22 -17.95 -13.59
N ASP A 111 13.59 -18.87 -12.71
CA ASP A 111 13.05 -20.22 -12.75
C ASP A 111 11.53 -20.14 -12.88
N PRO A 112 10.97 -21.11 -13.65
CA PRO A 112 9.54 -21.17 -13.86
C PRO A 112 8.82 -21.70 -12.62
N GLY A 113 8.83 -20.89 -11.58
CA GLY A 113 8.19 -21.26 -10.33
C GLY A 113 7.82 -20.03 -9.50
N PHE A 114 6.56 -19.63 -9.63
CA PHE A 114 6.07 -18.46 -8.91
C PHE A 114 6.29 -18.62 -7.40
N SER A 115 6.87 -17.57 -6.82
CA SER A 115 7.14 -17.58 -5.39
C SER A 115 6.16 -16.64 -4.67
N GLY A 116 6.13 -16.79 -3.35
CA GLY A 116 5.25 -15.97 -2.54
C GLY A 116 5.07 -16.57 -1.14
N PRO A 117 3.85 -16.36 -0.58
CA PRO A 117 3.53 -16.89 0.74
C PRO A 117 3.29 -18.39 0.69
N SER A 118 3.52 -19.04 1.82
CA SER A 118 3.34 -20.48 1.93
C SER A 118 3.17 -20.88 3.39
N SER A 119 2.73 -22.12 3.58
CA SER A 119 2.53 -22.64 4.93
C SER A 119 3.19 -24.02 5.06
N GLY A 120 2.74 -24.93 4.21
CA GLY A 120 3.27 -26.28 4.22
C GLY A 120 4.04 -26.58 2.93
N GLY A 1 1.61 8.55 -23.33
CA GLY A 1 2.31 7.33 -22.95
C GLY A 1 2.21 7.09 -21.45
N SER A 2 1.65 5.94 -21.09
CA SER A 2 1.50 5.59 -19.70
C SER A 2 2.88 5.39 -19.05
N SER A 3 3.13 6.19 -18.02
CA SER A 3 4.40 6.12 -17.32
C SER A 3 4.24 6.65 -15.89
N GLY A 4 5.17 6.27 -15.03
CA GLY A 4 5.14 6.70 -13.65
C GLY A 4 5.55 5.56 -12.71
N SER A 5 4.64 4.61 -12.55
CA SER A 5 4.89 3.48 -11.69
C SER A 5 5.77 2.45 -12.41
N SER A 6 7.07 2.66 -12.30
CA SER A 6 8.03 1.77 -12.94
C SER A 6 8.42 0.65 -11.97
N GLY A 7 8.75 -0.50 -12.56
CA GLY A 7 9.15 -1.65 -11.76
C GLY A 7 7.94 -2.55 -11.47
N TYR A 8 8.15 -3.47 -10.54
CA TYR A 8 7.10 -4.41 -10.17
C TYR A 8 6.47 -4.00 -8.82
N PRO A 9 5.18 -4.44 -8.64
CA PRO A 9 4.46 -4.13 -7.42
C PRO A 9 4.95 -5.00 -6.26
N ILE A 10 5.17 -4.35 -5.13
CA ILE A 10 5.64 -5.05 -3.94
C ILE A 10 4.49 -5.87 -3.36
N GLY A 11 3.32 -5.25 -3.31
CA GLY A 11 2.15 -5.92 -2.78
C GLY A 11 0.92 -5.02 -2.86
N GLU A 12 -0.21 -5.63 -3.17
CA GLU A 12 -1.46 -4.89 -3.29
C GLU A 12 -2.32 -5.09 -2.03
N ALA A 13 -2.95 -4.01 -1.62
CA ALA A 13 -3.79 -4.04 -0.44
C ALA A 13 -5.14 -3.37 -0.75
N SER A 14 -6.20 -4.05 -0.35
CA SER A 14 -7.54 -3.53 -0.59
C SER A 14 -8.08 -2.87 0.69
N ILE A 15 -9.00 -1.95 0.48
CA ILE A 15 -9.61 -1.23 1.60
C ILE A 15 -10.92 -1.90 1.97
N LEU A 16 -11.06 -2.22 3.25
CA LEU A 16 -12.26 -2.86 3.75
C LEU A 16 -13.13 -1.82 4.45
N ALA A 17 -12.46 -0.92 5.15
CA ALA A 17 -13.15 0.14 5.88
C ALA A 17 -12.32 1.42 5.84
N THR A 18 -13.00 2.54 5.96
CA THR A 18 -12.34 3.83 5.95
C THR A 18 -12.89 4.73 7.06
N PHE A 19 -11.97 5.38 7.75
CA PHE A 19 -12.36 6.27 8.84
C PHE A 19 -11.29 7.35 9.06
N THR A 20 -11.53 8.18 10.07
CA THR A 20 -10.61 9.25 10.40
C THR A 20 -10.14 9.13 11.84
N VAL A 21 -9.06 9.82 12.14
CA VAL A 21 -8.49 9.80 13.48
C VAL A 21 -8.21 11.24 13.93
N THR A 22 -8.15 11.41 15.24
CA THR A 22 -7.90 12.72 15.81
C THR A 22 -6.50 12.77 16.43
N GLU A 23 -5.78 13.82 16.09
CA GLU A 23 -4.42 14.00 16.60
C GLU A 23 -4.15 15.48 16.88
N GLY A 24 -4.27 15.85 18.15
CA GLY A 24 -4.05 17.22 18.56
C GLY A 24 -5.05 18.17 17.89
N LYS A 25 -6.32 17.82 18.01
CA LYS A 25 -7.38 18.62 17.43
C LYS A 25 -7.57 18.21 15.96
N LYS A 26 -6.46 18.23 15.23
CA LYS A 26 -6.49 17.88 13.82
C LYS A 26 -7.18 16.51 13.66
N LYS A 27 -7.62 16.24 12.44
CA LYS A 27 -8.29 14.99 12.15
C LYS A 27 -7.68 14.39 10.88
N ILE A 28 -6.78 13.44 11.08
CA ILE A 28 -6.11 12.77 9.97
C ILE A 28 -6.94 11.55 9.57
N PRO A 29 -7.24 11.47 8.24
CA PRO A 29 -8.01 10.35 7.71
C PRO A 29 -7.15 9.09 7.63
N VAL A 30 -7.77 7.97 7.98
CA VAL A 30 -7.08 6.69 7.96
C VAL A 30 -7.88 5.71 7.11
N ALA A 31 -7.15 4.85 6.41
CA ALA A 31 -7.78 3.85 5.55
C ALA A 31 -7.33 2.46 5.98
N ASP A 32 -8.31 1.64 6.35
CA ASP A 32 -8.02 0.29 6.79
C ASP A 32 -8.07 -0.65 5.58
N CYS A 33 -6.92 -1.22 5.26
CA CYS A 33 -6.81 -2.14 4.15
C CYS A 33 -6.17 -3.43 4.63
N ARG A 34 -6.60 -4.53 4.02
CA ARG A 34 -6.07 -5.84 4.40
C ARG A 34 -5.16 -6.37 3.29
N VAL A 35 -3.92 -6.63 3.66
CA VAL A 35 -2.94 -7.14 2.72
C VAL A 35 -3.44 -8.47 2.13
N GLN A 36 -3.38 -8.56 0.82
CA GLN A 36 -3.83 -9.74 0.12
C GLN A 36 -2.65 -10.45 -0.55
N LYS A 37 -1.74 -9.63 -1.08
CA LYS A 37 -0.56 -10.15 -1.74
C LYS A 37 0.62 -9.22 -1.49
N GLY A 38 1.73 -9.82 -1.08
CA GLY A 38 2.93 -9.06 -0.80
C GLY A 38 2.94 -8.55 0.64
N GLN A 39 3.50 -7.37 0.82
CA GLN A 39 3.57 -6.76 2.14
C GLN A 39 3.53 -5.23 2.03
N LEU A 40 3.33 -4.60 3.18
CA LEU A 40 3.26 -3.15 3.23
C LEU A 40 4.40 -2.63 4.10
N GLU A 41 5.19 -1.74 3.51
CA GLU A 41 6.32 -1.16 4.23
C GLU A 41 6.04 0.31 4.54
N ARG A 42 7.00 0.93 5.22
CA ARG A 42 6.88 2.33 5.58
C ARG A 42 7.76 3.20 4.68
N HIS A 43 8.87 2.63 4.26
CA HIS A 43 9.80 3.33 3.40
C HIS A 43 9.55 2.93 1.95
N LYS A 44 8.29 2.94 1.56
CA LYS A 44 7.91 2.58 0.21
C LYS A 44 6.86 3.58 -0.31
N LYS A 45 6.61 3.50 -1.60
CA LYS A 45 5.65 4.38 -2.24
C LYS A 45 4.30 3.67 -2.33
N PHE A 46 3.24 4.47 -2.35
CA PHE A 46 1.89 3.92 -2.44
C PHE A 46 0.97 4.84 -3.24
N LYS A 47 -0.23 4.36 -3.48
CA LYS A 47 -1.21 5.13 -4.23
C LYS A 47 -2.61 4.57 -3.99
N LEU A 48 -3.60 5.42 -4.12
CA LEU A 48 -4.98 5.02 -3.92
C LEU A 48 -5.67 4.87 -5.27
N ILE A 49 -6.16 3.67 -5.52
CA ILE A 49 -6.85 3.37 -6.77
C ILE A 49 -8.34 3.16 -6.49
N ARG A 50 -9.15 4.04 -7.05
CA ARG A 50 -10.59 3.95 -6.88
C ARG A 50 -11.29 3.85 -8.23
N ASN A 51 -11.85 2.67 -8.49
CA ASN A 51 -12.55 2.44 -9.75
C ASN A 51 -11.54 2.08 -10.83
N GLY A 52 -10.26 2.19 -10.46
CA GLY A 52 -9.19 1.89 -11.40
C GLY A 52 -8.30 3.11 -11.63
N GLN A 53 -8.82 4.26 -11.24
CA GLN A 53 -8.10 5.51 -11.41
C GLN A 53 -7.36 5.87 -10.12
N VAL A 54 -6.22 6.53 -10.29
CA VAL A 54 -5.41 6.93 -9.15
C VAL A 54 -5.85 8.33 -8.70
N ILE A 55 -5.96 8.47 -7.39
CA ILE A 55 -6.38 9.75 -6.81
C ILE A 55 -5.19 10.37 -6.07
N TRP A 56 -4.49 9.52 -5.32
CA TRP A 56 -3.34 9.98 -4.57
C TRP A 56 -2.15 9.08 -4.93
N LYS A 57 -1.01 9.73 -5.15
CA LYS A 57 0.20 9.00 -5.51
C LYS A 57 1.38 9.60 -4.74
N GLY A 58 1.93 8.78 -3.84
CA GLY A 58 3.07 9.22 -3.04
C GLY A 58 3.46 8.15 -2.02
N SER A 59 3.86 8.62 -0.85
CA SER A 59 4.27 7.72 0.21
C SER A 59 3.37 7.93 1.45
N LEU A 60 3.28 6.88 2.26
CA LEU A 60 2.47 6.94 3.46
C LEU A 60 3.23 7.71 4.54
N THR A 61 2.51 8.59 5.23
CA THR A 61 3.10 9.38 6.28
C THR A 61 3.27 8.54 7.55
N SER A 62 2.56 7.43 7.58
CA SER A 62 2.62 6.53 8.72
C SER A 62 1.94 5.21 8.38
N LEU A 63 2.38 4.16 9.08
CA LEU A 63 1.82 2.84 8.86
C LEU A 63 1.96 2.02 10.15
N LYS A 64 0.82 1.65 10.71
CA LYS A 64 0.80 0.87 11.93
C LYS A 64 -0.13 -0.33 11.75
N HIS A 65 0.12 -1.35 12.56
CA HIS A 65 -0.69 -2.56 12.50
C HIS A 65 -1.91 -2.41 13.42
N HIS A 66 -2.74 -1.44 13.08
CA HIS A 66 -3.94 -1.18 13.86
C HIS A 66 -3.58 -0.37 15.11
N LYS A 67 -2.62 -0.90 15.85
CA LYS A 67 -2.17 -0.23 17.07
C LYS A 67 -0.78 -0.73 17.43
N ASP A 68 0.17 -0.45 16.54
CA ASP A 68 1.55 -0.87 16.76
C ASP A 68 2.42 -0.27 15.65
N ASP A 69 3.60 0.20 16.07
CA ASP A 69 4.54 0.79 15.14
C ASP A 69 5.23 -0.32 14.34
N ILE A 70 4.59 -0.73 13.26
CA ILE A 70 5.13 -1.78 12.41
C ILE A 70 5.79 -1.14 11.18
N SER A 71 6.85 -1.79 10.72
CA SER A 71 7.57 -1.31 9.56
C SER A 71 7.20 -2.12 8.32
N VAL A 72 6.78 -3.35 8.57
CA VAL A 72 6.39 -4.24 7.49
C VAL A 72 5.16 -5.05 7.92
N ILE A 73 4.20 -5.11 7.02
CA ILE A 73 2.96 -5.85 7.30
C ILE A 73 2.86 -7.04 6.35
N LYS A 74 2.64 -8.21 6.94
CA LYS A 74 2.53 -9.43 6.17
C LYS A 74 1.10 -9.56 5.63
N THR A 75 0.90 -10.60 4.83
CA THR A 75 -0.41 -10.85 4.25
C THR A 75 -1.37 -11.38 5.32
N GLY A 76 -2.62 -10.94 5.22
CA GLY A 76 -3.64 -11.36 6.17
C GLY A 76 -3.63 -10.48 7.41
N MET A 77 -2.65 -9.58 7.47
CA MET A 77 -2.52 -8.67 8.59
C MET A 77 -3.19 -7.33 8.29
N ASP A 78 -4.00 -6.89 9.25
CA ASP A 78 -4.71 -5.62 9.10
C ASP A 78 -3.78 -4.48 9.52
N CYS A 79 -3.94 -3.35 8.85
CA CYS A 79 -3.13 -2.19 9.14
C CYS A 79 -3.83 -0.95 8.55
N GLY A 80 -3.48 0.20 9.10
CA GLY A 80 -4.06 1.45 8.64
C GLY A 80 -2.98 2.40 8.11
N LEU A 81 -3.26 3.00 6.96
CA LEU A 81 -2.33 3.92 6.35
C LEU A 81 -3.05 5.25 6.07
N SER A 82 -2.27 6.32 6.15
CA SER A 82 -2.81 7.65 5.92
C SER A 82 -1.94 8.39 4.90
N LEU A 83 -2.61 9.14 4.04
CA LEU A 83 -1.92 9.90 3.01
C LEU A 83 -1.54 11.28 3.57
N ASP A 84 -0.68 11.97 2.83
CA ASP A 84 -0.24 13.29 3.24
C ASP A 84 -1.14 14.35 2.62
N GLU A 85 -2.38 13.93 2.32
CA GLU A 85 -3.34 14.83 1.71
C GLU A 85 -4.76 14.43 2.13
N GLU A 86 -5.21 15.04 3.22
CA GLU A 86 -6.55 14.75 3.73
C GLU A 86 -7.59 14.94 2.61
N LYS A 87 -7.20 15.71 1.61
CA LYS A 87 -8.09 15.96 0.49
C LYS A 87 -8.54 14.63 -0.12
N VAL A 88 -7.60 13.72 -0.24
CA VAL A 88 -7.88 12.41 -0.80
C VAL A 88 -8.69 11.60 0.21
N GLU A 89 -9.75 10.98 -0.29
CA GLU A 89 -10.61 10.17 0.56
C GLU A 89 -10.68 8.74 0.03
N PHE A 90 -10.57 7.79 0.95
CA PHE A 90 -10.63 6.39 0.60
C PHE A 90 -12.06 5.85 0.65
N LYS A 91 -12.18 4.55 0.44
CA LYS A 91 -13.48 3.91 0.46
C LYS A 91 -13.30 2.39 0.39
N PRO A 92 -14.36 1.66 0.85
CA PRO A 92 -14.32 0.21 0.83
C PRO A 92 -14.51 -0.33 -0.58
N GLY A 93 -13.39 -0.61 -1.23
CA GLY A 93 -13.42 -1.13 -2.58
C GLY A 93 -12.23 -0.63 -3.39
N ASP A 94 -11.61 0.42 -2.88
CA ASP A 94 -10.45 1.02 -3.55
C ASP A 94 -9.28 0.02 -3.50
N GLN A 95 -8.16 0.45 -4.06
CA GLN A 95 -6.97 -0.38 -4.09
C GLN A 95 -5.75 0.41 -3.63
N VAL A 96 -4.74 -0.32 -3.20
CA VAL A 96 -3.51 0.31 -2.74
C VAL A 96 -2.31 -0.43 -3.34
N ILE A 97 -1.77 0.15 -4.40
CA ILE A 97 -0.63 -0.44 -5.07
C ILE A 97 0.66 0.06 -4.41
N CYS A 98 1.36 -0.86 -3.76
CA CYS A 98 2.60 -0.53 -3.08
C CYS A 98 3.77 -1.01 -3.95
N TYR A 99 4.26 -0.10 -4.77
CA TYR A 99 5.37 -0.41 -5.65
C TYR A 99 6.69 0.19 -5.12
N GLU A 100 7.78 -0.24 -5.73
CA GLU A 100 9.10 0.23 -5.33
C GLU A 100 9.64 1.19 -6.39
N GLU A 101 9.96 2.40 -5.93
CA GLU A 101 10.50 3.41 -6.81
C GLU A 101 11.85 2.97 -7.37
N ASN A 102 11.79 2.39 -8.57
CA ASN A 102 12.99 1.91 -9.23
C ASN A 102 12.97 2.36 -10.69
N LYS A 103 14.16 2.38 -11.29
CA LYS A 103 14.30 2.78 -12.67
C LYS A 103 14.65 1.56 -13.52
N VAL A 104 13.79 1.30 -14.49
CA VAL A 104 14.00 0.17 -15.39
C VAL A 104 13.00 0.25 -16.55
N PRO A 105 13.50 -0.12 -17.76
CA PRO A 105 12.67 -0.10 -18.95
C PRO A 105 11.68 -1.27 -18.95
N THR A 106 10.43 -0.94 -18.70
CA THR A 106 9.38 -1.94 -18.67
C THR A 106 8.90 -2.26 -20.09
N LYS A 107 8.26 -3.41 -20.22
CA LYS A 107 7.74 -3.84 -21.52
C LYS A 107 6.69 -4.93 -21.31
N THR A 108 5.45 -4.53 -21.50
CA THR A 108 4.33 -5.46 -21.35
C THR A 108 3.23 -5.16 -22.37
N SER A 109 2.66 -6.23 -22.91
CA SER A 109 1.61 -6.09 -23.90
C SER A 109 0.46 -7.05 -23.57
N TRP A 110 0.81 -8.33 -23.50
CA TRP A 110 -0.17 -9.36 -23.20
C TRP A 110 -0.73 -9.08 -21.81
N ASP A 111 -2.06 -9.10 -21.72
CA ASP A 111 -2.72 -8.86 -20.45
C ASP A 111 -3.19 -10.19 -19.86
N PRO A 112 -2.88 -10.39 -18.55
CA PRO A 112 -3.26 -11.61 -17.87
C PRO A 112 -4.75 -11.61 -17.54
N GLY A 113 -5.34 -12.79 -17.58
CA GLY A 113 -6.76 -12.93 -17.28
C GLY A 113 -7.12 -12.23 -15.97
N PHE A 114 -8.36 -11.76 -15.91
CA PHE A 114 -8.84 -11.07 -14.72
C PHE A 114 -9.39 -12.07 -13.71
N SER A 115 -9.25 -11.71 -12.43
CA SER A 115 -9.74 -12.56 -11.36
C SER A 115 -9.48 -11.88 -10.01
N GLY A 116 -10.47 -11.96 -9.14
CA GLY A 116 -10.36 -11.37 -7.82
C GLY A 116 -11.74 -11.13 -7.21
N PRO A 117 -11.73 -10.67 -5.92
CA PRO A 117 -12.97 -10.40 -5.22
C PRO A 117 -13.61 -9.09 -5.72
N SER A 118 -12.78 -8.06 -5.81
CA SER A 118 -13.24 -6.77 -6.26
C SER A 118 -14.21 -6.18 -5.24
N SER A 119 -15.40 -6.77 -5.17
CA SER A 119 -16.42 -6.31 -4.26
C SER A 119 -16.87 -4.90 -4.64
N GLY A 120 -18.05 -4.54 -4.14
CA GLY A 120 -18.61 -3.23 -4.41
C GLY A 120 -20.10 -3.34 -4.76
N GLY A 1 12.99 4.64 -30.01
CA GLY A 1 11.59 4.98 -30.02
C GLY A 1 11.14 5.48 -28.64
N SER A 2 10.10 4.86 -28.12
CA SER A 2 9.56 5.23 -26.82
C SER A 2 10.40 4.58 -25.71
N SER A 3 10.18 5.06 -24.50
CA SER A 3 10.90 4.54 -23.35
C SER A 3 10.06 4.71 -22.07
N GLY A 4 10.37 3.90 -21.08
CA GLY A 4 9.65 3.95 -19.82
C GLY A 4 9.76 2.62 -19.06
N SER A 5 9.73 2.73 -17.74
CA SER A 5 9.83 1.55 -16.90
C SER A 5 9.45 1.90 -15.46
N SER A 6 8.46 1.18 -14.94
CA SER A 6 8.00 1.41 -13.59
C SER A 6 8.27 0.18 -12.73
N GLY A 7 8.65 0.43 -11.48
CA GLY A 7 8.94 -0.65 -10.56
C GLY A 7 7.77 -1.62 -10.46
N TYR A 8 8.08 -2.83 -9.99
CA TYR A 8 7.06 -3.86 -9.85
C TYR A 8 6.32 -3.70 -8.52
N PRO A 9 5.04 -4.20 -8.52
CA PRO A 9 4.22 -4.12 -7.33
C PRO A 9 4.66 -5.16 -6.29
N ILE A 10 4.91 -4.66 -5.08
CA ILE A 10 5.33 -5.53 -3.99
C ILE A 10 4.12 -6.28 -3.43
N GLY A 11 3.05 -5.53 -3.20
CA GLY A 11 1.83 -6.10 -2.67
C GLY A 11 0.68 -5.10 -2.76
N GLU A 12 -0.49 -5.62 -3.12
CA GLU A 12 -1.68 -4.79 -3.25
C GLU A 12 -2.62 -5.04 -2.07
N ALA A 13 -2.96 -3.95 -1.38
CA ALA A 13 -3.86 -4.04 -0.24
C ALA A 13 -5.18 -3.37 -0.58
N SER A 14 -6.26 -4.09 -0.28
CA SER A 14 -7.59 -3.59 -0.56
C SER A 14 -8.17 -2.94 0.70
N ILE A 15 -8.90 -1.85 0.49
CA ILE A 15 -9.51 -1.13 1.59
C ILE A 15 -10.85 -1.78 1.94
N LEU A 16 -10.95 -2.24 3.18
CA LEU A 16 -12.16 -2.89 3.64
C LEU A 16 -13.07 -1.85 4.29
N ALA A 17 -12.46 -0.96 5.05
CA ALA A 17 -13.20 0.09 5.74
C ALA A 17 -12.37 1.38 5.71
N THR A 18 -13.09 2.49 5.90
CA THR A 18 -12.44 3.79 5.89
C THR A 18 -13.04 4.69 6.97
N PHE A 19 -12.19 5.48 7.59
CA PHE A 19 -12.62 6.39 8.63
C PHE A 19 -11.58 7.49 8.88
N THR A 20 -11.90 8.36 9.82
CA THR A 20 -11.01 9.46 10.16
C THR A 20 -10.62 9.39 11.64
N VAL A 21 -9.55 10.09 11.97
CA VAL A 21 -9.07 10.12 13.34
C VAL A 21 -8.82 11.56 13.76
N THR A 22 -8.80 11.77 15.07
CA THR A 22 -8.57 13.11 15.61
C THR A 22 -7.23 13.16 16.35
N GLU A 23 -6.47 14.19 16.04
CA GLU A 23 -5.17 14.38 16.67
C GLU A 23 -4.94 15.85 17.01
N GLY A 24 -5.18 16.17 18.28
CA GLY A 24 -5.00 17.54 18.75
C GLY A 24 -5.90 18.50 17.96
N LYS A 25 -7.16 18.11 17.83
CA LYS A 25 -8.12 18.93 17.12
C LYS A 25 -8.11 18.55 15.63
N LYS A 26 -6.90 18.38 15.12
CA LYS A 26 -6.74 18.01 13.72
C LYS A 26 -7.52 16.73 13.44
N LYS A 27 -7.80 16.51 12.16
CA LYS A 27 -8.54 15.33 11.74
C LYS A 27 -7.82 14.68 10.56
N ILE A 28 -7.10 13.61 10.87
CA ILE A 28 -6.37 12.89 9.85
C ILE A 28 -7.20 11.69 9.38
N PRO A 29 -7.43 11.64 8.05
CA PRO A 29 -8.20 10.55 7.45
C PRO A 29 -7.38 9.26 7.41
N VAL A 30 -7.98 8.20 7.92
CA VAL A 30 -7.33 6.90 7.93
C VAL A 30 -8.07 5.94 7.01
N ALA A 31 -7.36 4.92 6.57
CA ALA A 31 -7.94 3.93 5.68
C ALA A 31 -7.45 2.54 6.09
N ASP A 32 -8.39 1.68 6.44
CA ASP A 32 -8.07 0.32 6.86
C ASP A 32 -8.11 -0.59 5.63
N CYS A 33 -6.96 -1.18 5.33
CA CYS A 33 -6.86 -2.08 4.20
C CYS A 33 -6.16 -3.36 4.66
N ARG A 34 -6.65 -4.48 4.16
CA ARG A 34 -6.10 -5.78 4.51
C ARG A 34 -5.25 -6.31 3.36
N VAL A 35 -3.99 -6.58 3.68
CA VAL A 35 -3.06 -7.10 2.68
C VAL A 35 -3.68 -8.33 2.01
N GLN A 36 -3.72 -8.28 0.69
CA GLN A 36 -4.28 -9.37 -0.08
C GLN A 36 -3.17 -10.28 -0.62
N LYS A 37 -2.08 -9.64 -1.02
CA LYS A 37 -0.94 -10.37 -1.55
C LYS A 37 0.35 -9.65 -1.16
N GLY A 38 1.41 -10.43 -0.99
CA GLY A 38 2.70 -9.87 -0.61
C GLY A 38 2.62 -9.16 0.73
N GLN A 39 3.22 -7.99 0.79
CA GLN A 39 3.23 -7.19 2.00
C GLN A 39 3.43 -5.70 1.67
N LEU A 40 3.36 -4.89 2.71
CA LEU A 40 3.54 -3.46 2.54
C LEU A 40 4.76 -3.00 3.32
N GLU A 41 5.68 -2.35 2.60
CA GLU A 41 6.90 -1.86 3.21
C GLU A 41 6.83 -0.35 3.40
N ARG A 42 6.91 0.06 4.66
CA ARG A 42 6.85 1.48 4.99
C ARG A 42 8.00 2.22 4.32
N HIS A 43 7.76 3.51 4.07
CA HIS A 43 8.76 4.34 3.43
C HIS A 43 8.59 4.28 1.91
N LYS A 44 8.36 3.07 1.43
CA LYS A 44 8.18 2.85 0.01
C LYS A 44 7.11 3.81 -0.52
N LYS A 45 6.80 3.66 -1.80
CA LYS A 45 5.80 4.51 -2.43
C LYS A 45 4.47 3.76 -2.51
N PHE A 46 3.39 4.53 -2.48
CA PHE A 46 2.06 3.96 -2.54
C PHE A 46 1.12 4.82 -3.38
N LYS A 47 -0.09 4.32 -3.59
CA LYS A 47 -1.08 5.04 -4.36
C LYS A 47 -2.46 4.44 -4.09
N LEU A 48 -3.47 5.30 -4.16
CA LEU A 48 -4.84 4.87 -3.93
C LEU A 48 -5.58 4.78 -5.26
N ILE A 49 -6.04 3.57 -5.57
CA ILE A 49 -6.76 3.35 -6.81
C ILE A 49 -8.24 3.14 -6.49
N ARG A 50 -9.06 4.02 -7.03
CA ARG A 50 -10.50 3.95 -6.82
C ARG A 50 -11.23 3.88 -8.16
N ASN A 51 -11.84 2.73 -8.41
CA ASN A 51 -12.58 2.52 -9.65
C ASN A 51 -11.59 2.23 -10.77
N GLY A 52 -10.31 2.21 -10.41
CA GLY A 52 -9.26 1.95 -11.38
C GLY A 52 -8.41 3.19 -11.61
N GLN A 53 -8.93 4.32 -11.14
CA GLN A 53 -8.21 5.58 -11.29
C GLN A 53 -7.44 5.90 -10.01
N VAL A 54 -6.33 6.62 -10.19
CA VAL A 54 -5.50 7.00 -9.06
C VAL A 54 -5.95 8.35 -8.53
N ILE A 55 -6.09 8.42 -7.21
CA ILE A 55 -6.52 9.66 -6.56
C ILE A 55 -5.32 10.29 -5.86
N TRP A 56 -4.55 9.44 -5.19
CA TRP A 56 -3.38 9.90 -4.46
C TRP A 56 -2.20 9.02 -4.86
N LYS A 57 -1.05 9.66 -5.06
CA LYS A 57 0.15 8.95 -5.43
C LYS A 57 1.34 9.51 -4.65
N GLY A 58 2.03 8.60 -3.97
CA GLY A 58 3.18 8.99 -3.17
C GLY A 58 3.42 8.00 -2.03
N SER A 59 4.27 8.41 -1.10
CA SER A 59 4.60 7.57 0.04
C SER A 59 3.70 7.94 1.22
N LEU A 60 3.55 6.99 2.13
CA LEU A 60 2.72 7.19 3.31
C LEU A 60 3.50 8.00 4.34
N THR A 61 2.77 8.55 5.29
CA THR A 61 3.39 9.35 6.35
C THR A 61 3.50 8.53 7.63
N SER A 62 2.71 7.48 7.70
CA SER A 62 2.72 6.62 8.86
C SER A 62 2.03 5.28 8.53
N LEU A 63 2.31 4.29 9.36
CA LEU A 63 1.73 2.97 9.17
C LEU A 63 1.79 2.20 10.49
N LYS A 64 0.61 1.73 10.91
CA LYS A 64 0.52 0.98 12.15
C LYS A 64 -0.33 -0.27 11.92
N HIS A 65 0.17 -1.39 12.41
CA HIS A 65 -0.54 -2.65 12.27
C HIS A 65 -1.75 -2.67 13.18
N HIS A 66 -1.54 -2.20 14.41
CA HIS A 66 -2.61 -2.16 15.39
C HIS A 66 -2.08 -1.58 16.70
N LYS A 67 -1.11 -2.29 17.28
CA LYS A 67 -0.51 -1.85 18.53
C LYS A 67 1.00 -2.10 18.47
N ASP A 68 1.61 -1.57 17.44
CA ASP A 68 3.05 -1.73 17.26
C ASP A 68 3.48 -1.00 15.98
N ASP A 69 4.38 -0.05 16.16
CA ASP A 69 4.88 0.73 15.04
C ASP A 69 5.72 -0.18 14.13
N ILE A 70 5.01 -0.97 13.32
CA ILE A 70 5.67 -1.88 12.41
C ILE A 70 5.97 -1.16 11.10
N SER A 71 6.81 -1.78 10.29
CA SER A 71 7.18 -1.21 9.01
C SER A 71 6.70 -2.12 7.87
N VAL A 72 6.72 -3.41 8.13
CA VAL A 72 6.29 -4.39 7.15
C VAL A 72 4.96 -5.00 7.59
N ILE A 73 4.13 -5.30 6.60
CA ILE A 73 2.83 -5.89 6.88
C ILE A 73 2.64 -7.14 6.01
N LYS A 74 2.66 -8.28 6.68
CA LYS A 74 2.51 -9.55 5.98
C LYS A 74 1.06 -9.66 5.47
N THR A 75 0.77 -10.81 4.89
CA THR A 75 -0.57 -11.07 4.35
C THR A 75 -1.53 -11.44 5.48
N GLY A 76 -2.77 -11.01 5.32
CA GLY A 76 -3.79 -11.29 6.32
C GLY A 76 -3.65 -10.37 7.52
N MET A 77 -2.65 -9.50 7.45
CA MET A 77 -2.40 -8.55 8.52
C MET A 77 -3.10 -7.22 8.26
N ASP A 78 -3.85 -6.76 9.25
CA ASP A 78 -4.56 -5.51 9.14
C ASP A 78 -3.62 -4.35 9.50
N CYS A 79 -3.84 -3.23 8.82
CA CYS A 79 -3.02 -2.06 9.06
C CYS A 79 -3.78 -0.83 8.54
N GLY A 80 -3.40 0.33 9.06
CA GLY A 80 -4.04 1.58 8.67
C GLY A 80 -3.00 2.61 8.22
N LEU A 81 -3.29 3.27 7.12
CA LEU A 81 -2.39 4.28 6.59
C LEU A 81 -3.17 5.59 6.40
N SER A 82 -2.41 6.67 6.26
CA SER A 82 -3.00 7.97 6.07
C SER A 82 -2.14 8.81 5.12
N LEU A 83 -2.82 9.52 4.23
CA LEU A 83 -2.14 10.37 3.26
C LEU A 83 -1.99 11.77 3.83
N ASP A 84 -0.90 12.42 3.44
CA ASP A 84 -0.62 13.77 3.90
C ASP A 84 -1.65 14.73 3.29
N GLU A 85 -2.29 14.26 2.23
CA GLU A 85 -3.29 15.07 1.54
C GLU A 85 -4.69 14.63 1.96
N GLU A 86 -5.10 15.10 3.12
CA GLU A 86 -6.42 14.77 3.65
C GLU A 86 -7.47 14.87 2.54
N LYS A 87 -7.18 15.72 1.58
CA LYS A 87 -8.08 15.92 0.45
C LYS A 87 -8.49 14.55 -0.11
N VAL A 88 -7.49 13.72 -0.32
CA VAL A 88 -7.73 12.39 -0.85
C VAL A 88 -8.48 11.55 0.17
N GLU A 89 -9.63 11.02 -0.26
CA GLU A 89 -10.45 10.21 0.63
C GLU A 89 -10.52 8.77 0.09
N PHE A 90 -10.42 7.83 1.01
CA PHE A 90 -10.47 6.42 0.66
C PHE A 90 -11.91 5.91 0.68
N LYS A 91 -12.06 4.64 0.35
CA LYS A 91 -13.38 4.01 0.33
C LYS A 91 -13.22 2.49 0.28
N PRO A 92 -14.29 1.79 0.74
CA PRO A 92 -14.28 0.34 0.76
C PRO A 92 -14.46 -0.23 -0.65
N GLY A 93 -13.58 0.20 -1.55
CA GLY A 93 -13.63 -0.25 -2.93
C GLY A 93 -12.48 0.34 -3.74
N ASP A 94 -11.35 0.51 -3.07
CA ASP A 94 -10.17 1.07 -3.72
C ASP A 94 -9.04 0.04 -3.68
N GLN A 95 -7.85 0.51 -4.03
CA GLN A 95 -6.68 -0.35 -4.04
C GLN A 95 -5.44 0.43 -3.60
N VAL A 96 -4.49 -0.29 -3.04
CA VAL A 96 -3.25 0.32 -2.57
C VAL A 96 -2.07 -0.47 -3.12
N ILE A 97 -1.44 0.10 -4.13
CA ILE A 97 -0.28 -0.54 -4.76
C ILE A 97 0.99 -0.06 -4.06
N CYS A 98 1.77 -1.03 -3.58
CA CYS A 98 3.01 -0.73 -2.89
C CYS A 98 4.17 -1.27 -3.74
N TYR A 99 4.81 -0.37 -4.47
CA TYR A 99 5.93 -0.74 -5.31
C TYR A 99 7.17 0.07 -4.96
N GLU A 100 8.32 -0.41 -5.45
CA GLU A 100 9.57 0.26 -5.20
C GLU A 100 10.24 0.66 -6.51
N GLU A 101 10.56 1.94 -6.61
CA GLU A 101 11.20 2.46 -7.81
C GLU A 101 12.67 2.06 -7.85
N ASN A 102 12.94 0.99 -8.59
CA ASN A 102 14.30 0.48 -8.72
C ASN A 102 14.35 -0.53 -9.86
N LYS A 103 15.41 -0.44 -10.65
CA LYS A 103 15.59 -1.35 -11.77
C LYS A 103 17.03 -1.89 -11.74
N VAL A 104 17.13 -3.20 -11.60
CA VAL A 104 18.43 -3.85 -11.57
C VAL A 104 18.32 -5.25 -12.16
N PRO A 105 19.26 -5.58 -13.08
CA PRO A 105 19.27 -6.89 -13.71
C PRO A 105 19.78 -7.96 -12.75
N THR A 106 18.85 -8.50 -11.96
CA THR A 106 19.20 -9.53 -11.00
C THR A 106 20.17 -10.54 -11.62
N LYS A 107 21.07 -11.04 -10.79
CA LYS A 107 22.05 -12.02 -11.25
C LYS A 107 22.43 -12.94 -10.08
N THR A 108 21.58 -13.94 -9.87
CA THR A 108 21.82 -14.89 -8.80
C THR A 108 21.87 -14.17 -7.44
N SER A 109 20.83 -13.42 -7.15
CA SER A 109 20.75 -12.69 -5.91
C SER A 109 19.48 -13.06 -5.15
N TRP A 110 19.61 -13.12 -3.84
CA TRP A 110 18.49 -13.47 -2.98
C TRP A 110 18.32 -15.00 -3.03
N ASP A 111 18.37 -15.61 -1.86
CA ASP A 111 18.22 -17.05 -1.76
C ASP A 111 18.73 -17.51 -0.39
N PRO A 112 19.99 -17.09 -0.08
CA PRO A 112 20.61 -17.46 1.18
C PRO A 112 20.00 -16.66 2.34
N GLY A 113 19.22 -17.35 3.15
CA GLY A 113 18.58 -16.72 4.30
C GLY A 113 17.16 -17.27 4.50
N PHE A 114 17.07 -18.25 5.38
CA PHE A 114 15.78 -18.86 5.68
C PHE A 114 15.60 -19.06 7.18
N SER A 115 16.56 -19.75 7.78
CA SER A 115 16.53 -20.01 9.20
C SER A 115 16.37 -18.70 9.98
N GLY A 116 15.17 -18.49 10.48
CA GLY A 116 14.87 -17.28 11.23
C GLY A 116 15.60 -17.28 12.58
N PRO A 117 14.99 -16.57 13.56
CA PRO A 117 15.58 -16.48 14.89
C PRO A 117 15.38 -17.78 15.66
N SER A 118 15.95 -17.83 16.85
CA SER A 118 15.84 -19.00 17.71
C SER A 118 16.22 -20.25 16.91
N SER A 119 17.48 -20.63 17.04
CA SER A 119 17.99 -21.81 16.34
C SER A 119 18.26 -22.94 17.34
N GLY A 120 18.11 -24.16 16.85
CA GLY A 120 18.34 -25.33 17.69
C GLY A 120 19.84 -25.57 17.92
N GLY A 1 10.87 15.52 -20.20
CA GLY A 1 10.60 15.28 -18.80
C GLY A 1 11.28 14.00 -18.30
N SER A 2 10.63 13.35 -17.35
CA SER A 2 11.16 12.13 -16.79
C SER A 2 10.20 11.58 -15.72
N SER A 3 9.18 10.88 -16.19
CA SER A 3 8.20 10.30 -15.29
C SER A 3 7.22 9.43 -16.08
N GLY A 4 6.97 8.25 -15.53
CA GLY A 4 6.05 7.31 -16.17
C GLY A 4 5.95 6.02 -15.37
N SER A 5 5.16 5.10 -15.91
CA SER A 5 4.97 3.80 -15.26
C SER A 5 6.26 2.98 -15.35
N SER A 6 6.72 2.54 -14.19
CA SER A 6 7.93 1.74 -14.12
C SER A 6 8.18 1.28 -12.68
N GLY A 7 8.03 -0.02 -12.48
CA GLY A 7 8.23 -0.60 -11.15
C GLY A 7 7.14 -1.63 -10.83
N TYR A 8 7.58 -2.85 -10.59
CA TYR A 8 6.66 -3.92 -10.27
C TYR A 8 6.05 -3.74 -8.87
N PRO A 9 4.80 -4.25 -8.72
CA PRO A 9 4.11 -4.15 -7.45
C PRO A 9 4.68 -5.12 -6.42
N ILE A 10 4.95 -4.60 -5.24
CA ILE A 10 5.51 -5.41 -4.16
C ILE A 10 4.38 -6.15 -3.45
N GLY A 11 3.29 -5.42 -3.22
CA GLY A 11 2.13 -6.00 -2.55
C GLY A 11 0.88 -5.16 -2.83
N GLU A 12 -0.25 -5.86 -2.92
CA GLU A 12 -1.52 -5.20 -3.18
C GLU A 12 -2.44 -5.34 -1.96
N ALA A 13 -2.85 -4.19 -1.44
CA ALA A 13 -3.73 -4.17 -0.29
C ALA A 13 -5.06 -3.52 -0.67
N SER A 14 -6.14 -4.20 -0.31
CA SER A 14 -7.48 -3.70 -0.62
C SER A 14 -8.09 -3.04 0.62
N ILE A 15 -8.79 -1.95 0.38
CA ILE A 15 -9.42 -1.22 1.47
C ILE A 15 -10.79 -1.84 1.76
N LEU A 16 -10.91 -2.35 2.97
CA LEU A 16 -12.16 -2.98 3.40
C LEU A 16 -13.07 -1.92 4.04
N ALA A 17 -12.44 -1.04 4.80
CA ALA A 17 -13.17 0.02 5.48
C ALA A 17 -12.29 1.27 5.55
N THR A 18 -12.95 2.40 5.76
CA THR A 18 -12.24 3.67 5.85
C THR A 18 -12.87 4.55 6.93
N PHE A 19 -12.01 5.21 7.69
CA PHE A 19 -12.46 6.08 8.75
C PHE A 19 -11.43 7.18 9.04
N THR A 20 -11.74 7.99 10.04
CA THR A 20 -10.85 9.07 10.43
C THR A 20 -10.38 8.88 11.86
N VAL A 21 -9.31 9.61 12.21
CA VAL A 21 -8.75 9.52 13.54
C VAL A 21 -8.44 10.93 14.04
N THR A 22 -8.34 11.05 15.36
CA THR A 22 -8.05 12.34 15.97
C THR A 22 -6.71 12.28 16.70
N GLU A 23 -5.98 13.40 16.64
CA GLU A 23 -4.68 13.49 17.29
C GLU A 23 -4.41 14.92 17.72
N GLY A 24 -4.64 15.18 19.00
CA GLY A 24 -4.42 16.51 19.54
C GLY A 24 -5.65 17.39 19.34
N LYS A 25 -6.20 17.32 18.14
CA LYS A 25 -7.38 18.11 17.81
C LYS A 25 -7.72 17.91 16.34
N LYS A 26 -6.69 17.94 15.51
CA LYS A 26 -6.86 17.77 14.08
C LYS A 26 -7.59 16.44 13.82
N LYS A 27 -7.90 16.23 12.55
CA LYS A 27 -8.58 15.01 12.15
C LYS A 27 -7.84 14.37 10.98
N ILE A 28 -7.01 13.38 11.31
CA ILE A 28 -6.23 12.68 10.30
C ILE A 28 -7.03 11.48 9.79
N PRO A 29 -7.24 11.46 8.44
CA PRO A 29 -7.98 10.38 7.82
C PRO A 29 -7.15 9.10 7.75
N VAL A 30 -7.83 7.98 7.86
CA VAL A 30 -7.17 6.69 7.82
C VAL A 30 -7.99 5.72 6.97
N ALA A 31 -7.30 4.73 6.41
CA ALA A 31 -7.95 3.74 5.57
C ALA A 31 -7.47 2.34 5.97
N ASP A 32 -8.43 1.52 6.38
CA ASP A 32 -8.12 0.16 6.79
C ASP A 32 -8.11 -0.75 5.56
N CYS A 33 -6.94 -1.31 5.28
CA CYS A 33 -6.78 -2.20 4.14
C CYS A 33 -6.15 -3.51 4.64
N ARG A 34 -6.57 -4.59 4.01
CA ARG A 34 -6.04 -5.90 4.37
C ARG A 34 -5.13 -6.43 3.28
N VAL A 35 -3.89 -6.73 3.67
CA VAL A 35 -2.92 -7.25 2.74
C VAL A 35 -3.40 -8.58 2.18
N GLN A 36 -3.72 -8.57 0.89
CA GLN A 36 -4.19 -9.76 0.22
C GLN A 36 -3.01 -10.57 -0.33
N LYS A 37 -2.10 -9.85 -0.96
CA LYS A 37 -0.92 -10.49 -1.54
C LYS A 37 0.31 -9.61 -1.28
N GLY A 38 1.39 -10.26 -0.89
CA GLY A 38 2.63 -9.55 -0.62
C GLY A 38 2.56 -8.84 0.74
N GLN A 39 3.49 -7.91 0.93
CA GLN A 39 3.55 -7.16 2.17
C GLN A 39 3.69 -5.66 1.88
N LEU A 40 3.59 -4.87 2.94
CA LEU A 40 3.73 -3.43 2.81
C LEU A 40 4.94 -2.95 3.59
N GLU A 41 5.83 -2.26 2.89
CA GLU A 41 7.03 -1.74 3.51
C GLU A 41 6.92 -0.23 3.72
N ARG A 42 7.07 0.18 4.97
CA ARG A 42 6.99 1.58 5.31
C ARG A 42 8.23 2.33 4.79
N HIS A 43 8.17 2.69 3.52
CA HIS A 43 9.27 3.41 2.89
C HIS A 43 9.01 3.54 1.40
N LYS A 44 8.64 2.41 0.79
CA LYS A 44 8.37 2.38 -0.63
C LYS A 44 7.29 3.41 -0.96
N LYS A 45 6.85 3.38 -2.21
CA LYS A 45 5.82 4.30 -2.67
C LYS A 45 4.47 3.58 -2.66
N PHE A 46 3.41 4.38 -2.70
CA PHE A 46 2.06 3.84 -2.71
C PHE A 46 1.12 4.73 -3.53
N LYS A 47 -0.06 4.19 -3.78
CA LYS A 47 -1.06 4.92 -4.55
C LYS A 47 -2.46 4.39 -4.21
N LEU A 48 -3.42 5.28 -4.22
CA LEU A 48 -4.79 4.91 -3.92
C LEU A 48 -5.60 4.87 -5.22
N ILE A 49 -6.01 3.66 -5.58
CA ILE A 49 -6.78 3.47 -6.79
C ILE A 49 -8.26 3.30 -6.42
N ARG A 50 -9.08 4.20 -6.94
CA ARG A 50 -10.50 4.17 -6.67
C ARG A 50 -11.29 4.17 -7.99
N ASN A 51 -11.94 3.06 -8.26
CA ASN A 51 -12.73 2.92 -9.47
C ASN A 51 -11.80 2.58 -10.64
N GLY A 52 -10.52 2.53 -10.34
CA GLY A 52 -9.52 2.22 -11.35
C GLY A 52 -8.62 3.42 -11.61
N GLN A 53 -9.04 4.56 -11.11
CA GLN A 53 -8.28 5.79 -11.27
C GLN A 53 -7.48 6.10 -10.01
N VAL A 54 -6.33 6.71 -10.22
CA VAL A 54 -5.46 7.08 -9.11
C VAL A 54 -5.88 8.44 -8.57
N ILE A 55 -5.94 8.52 -7.24
CA ILE A 55 -6.32 9.76 -6.59
C ILE A 55 -5.10 10.34 -5.85
N TRP A 56 -4.37 9.46 -5.21
CA TRP A 56 -3.18 9.86 -4.48
C TRP A 56 -2.02 8.97 -4.91
N LYS A 57 -0.88 9.61 -5.16
CA LYS A 57 0.30 8.88 -5.58
C LYS A 57 1.52 9.42 -4.84
N GLY A 58 2.13 8.55 -4.05
CA GLY A 58 3.31 8.93 -3.28
C GLY A 58 3.59 7.91 -2.17
N SER A 59 4.42 8.32 -1.23
CA SER A 59 4.77 7.45 -0.12
C SER A 59 3.81 7.69 1.05
N LEU A 60 3.57 6.62 1.79
CA LEU A 60 2.67 6.69 2.93
C LEU A 60 3.27 7.62 3.99
N THR A 61 2.50 8.62 4.34
CA THR A 61 2.94 9.60 5.34
C THR A 61 3.10 8.91 6.70
N SER A 62 2.43 7.78 6.85
CA SER A 62 2.48 7.03 8.09
C SER A 62 1.89 5.63 7.88
N LEU A 63 2.08 4.79 8.89
CA LEU A 63 1.58 3.43 8.83
C LEU A 63 1.58 2.83 10.24
N LYS A 64 0.41 2.35 10.65
CA LYS A 64 0.26 1.76 11.96
C LYS A 64 -0.65 0.53 11.86
N HIS A 65 -0.29 -0.50 12.61
CA HIS A 65 -1.06 -1.73 12.62
C HIS A 65 -2.13 -1.66 13.69
N HIS A 66 -3.00 -0.66 13.56
CA HIS A 66 -4.08 -0.47 14.52
C HIS A 66 -3.56 0.29 15.73
N LYS A 67 -2.51 -0.26 16.34
CA LYS A 67 -1.91 0.36 17.51
C LYS A 67 -0.51 -0.22 17.73
N ASP A 68 0.33 -0.03 16.73
CA ASP A 68 1.69 -0.53 16.80
C ASP A 68 2.50 0.06 15.64
N ASP A 69 3.61 0.70 15.99
CA ASP A 69 4.48 1.32 15.00
C ASP A 69 5.30 0.23 14.32
N ILE A 70 4.68 -0.43 13.34
CA ILE A 70 5.34 -1.49 12.61
C ILE A 70 6.04 -0.90 11.38
N SER A 71 6.85 -1.73 10.74
CA SER A 71 7.57 -1.30 9.56
C SER A 71 7.11 -2.10 8.34
N VAL A 72 6.79 -3.36 8.58
CA VAL A 72 6.33 -4.24 7.53
C VAL A 72 5.01 -4.90 7.95
N ILE A 73 4.11 -5.02 6.98
CA ILE A 73 2.82 -5.63 7.24
C ILE A 73 2.69 -6.92 6.41
N LYS A 74 2.51 -8.01 7.12
CA LYS A 74 2.37 -9.32 6.47
C LYS A 74 0.93 -9.46 5.95
N THR A 75 0.70 -10.58 5.27
CA THR A 75 -0.61 -10.85 4.72
C THR A 75 -1.58 -11.27 5.83
N GLY A 76 -2.83 -10.88 5.66
CA GLY A 76 -3.86 -11.21 6.64
C GLY A 76 -3.87 -10.18 7.78
N MET A 77 -2.83 -9.38 7.81
CA MET A 77 -2.71 -8.35 8.84
C MET A 77 -3.39 -7.06 8.40
N ASP A 78 -4.24 -6.54 9.28
CA ASP A 78 -4.96 -5.32 9.01
C ASP A 78 -4.15 -4.13 9.54
N CYS A 79 -3.98 -3.14 8.68
CA CYS A 79 -3.23 -1.95 9.05
C CYS A 79 -3.96 -0.73 8.46
N GLY A 80 -3.59 0.44 8.96
CA GLY A 80 -4.19 1.68 8.51
C GLY A 80 -3.12 2.67 8.04
N LEU A 81 -3.29 3.13 6.82
CA LEU A 81 -2.35 4.08 6.25
C LEU A 81 -3.06 5.42 6.01
N SER A 82 -2.31 6.49 6.26
CA SER A 82 -2.86 7.83 6.07
C SER A 82 -1.96 8.64 5.14
N LEU A 83 -2.60 9.45 4.30
CA LEU A 83 -1.87 10.27 3.36
C LEU A 83 -1.75 11.69 3.92
N ASP A 84 -0.67 12.35 3.55
CA ASP A 84 -0.42 13.71 4.01
C ASP A 84 -1.50 14.63 3.45
N GLU A 85 -2.14 14.17 2.39
CA GLU A 85 -3.19 14.94 1.75
C GLU A 85 -4.57 14.43 2.19
N GLU A 86 -5.04 14.98 3.31
CA GLU A 86 -6.33 14.59 3.84
C GLU A 86 -7.41 14.69 2.75
N LYS A 87 -7.13 15.51 1.76
CA LYS A 87 -8.05 15.71 0.66
C LYS A 87 -8.43 14.35 0.07
N VAL A 88 -7.41 13.55 -0.17
CA VAL A 88 -7.62 12.22 -0.73
C VAL A 88 -8.39 11.36 0.27
N GLU A 89 -9.54 10.86 -0.19
CA GLU A 89 -10.38 10.03 0.66
C GLU A 89 -10.36 8.58 0.16
N PHE A 90 -10.40 7.66 1.12
CA PHE A 90 -10.39 6.24 0.79
C PHE A 90 -11.79 5.63 0.94
N LYS A 91 -12.10 4.71 0.05
CA LYS A 91 -13.40 4.05 0.08
C LYS A 91 -13.18 2.53 0.09
N PRO A 92 -14.24 1.81 0.56
CA PRO A 92 -14.18 0.36 0.63
C PRO A 92 -14.31 -0.27 -0.76
N GLY A 93 -13.17 -0.45 -1.41
CA GLY A 93 -13.13 -1.03 -2.73
C GLY A 93 -11.89 -0.58 -3.50
N ASP A 94 -11.35 0.54 -3.07
CA ASP A 94 -10.16 1.08 -3.71
C ASP A 94 -9.04 0.03 -3.68
N GLN A 95 -7.85 0.46 -4.06
CA GLN A 95 -6.70 -0.42 -4.08
C GLN A 95 -5.43 0.32 -3.67
N VAL A 96 -4.52 -0.42 -3.07
CA VAL A 96 -3.26 0.17 -2.62
C VAL A 96 -2.10 -0.68 -3.13
N ILE A 97 -1.45 -0.19 -4.18
CA ILE A 97 -0.34 -0.89 -4.77
C ILE A 97 0.97 -0.27 -4.27
N CYS A 98 1.77 -1.10 -3.60
CA CYS A 98 3.04 -0.63 -3.07
C CYS A 98 4.16 -1.11 -4.00
N TYR A 99 4.60 -0.20 -4.86
CA TYR A 99 5.66 -0.50 -5.80
C TYR A 99 6.84 0.45 -5.64
N GLU A 100 7.94 0.08 -6.28
CA GLU A 100 9.15 0.90 -6.20
C GLU A 100 9.35 1.66 -7.51
N GLU A 101 9.93 2.84 -7.40
CA GLU A 101 10.18 3.68 -8.55
C GLU A 101 11.21 3.02 -9.47
N ASN A 102 10.96 3.11 -10.77
CA ASN A 102 11.85 2.53 -11.75
C ASN A 102 11.95 1.02 -11.51
N LYS A 103 12.42 0.32 -12.54
CA LYS A 103 12.56 -1.12 -12.47
C LYS A 103 14.05 -1.47 -12.36
N VAL A 104 14.31 -2.70 -11.94
CA VAL A 104 15.67 -3.17 -11.79
C VAL A 104 15.81 -4.54 -12.46
N PRO A 105 16.99 -4.75 -13.10
CA PRO A 105 17.26 -6.01 -13.78
C PRO A 105 17.56 -7.12 -12.76
N THR A 106 16.88 -8.25 -12.95
CA THR A 106 17.06 -9.38 -12.07
C THR A 106 17.68 -10.55 -12.83
N LYS A 107 17.35 -10.63 -14.11
CA LYS A 107 17.85 -11.69 -14.96
C LYS A 107 17.58 -13.04 -14.31
N THR A 108 16.38 -13.55 -14.57
CA THR A 108 15.98 -14.83 -14.01
C THR A 108 15.16 -15.63 -15.04
N SER A 109 15.29 -16.95 -14.95
CA SER A 109 14.58 -17.83 -15.86
C SER A 109 14.63 -19.27 -15.34
N TRP A 110 13.65 -20.05 -15.76
CA TRP A 110 13.57 -21.44 -15.35
C TRP A 110 13.47 -22.31 -16.61
N ASP A 111 14.51 -23.08 -16.84
CA ASP A 111 14.56 -23.95 -18.01
C ASP A 111 13.74 -25.22 -17.71
N PRO A 112 13.00 -25.68 -18.76
CA PRO A 112 12.18 -26.86 -18.63
C PRO A 112 13.04 -28.13 -18.63
N GLY A 113 12.38 -29.26 -18.47
CA GLY A 113 13.06 -30.54 -18.46
C GLY A 113 12.10 -31.69 -18.75
N PHE A 114 12.17 -32.18 -19.98
CA PHE A 114 11.30 -33.28 -20.40
C PHE A 114 11.92 -34.05 -21.56
N SER A 115 11.91 -35.37 -21.43
CA SER A 115 12.46 -36.23 -22.46
C SER A 115 11.54 -37.42 -22.69
N GLY A 116 11.67 -38.01 -23.88
CA GLY A 116 10.86 -39.16 -24.23
C GLY A 116 11.74 -40.33 -24.69
N PRO A 117 12.11 -41.19 -23.71
CA PRO A 117 12.94 -42.34 -23.99
C PRO A 117 12.13 -43.44 -24.69
N SER A 118 12.86 -44.39 -25.27
CA SER A 118 12.23 -45.50 -25.96
C SER A 118 11.34 -44.96 -27.10
N SER A 119 10.94 -45.88 -27.96
CA SER A 119 10.10 -45.52 -29.09
C SER A 119 9.58 -46.78 -29.79
N GLY A 120 8.27 -46.82 -29.98
CA GLY A 120 7.64 -47.95 -30.63
C GLY A 120 6.13 -47.92 -30.44
N GLY A 1 -1.03 7.04 -19.90
CA GLY A 1 -1.19 7.54 -21.26
C GLY A 1 -0.31 6.76 -22.23
N SER A 2 0.84 7.34 -22.55
CA SER A 2 1.76 6.71 -23.47
C SER A 2 2.60 5.66 -22.73
N SER A 3 3.30 6.13 -21.70
CA SER A 3 4.14 5.25 -20.91
C SER A 3 4.03 5.62 -19.43
N GLY A 4 4.41 4.68 -18.59
CA GLY A 4 4.37 4.89 -17.15
C GLY A 4 5.71 4.54 -16.50
N SER A 5 5.63 3.72 -15.46
CA SER A 5 6.83 3.31 -14.76
C SER A 5 7.08 1.82 -14.95
N SER A 6 8.34 1.43 -14.81
CA SER A 6 8.72 0.04 -14.96
C SER A 6 9.13 -0.55 -13.61
N GLY A 7 8.44 -1.63 -13.25
CA GLY A 7 8.72 -2.29 -11.99
C GLY A 7 7.55 -3.18 -11.56
N TYR A 8 7.89 -4.25 -10.87
CA TYR A 8 6.87 -5.18 -10.40
C TYR A 8 6.27 -4.72 -9.07
N PRO A 9 5.02 -5.18 -8.81
CA PRO A 9 4.32 -4.82 -7.59
C PRO A 9 4.89 -5.58 -6.40
N ILE A 10 5.07 -4.85 -5.30
CA ILE A 10 5.60 -5.44 -4.09
C ILE A 10 4.47 -6.14 -3.33
N GLY A 11 3.29 -5.54 -3.42
CA GLY A 11 2.12 -6.10 -2.74
C GLY A 11 0.91 -5.17 -2.90
N GLU A 12 -0.25 -5.80 -2.99
CA GLU A 12 -1.49 -5.05 -3.15
C GLU A 12 -2.39 -5.24 -1.93
N ALA A 13 -2.97 -4.14 -1.47
CA ALA A 13 -3.85 -4.17 -0.32
C ALA A 13 -5.23 -3.64 -0.72
N SER A 14 -6.24 -4.19 -0.07
CA SER A 14 -7.61 -3.78 -0.35
C SER A 14 -8.22 -3.13 0.89
N ILE A 15 -8.87 -2.00 0.65
CA ILE A 15 -9.51 -1.25 1.75
C ILE A 15 -10.89 -1.86 2.03
N LEU A 16 -11.05 -2.31 3.26
CA LEU A 16 -12.31 -2.92 3.68
C LEU A 16 -13.18 -1.86 4.35
N ALA A 17 -12.52 -1.00 5.12
CA ALA A 17 -13.21 0.06 5.83
C ALA A 17 -12.34 1.32 5.85
N THR A 18 -12.99 2.45 6.06
CA THR A 18 -12.28 3.72 6.10
C THR A 18 -12.90 4.63 7.16
N PHE A 19 -12.02 5.30 7.90
CA PHE A 19 -12.47 6.20 8.95
C PHE A 19 -11.43 7.31 9.18
N THR A 20 -11.75 8.18 10.14
CA THR A 20 -10.87 9.29 10.47
C THR A 20 -10.42 9.19 11.93
N VAL A 21 -9.38 9.94 12.25
CA VAL A 21 -8.85 9.95 13.59
C VAL A 21 -8.54 11.40 14.00
N THR A 22 -8.49 11.61 15.31
CA THR A 22 -8.20 12.93 15.84
C THR A 22 -6.97 12.89 16.74
N GLU A 23 -6.03 13.78 16.44
CA GLU A 23 -4.79 13.84 17.21
C GLU A 23 -4.22 15.27 17.16
N GLY A 24 -4.49 16.01 18.23
CA GLY A 24 -4.01 17.38 18.32
C GLY A 24 -4.90 18.33 17.52
N LYS A 25 -6.18 18.29 17.84
CA LYS A 25 -7.16 19.14 17.17
C LYS A 25 -7.02 18.96 15.66
N LYS A 26 -6.45 17.82 15.27
CA LYS A 26 -6.26 17.51 13.86
C LYS A 26 -7.20 16.37 13.46
N LYS A 27 -7.40 16.25 12.15
CA LYS A 27 -8.27 15.21 11.63
C LYS A 27 -7.54 14.49 10.48
N ILE A 28 -6.87 13.42 10.85
CA ILE A 28 -6.14 12.63 9.87
C ILE A 28 -7.00 11.44 9.44
N PRO A 29 -7.29 11.38 8.11
CA PRO A 29 -8.10 10.31 7.56
C PRO A 29 -7.29 9.02 7.46
N VAL A 30 -7.81 7.98 8.09
CA VAL A 30 -7.16 6.68 8.08
C VAL A 30 -7.92 5.73 7.16
N ALA A 31 -7.19 4.76 6.64
CA ALA A 31 -7.78 3.79 5.73
C ALA A 31 -7.34 2.38 6.15
N ASP A 32 -8.32 1.55 6.43
CA ASP A 32 -8.05 0.18 6.84
C ASP A 32 -8.12 -0.74 5.62
N CYS A 33 -7.03 -1.46 5.40
CA CYS A 33 -6.95 -2.38 4.27
C CYS A 33 -6.24 -3.64 4.73
N ARG A 34 -6.47 -4.72 4.00
CA ARG A 34 -5.87 -6.00 4.31
C ARG A 34 -4.91 -6.42 3.20
N VAL A 35 -3.64 -6.53 3.57
CA VAL A 35 -2.62 -6.92 2.61
C VAL A 35 -3.06 -8.22 1.92
N GLN A 36 -3.30 -8.09 0.62
CA GLN A 36 -3.72 -9.24 -0.17
C GLN A 36 -2.52 -10.11 -0.53
N LYS A 37 -1.47 -9.45 -1.01
CA LYS A 37 -0.25 -10.14 -1.39
C LYS A 37 0.95 -9.23 -1.16
N GLY A 38 2.07 -9.85 -0.84
CA GLY A 38 3.30 -9.11 -0.60
C GLY A 38 3.31 -8.52 0.81
N GLN A 39 3.75 -7.27 0.89
CA GLN A 39 3.82 -6.58 2.18
C GLN A 39 3.81 -5.06 1.96
N LEU A 40 3.75 -4.35 3.07
CA LEU A 40 3.73 -2.89 3.02
C LEU A 40 4.98 -2.35 3.72
N GLU A 41 5.73 -1.54 2.98
CA GLU A 41 6.94 -0.95 3.51
C GLU A 41 6.70 0.51 3.90
N ARG A 42 6.94 0.80 5.17
CA ARG A 42 6.75 2.14 5.68
C ARG A 42 7.89 3.06 5.21
N HIS A 43 7.83 3.41 3.92
CA HIS A 43 8.84 4.27 3.34
C HIS A 43 8.74 4.21 1.81
N LYS A 44 8.37 3.04 1.32
CA LYS A 44 8.23 2.84 -0.11
C LYS A 44 7.15 3.78 -0.65
N LYS A 45 6.94 3.71 -1.96
CA LYS A 45 5.94 4.54 -2.60
C LYS A 45 4.63 3.77 -2.71
N PHE A 46 3.54 4.51 -2.70
CA PHE A 46 2.22 3.90 -2.79
C PHE A 46 1.25 4.81 -3.55
N LYS A 47 0.03 4.32 -3.71
CA LYS A 47 -1.00 5.06 -4.42
C LYS A 47 -2.36 4.46 -4.11
N LEU A 48 -3.39 5.31 -4.23
CA LEU A 48 -4.75 4.86 -3.98
C LEU A 48 -5.50 4.73 -5.30
N ILE A 49 -6.01 3.53 -5.55
CA ILE A 49 -6.74 3.25 -6.76
C ILE A 49 -8.23 3.10 -6.43
N ARG A 50 -9.02 4.03 -6.94
CA ARG A 50 -10.45 4.00 -6.71
C ARG A 50 -11.21 4.06 -8.04
N ASN A 51 -11.98 3.01 -8.29
CA ASN A 51 -12.76 2.93 -9.52
C ASN A 51 -11.83 2.59 -10.68
N GLY A 52 -10.57 2.37 -10.34
CA GLY A 52 -9.57 2.03 -11.34
C GLY A 52 -8.64 3.22 -11.61
N GLN A 53 -9.03 4.37 -11.10
CA GLN A 53 -8.24 5.58 -11.27
C GLN A 53 -7.50 5.91 -9.98
N VAL A 54 -6.33 6.50 -10.15
CA VAL A 54 -5.50 6.88 -9.00
C VAL A 54 -5.91 8.28 -8.53
N ILE A 55 -6.07 8.41 -7.22
CA ILE A 55 -6.44 9.68 -6.64
C ILE A 55 -5.22 10.31 -5.96
N TRP A 56 -4.49 9.47 -5.24
CA TRP A 56 -3.30 9.94 -4.54
C TRP A 56 -2.13 9.07 -5.00
N LYS A 57 -0.99 9.72 -5.21
CA LYS A 57 0.20 9.03 -5.64
C LYS A 57 1.41 9.58 -4.88
N GLY A 58 1.98 8.73 -4.05
CA GLY A 58 3.14 9.12 -3.26
C GLY A 58 3.45 8.07 -2.19
N SER A 59 4.15 8.52 -1.15
CA SER A 59 4.52 7.63 -0.06
C SER A 59 3.67 7.94 1.17
N LEU A 60 3.48 6.92 1.99
CA LEU A 60 2.69 7.08 3.21
C LEU A 60 3.50 7.87 4.24
N THR A 61 2.78 8.45 5.18
CA THR A 61 3.41 9.24 6.22
C THR A 61 3.38 8.48 7.55
N SER A 62 2.39 7.62 7.68
CA SER A 62 2.23 6.83 8.89
C SER A 62 1.60 5.47 8.55
N LEU A 63 1.74 4.55 9.49
CA LEU A 63 1.21 3.21 9.30
C LEU A 63 1.30 2.43 10.61
N LYS A 64 0.16 1.96 11.07
CA LYS A 64 0.10 1.20 12.32
C LYS A 64 -0.68 -0.09 12.08
N HIS A 65 -0.31 -1.11 12.85
CA HIS A 65 -0.97 -2.40 12.74
C HIS A 65 -2.07 -2.51 13.79
N HIS A 66 -2.98 -1.54 13.75
CA HIS A 66 -4.09 -1.52 14.69
C HIS A 66 -3.60 -0.95 16.03
N LYS A 67 -2.69 -1.67 16.66
CA LYS A 67 -2.15 -1.24 17.93
C LYS A 67 -0.69 -1.68 18.04
N ASP A 68 0.13 -1.13 17.15
CA ASP A 68 1.54 -1.46 17.13
C ASP A 68 2.21 -0.72 15.97
N ASP A 69 3.15 0.15 16.33
CA ASP A 69 3.86 0.93 15.33
C ASP A 69 4.84 0.02 14.58
N ILE A 70 4.29 -0.68 13.59
CA ILE A 70 5.09 -1.60 12.79
C ILE A 70 5.63 -0.86 11.57
N SER A 71 6.56 -1.51 10.88
CA SER A 71 7.16 -0.93 9.69
C SER A 71 6.80 -1.76 8.46
N VAL A 72 6.72 -3.07 8.68
CA VAL A 72 6.39 -3.99 7.60
C VAL A 72 5.11 -4.75 7.96
N ILE A 73 4.29 -4.97 6.94
CA ILE A 73 3.03 -5.68 7.13
C ILE A 73 3.00 -6.91 6.22
N LYS A 74 2.76 -8.05 6.83
CA LYS A 74 2.70 -9.31 6.10
C LYS A 74 1.34 -9.41 5.40
N THR A 75 1.10 -10.59 4.85
CA THR A 75 -0.16 -10.84 4.14
C THR A 75 -1.23 -11.29 5.14
N GLY A 76 -2.46 -10.89 4.85
CA GLY A 76 -3.59 -11.24 5.69
C GLY A 76 -3.57 -10.42 6.99
N MET A 77 -2.60 -9.52 7.06
CA MET A 77 -2.47 -8.68 8.24
C MET A 77 -3.19 -7.34 8.04
N ASP A 78 -3.97 -6.96 9.04
CA ASP A 78 -4.70 -5.71 9.00
C ASP A 78 -3.80 -4.57 9.45
N CYS A 79 -3.95 -3.43 8.79
CA CYS A 79 -3.16 -2.26 9.11
C CYS A 79 -3.85 -1.03 8.52
N GLY A 80 -3.47 0.13 9.02
CA GLY A 80 -4.04 1.38 8.55
C GLY A 80 -2.95 2.32 8.03
N LEU A 81 -3.26 2.97 6.92
CA LEU A 81 -2.32 3.90 6.32
C LEU A 81 -3.03 5.22 6.02
N SER A 82 -2.24 6.29 6.03
CA SER A 82 -2.78 7.62 5.77
C SER A 82 -1.86 8.38 4.81
N LEU A 83 -2.46 9.31 4.08
CA LEU A 83 -1.71 10.10 3.13
C LEU A 83 -1.56 11.53 3.66
N ASP A 84 -0.42 12.13 3.34
CA ASP A 84 -0.14 13.48 3.80
C ASP A 84 -1.28 14.41 3.35
N GLU A 85 -2.02 13.94 2.35
CA GLU A 85 -3.13 14.72 1.83
C GLU A 85 -4.43 14.29 2.50
N GLU A 86 -5.21 15.28 2.92
CA GLU A 86 -6.48 15.02 3.58
C GLU A 86 -7.61 14.97 2.54
N LYS A 87 -7.45 15.78 1.51
CA LYS A 87 -8.44 15.84 0.44
C LYS A 87 -8.75 14.42 -0.05
N VAL A 88 -7.69 13.65 -0.21
CA VAL A 88 -7.83 12.28 -0.67
C VAL A 88 -8.49 11.44 0.42
N GLU A 89 -9.60 10.82 0.07
CA GLU A 89 -10.33 9.99 1.00
C GLU A 89 -10.43 8.56 0.47
N PHE A 90 -10.26 7.61 1.39
CA PHE A 90 -10.33 6.21 1.03
C PHE A 90 -11.73 5.65 1.25
N LYS A 91 -12.12 4.73 0.38
CA LYS A 91 -13.43 4.11 0.47
C LYS A 91 -13.28 2.59 0.38
N PRO A 92 -14.36 1.89 0.83
CA PRO A 92 -14.35 0.43 0.81
C PRO A 92 -14.57 -0.09 -0.62
N GLY A 93 -13.72 0.37 -1.52
CA GLY A 93 -13.79 -0.05 -2.91
C GLY A 93 -12.62 0.51 -3.72
N ASP A 94 -11.49 0.63 -3.05
CA ASP A 94 -10.29 1.15 -3.69
C ASP A 94 -9.21 0.07 -3.70
N GLN A 95 -7.99 0.50 -3.99
CA GLN A 95 -6.87 -0.42 -4.03
C GLN A 95 -5.56 0.32 -3.73
N VAL A 96 -4.60 -0.42 -3.19
CA VAL A 96 -3.31 0.14 -2.85
C VAL A 96 -2.21 -0.72 -3.46
N ILE A 97 -1.72 -0.27 -4.61
CA ILE A 97 -0.66 -0.98 -5.30
C ILE A 97 0.70 -0.49 -4.80
N CYS A 98 1.37 -1.35 -4.06
CA CYS A 98 2.68 -1.02 -3.52
C CYS A 98 3.75 -1.61 -4.44
N TYR A 99 4.21 -0.78 -5.36
CA TYR A 99 5.23 -1.21 -6.31
C TYR A 99 6.61 -0.72 -5.88
N GLU A 100 7.62 -1.22 -6.57
CA GLU A 100 8.99 -0.85 -6.27
C GLU A 100 9.53 0.12 -7.32
N GLU A 101 10.34 1.06 -6.87
CA GLU A 101 10.92 2.05 -7.75
C GLU A 101 12.42 1.80 -7.93
N ASN A 102 12.73 0.96 -8.92
CA ASN A 102 14.11 0.62 -9.20
C ASN A 102 14.18 -0.29 -10.43
N LYS A 103 13.55 -1.45 -10.29
CA LYS A 103 13.52 -2.41 -11.37
C LYS A 103 14.93 -2.59 -11.93
N VAL A 104 15.67 -3.50 -11.32
CA VAL A 104 17.04 -3.77 -11.74
C VAL A 104 17.06 -5.04 -12.59
N PRO A 105 18.08 -5.13 -13.48
CA PRO A 105 18.23 -6.29 -14.34
C PRO A 105 18.78 -7.49 -13.56
N THR A 106 17.85 -8.31 -13.10
CA THR A 106 18.22 -9.50 -12.34
C THR A 106 17.27 -10.66 -12.66
N LYS A 107 17.85 -11.72 -13.21
CA LYS A 107 17.07 -12.89 -13.56
C LYS A 107 16.88 -13.77 -12.33
N THR A 108 15.63 -14.02 -12.01
CA THR A 108 15.29 -14.84 -10.86
C THR A 108 14.33 -15.96 -11.26
N SER A 109 14.61 -17.15 -10.75
CA SER A 109 13.78 -18.31 -11.04
C SER A 109 12.31 -17.93 -10.98
N TRP A 110 11.62 -18.15 -12.09
CA TRP A 110 10.20 -17.83 -12.16
C TRP A 110 9.45 -18.76 -11.21
N ASP A 111 8.31 -18.28 -10.74
CA ASP A 111 7.49 -19.05 -9.82
C ASP A 111 8.28 -19.28 -8.53
N PRO A 112 7.50 -19.38 -7.41
CA PRO A 112 8.11 -19.58 -6.10
C PRO A 112 8.58 -21.03 -5.94
N GLY A 113 9.81 -21.18 -5.49
CA GLY A 113 10.39 -22.50 -5.29
C GLY A 113 9.92 -23.11 -3.96
N PHE A 114 10.54 -24.22 -3.61
CA PHE A 114 10.20 -24.90 -2.37
C PHE A 114 10.91 -24.27 -1.18
N SER A 115 10.16 -24.17 -0.09
CA SER A 115 10.71 -23.58 1.13
C SER A 115 9.79 -23.91 2.32
N GLY A 116 10.41 -24.31 3.41
CA GLY A 116 9.67 -24.66 4.62
C GLY A 116 8.99 -26.02 4.47
N PRO A 117 8.44 -26.51 5.62
CA PRO A 117 7.76 -27.79 5.63
C PRO A 117 6.38 -27.69 4.97
N SER A 118 5.71 -28.83 4.89
CA SER A 118 4.40 -28.88 4.29
C SER A 118 3.34 -29.19 5.35
N SER A 119 2.10 -28.89 5.01
CA SER A 119 0.99 -29.12 5.93
C SER A 119 -0.28 -29.41 5.14
N GLY A 120 -1.15 -30.19 5.76
CA GLY A 120 -2.42 -30.55 5.13
C GLY A 120 -2.19 -31.24 3.78
N GLY A 1 10.71 1.38 -24.75
CA GLY A 1 10.67 2.74 -24.25
C GLY A 1 11.54 2.89 -23.00
N SER A 2 12.63 3.62 -23.16
CA SER A 2 13.55 3.85 -22.06
C SER A 2 14.17 2.52 -21.62
N SER A 3 15.35 2.24 -22.16
CA SER A 3 16.05 1.01 -21.83
C SER A 3 16.13 0.85 -20.31
N GLY A 4 15.53 -0.23 -19.83
CA GLY A 4 15.53 -0.52 -18.41
C GLY A 4 14.17 -1.09 -17.97
N SER A 5 14.16 -1.62 -16.76
CA SER A 5 12.95 -2.21 -16.21
C SER A 5 12.26 -1.22 -15.27
N SER A 6 10.96 -1.39 -15.13
CA SER A 6 10.18 -0.51 -14.27
C SER A 6 10.00 -1.16 -12.89
N GLY A 7 9.50 -0.36 -11.95
CA GLY A 7 9.26 -0.85 -10.61
C GLY A 7 8.07 -1.80 -10.57
N TYR A 8 8.20 -2.84 -9.74
CA TYR A 8 7.16 -3.82 -9.59
C TYR A 8 6.42 -3.66 -8.26
N PRO A 9 5.16 -4.17 -8.23
CA PRO A 9 4.35 -4.08 -7.02
C PRO A 9 4.82 -5.08 -5.98
N ILE A 10 5.07 -4.57 -4.78
CA ILE A 10 5.52 -5.42 -3.69
C ILE A 10 4.35 -6.25 -3.18
N GLY A 11 3.21 -5.59 -3.01
CA GLY A 11 2.02 -6.25 -2.53
C GLY A 11 0.78 -5.36 -2.69
N GLU A 12 -0.34 -6.01 -2.95
CA GLU A 12 -1.60 -5.28 -3.14
C GLU A 12 -2.44 -5.36 -1.87
N ALA A 13 -3.12 -4.25 -1.60
CA ALA A 13 -3.97 -4.18 -0.42
C ALA A 13 -5.32 -3.55 -0.80
N SER A 14 -6.38 -4.23 -0.39
CA SER A 14 -7.72 -3.75 -0.68
C SER A 14 -8.31 -3.04 0.54
N ILE A 15 -9.01 -1.96 0.29
CA ILE A 15 -9.62 -1.19 1.35
C ILE A 15 -11.02 -1.75 1.65
N LEU A 16 -11.19 -2.22 2.88
CA LEU A 16 -12.46 -2.79 3.29
C LEU A 16 -13.32 -1.68 3.91
N ALA A 17 -12.66 -0.81 4.66
CA ALA A 17 -13.35 0.29 5.32
C ALA A 17 -12.43 1.51 5.36
N THR A 18 -13.04 2.66 5.58
CA THR A 18 -12.29 3.91 5.67
C THR A 18 -12.91 4.84 6.71
N PHE A 19 -12.03 5.55 7.41
CA PHE A 19 -12.46 6.48 8.44
C PHE A 19 -11.37 7.49 8.76
N THR A 20 -11.66 8.34 9.74
CA THR A 20 -10.71 9.36 10.15
C THR A 20 -10.26 9.11 11.60
N VAL A 21 -9.20 9.80 11.99
CA VAL A 21 -8.66 9.66 13.33
C VAL A 21 -8.29 11.05 13.86
N THR A 22 -8.19 11.13 15.18
CA THR A 22 -7.85 12.37 15.84
C THR A 22 -6.46 12.29 16.45
N GLU A 23 -5.69 13.35 16.25
CA GLU A 23 -4.33 13.40 16.78
C GLU A 23 -3.99 14.83 17.22
N GLY A 24 -4.11 15.06 18.51
CA GLY A 24 -3.82 16.37 19.06
C GLY A 24 -5.02 17.30 18.95
N LYS A 25 -5.60 17.33 17.75
CA LYS A 25 -6.76 18.17 17.49
C LYS A 25 -7.20 17.98 16.04
N LYS A 26 -6.21 17.85 15.16
CA LYS A 26 -6.49 17.66 13.75
C LYS A 26 -7.19 16.32 13.54
N LYS A 27 -7.58 16.09 12.30
CA LYS A 27 -8.26 14.85 11.94
C LYS A 27 -7.60 14.24 10.71
N ILE A 28 -6.77 13.24 10.95
CA ILE A 28 -6.08 12.57 9.86
C ILE A 28 -6.93 11.39 9.36
N PRO A 29 -7.23 11.42 8.05
CA PRO A 29 -8.03 10.36 7.44
C PRO A 29 -7.21 9.08 7.26
N VAL A 30 -7.77 7.99 7.73
CA VAL A 30 -7.10 6.70 7.63
C VAL A 30 -7.94 5.77 6.76
N ALA A 31 -7.26 4.76 6.21
CA ALA A 31 -7.93 3.78 5.36
C ALA A 31 -7.51 2.38 5.77
N ASP A 32 -8.50 1.59 6.17
CA ASP A 32 -8.24 0.22 6.59
C ASP A 32 -8.31 -0.70 5.37
N CYS A 33 -7.20 -1.39 5.12
CA CYS A 33 -7.13 -2.30 3.99
C CYS A 33 -6.54 -3.63 4.49
N ARG A 34 -6.93 -4.70 3.82
CA ARG A 34 -6.45 -6.03 4.18
C ARG A 34 -5.46 -6.53 3.13
N VAL A 35 -4.24 -6.77 3.58
CA VAL A 35 -3.19 -7.26 2.69
C VAL A 35 -3.67 -8.54 2.00
N GLN A 36 -3.74 -8.47 0.69
CA GLN A 36 -4.17 -9.61 -0.10
C GLN A 36 -2.96 -10.42 -0.58
N LYS A 37 -1.93 -9.69 -0.96
CA LYS A 37 -0.72 -10.32 -1.45
C LYS A 37 0.47 -9.37 -1.25
N GLY A 38 1.55 -9.93 -0.73
CA GLY A 38 2.75 -9.14 -0.48
C GLY A 38 2.70 -8.50 0.91
N GLN A 39 3.37 -7.36 1.02
CA GLN A 39 3.42 -6.64 2.28
C GLN A 39 3.40 -5.13 2.03
N LEU A 40 3.17 -4.38 3.10
CA LEU A 40 3.12 -2.93 3.01
C LEU A 40 4.24 -2.34 3.87
N GLU A 41 5.03 -1.47 3.25
CA GLU A 41 6.13 -0.83 3.95
C GLU A 41 5.70 0.55 4.45
N ARG A 42 6.62 1.21 5.13
CA ARG A 42 6.35 2.53 5.67
C ARG A 42 7.22 3.57 4.96
N HIS A 43 8.33 3.09 4.40
CA HIS A 43 9.24 3.97 3.69
C HIS A 43 9.25 3.60 2.21
N LYS A 44 8.06 3.38 1.67
CA LYS A 44 7.93 3.03 0.27
C LYS A 44 6.87 3.92 -0.38
N LYS A 45 6.75 3.79 -1.69
CA LYS A 45 5.79 4.57 -2.44
C LYS A 45 4.47 3.82 -2.51
N PHE A 46 3.38 4.58 -2.51
CA PHE A 46 2.05 4.00 -2.58
C PHE A 46 1.11 4.88 -3.39
N LYS A 47 -0.10 4.36 -3.61
CA LYS A 47 -1.10 5.09 -4.37
C LYS A 47 -2.47 4.47 -4.11
N LEU A 48 -3.50 5.30 -4.23
CA LEU A 48 -4.86 4.85 -4.02
C LEU A 48 -5.56 4.70 -5.37
N ILE A 49 -6.00 3.48 -5.64
CA ILE A 49 -6.69 3.19 -6.88
C ILE A 49 -8.16 2.90 -6.60
N ARG A 50 -9.00 3.84 -7.02
CA ARG A 50 -10.44 3.70 -6.83
C ARG A 50 -11.17 3.73 -8.16
N ASN A 51 -11.80 2.61 -8.49
CA ASN A 51 -12.53 2.49 -9.73
C ASN A 51 -11.55 2.28 -10.88
N GLY A 52 -10.29 2.09 -10.52
CA GLY A 52 -9.24 1.88 -11.50
C GLY A 52 -8.41 3.15 -11.70
N GLN A 53 -8.95 4.25 -11.20
CA GLN A 53 -8.28 5.54 -11.32
C GLN A 53 -7.53 5.86 -10.02
N VAL A 54 -6.44 6.60 -10.18
CA VAL A 54 -5.63 6.99 -9.04
C VAL A 54 -6.10 8.35 -8.52
N ILE A 55 -6.43 8.39 -7.24
CA ILE A 55 -6.89 9.62 -6.62
C ILE A 55 -5.72 10.31 -5.93
N TRP A 56 -4.82 9.49 -5.38
CA TRP A 56 -3.65 10.00 -4.70
C TRP A 56 -2.45 9.18 -5.13
N LYS A 57 -1.33 9.86 -5.32
CA LYS A 57 -0.10 9.20 -5.73
C LYS A 57 1.07 9.77 -4.94
N GLY A 58 1.94 8.88 -4.50
CA GLY A 58 3.12 9.28 -3.73
C GLY A 58 3.50 8.21 -2.72
N SER A 59 3.79 8.66 -1.51
CA SER A 59 4.18 7.75 -0.44
C SER A 59 3.36 8.05 0.81
N LEU A 60 3.17 7.01 1.62
CA LEU A 60 2.41 7.16 2.86
C LEU A 60 3.22 7.98 3.86
N THR A 61 2.53 8.45 4.88
CA THR A 61 3.16 9.25 5.91
C THR A 61 3.29 8.45 7.21
N SER A 62 2.52 7.38 7.28
CA SER A 62 2.54 6.52 8.46
C SER A 62 1.89 5.17 8.13
N LEU A 63 2.19 4.20 8.98
CA LEU A 63 1.65 2.86 8.80
C LEU A 63 1.77 2.08 10.10
N LYS A 64 0.62 1.74 10.66
CA LYS A 64 0.59 0.99 11.91
C LYS A 64 -0.29 -0.25 11.73
N HIS A 65 -0.10 -1.20 12.63
CA HIS A 65 -0.86 -2.44 12.59
C HIS A 65 -1.87 -2.46 13.73
N HIS A 66 -1.33 -2.43 14.95
CA HIS A 66 -2.17 -2.45 16.13
C HIS A 66 -1.29 -2.33 17.38
N LYS A 67 -1.49 -1.23 18.10
CA LYS A 67 -0.73 -0.99 19.30
C LYS A 67 0.74 -1.36 19.07
N ASP A 68 1.25 -0.92 17.94
CA ASP A 68 2.64 -1.19 17.57
C ASP A 68 2.98 -0.46 16.28
N ASP A 69 3.93 0.47 16.40
CA ASP A 69 4.36 1.25 15.25
C ASP A 69 5.22 0.37 14.34
N ILE A 70 4.55 -0.43 13.53
CA ILE A 70 5.24 -1.31 12.61
C ILE A 70 5.46 -0.58 11.27
N SER A 71 6.35 -1.14 10.48
CA SER A 71 6.66 -0.57 9.18
C SER A 71 6.26 -1.53 8.07
N VAL A 72 6.42 -2.82 8.34
CA VAL A 72 6.08 -3.85 7.37
C VAL A 72 4.78 -4.54 7.81
N ILE A 73 4.04 -5.00 6.82
CA ILE A 73 2.78 -5.68 7.08
C ILE A 73 2.69 -6.94 6.23
N LYS A 74 2.52 -8.06 6.91
CA LYS A 74 2.42 -9.35 6.24
C LYS A 74 1.02 -9.51 5.65
N THR A 75 0.82 -10.63 4.98
CA THR A 75 -0.47 -10.91 4.37
C THR A 75 -1.46 -11.41 5.42
N GLY A 76 -2.68 -10.92 5.34
CA GLY A 76 -3.72 -11.31 6.27
C GLY A 76 -3.72 -10.39 7.49
N MET A 77 -2.83 -9.41 7.46
CA MET A 77 -2.71 -8.47 8.56
C MET A 77 -3.46 -7.16 8.25
N ASP A 78 -4.16 -6.65 9.25
CA ASP A 78 -4.91 -5.42 9.09
C ASP A 78 -4.05 -4.24 9.53
N CYS A 79 -4.05 -3.20 8.71
CA CYS A 79 -3.27 -2.01 9.00
C CYS A 79 -3.99 -0.81 8.37
N GLY A 80 -3.67 0.37 8.90
CA GLY A 80 -4.27 1.59 8.40
C GLY A 80 -3.20 2.60 7.97
N LEU A 81 -3.35 3.08 6.75
CA LEU A 81 -2.41 4.04 6.19
C LEU A 81 -3.12 5.38 5.97
N SER A 82 -2.32 6.40 5.74
CA SER A 82 -2.85 7.73 5.51
C SER A 82 -1.97 8.48 4.51
N LEU A 83 -2.57 9.47 3.86
CA LEU A 83 -1.85 10.27 2.89
C LEU A 83 -1.61 11.67 3.45
N ASP A 84 -0.59 12.33 2.91
CA ASP A 84 -0.25 13.67 3.36
C ASP A 84 -1.33 14.65 2.89
N GLU A 85 -2.10 14.21 1.91
CA GLU A 85 -3.17 15.04 1.36
C GLU A 85 -4.53 14.55 1.88
N GLU A 86 -4.78 14.85 3.14
CA GLU A 86 -6.03 14.45 3.77
C GLU A 86 -7.19 14.64 2.78
N LYS A 87 -7.03 15.61 1.90
CA LYS A 87 -8.04 15.90 0.91
C LYS A 87 -8.53 14.59 0.28
N VAL A 88 -7.56 13.76 -0.10
CA VAL A 88 -7.88 12.48 -0.71
C VAL A 88 -8.54 11.58 0.33
N GLU A 89 -9.77 11.17 0.02
CA GLU A 89 -10.52 10.31 0.90
C GLU A 89 -10.60 8.89 0.33
N PHE A 90 -10.44 7.92 1.22
CA PHE A 90 -10.48 6.52 0.82
C PHE A 90 -11.89 5.95 0.97
N LYS A 91 -12.22 5.03 0.09
CA LYS A 91 -13.53 4.39 0.11
C LYS A 91 -13.36 2.87 0.03
N PRO A 92 -14.44 2.15 0.46
CA PRO A 92 -14.42 0.70 0.44
C PRO A 92 -14.59 0.17 -0.98
N GLY A 93 -13.48 -0.29 -1.55
CA GLY A 93 -13.50 -0.83 -2.89
C GLY A 93 -12.41 -0.19 -3.75
N ASP A 94 -11.26 0.02 -3.14
CA ASP A 94 -10.14 0.62 -3.83
C ASP A 94 -8.95 -0.34 -3.82
N GLN A 95 -7.78 0.19 -4.17
CA GLN A 95 -6.58 -0.60 -4.20
C GLN A 95 -5.38 0.23 -3.74
N VAL A 96 -4.45 -0.45 -3.08
CA VAL A 96 -3.26 0.21 -2.59
C VAL A 96 -2.02 -0.59 -3.01
N ILE A 97 -1.38 -0.12 -4.07
CA ILE A 97 -0.20 -0.77 -4.59
C ILE A 97 1.04 -0.18 -3.92
N CYS A 98 1.86 -1.06 -3.36
CA CYS A 98 3.07 -0.63 -2.68
C CYS A 98 4.27 -1.10 -3.52
N TYR A 99 4.82 -0.16 -4.28
CA TYR A 99 5.97 -0.46 -5.11
C TYR A 99 7.22 0.27 -4.63
N GLU A 100 8.34 -0.05 -5.26
CA GLU A 100 9.60 0.58 -4.90
C GLU A 100 10.34 1.05 -6.16
N GLU A 101 10.69 2.32 -6.14
CA GLU A 101 11.40 2.90 -7.27
C GLU A 101 12.88 2.52 -7.23
N ASN A 102 13.52 2.85 -6.11
CA ASN A 102 14.92 2.54 -5.93
C ASN A 102 15.11 1.03 -5.84
N LYS A 103 15.67 0.46 -6.89
CA LYS A 103 15.91 -0.97 -6.94
C LYS A 103 17.30 -1.27 -6.40
N VAL A 104 17.44 -2.46 -5.83
CA VAL A 104 18.72 -2.87 -5.29
C VAL A 104 19.04 -4.29 -5.77
N PRO A 105 20.31 -4.46 -6.23
CA PRO A 105 20.75 -5.76 -6.73
C PRO A 105 21.00 -6.73 -5.58
N THR A 106 20.32 -7.87 -5.65
CA THR A 106 20.46 -8.88 -4.61
C THR A 106 21.93 -9.24 -4.42
N LYS A 107 22.68 -9.19 -5.52
CA LYS A 107 24.09 -9.50 -5.46
C LYS A 107 24.28 -10.90 -4.87
N THR A 108 24.08 -11.90 -5.73
CA THR A 108 24.23 -13.28 -5.30
C THR A 108 25.70 -13.61 -5.05
N SER A 109 25.91 -14.60 -4.20
CA SER A 109 27.27 -15.03 -3.87
C SER A 109 27.30 -16.53 -3.60
N TRP A 110 28.42 -17.14 -3.95
CA TRP A 110 28.59 -18.57 -3.76
C TRP A 110 29.16 -18.80 -2.36
N ASP A 111 28.39 -19.55 -1.57
CA ASP A 111 28.81 -19.85 -0.20
C ASP A 111 27.97 -21.02 0.32
N PRO A 112 28.66 -21.91 1.08
CA PRO A 112 28.00 -23.07 1.65
C PRO A 112 27.13 -22.68 2.85
N GLY A 113 25.84 -22.89 2.70
CA GLY A 113 24.90 -22.57 3.75
C GLY A 113 24.55 -23.81 4.58
N PHE A 114 24.46 -23.60 5.88
CA PHE A 114 24.14 -24.69 6.80
C PHE A 114 22.62 -24.87 6.91
N SER A 115 22.24 -26.02 7.47
CA SER A 115 20.83 -26.34 7.64
C SER A 115 20.60 -26.98 9.01
N GLY A 116 19.34 -27.05 9.39
CA GLY A 116 18.98 -27.65 10.67
C GLY A 116 18.16 -26.67 11.51
N PRO A 117 17.81 -27.12 12.74
CA PRO A 117 17.03 -26.31 13.66
C PRO A 117 17.90 -25.20 14.27
N SER A 118 17.76 -24.01 13.72
CA SER A 118 18.52 -22.87 14.21
C SER A 118 17.80 -22.22 15.38
N SER A 119 18.53 -21.36 16.09
CA SER A 119 17.97 -20.67 17.23
C SER A 119 17.25 -19.40 16.79
N GLY A 120 16.00 -19.57 16.38
CA GLY A 120 15.20 -18.45 15.93
C GLY A 120 13.84 -18.93 15.41
N GLY A 1 1.38 13.50 -16.46
CA GLY A 1 2.51 13.69 -17.36
C GLY A 1 2.78 12.41 -18.16
N SER A 2 4.04 12.04 -18.22
CA SER A 2 4.44 10.85 -18.96
C SER A 2 4.83 9.74 -17.99
N SER A 3 4.01 8.70 -17.96
CA SER A 3 4.25 7.57 -17.08
C SER A 3 5.51 6.82 -17.53
N GLY A 4 6.13 6.14 -16.57
CA GLY A 4 7.33 5.39 -16.85
C GLY A 4 7.73 4.52 -15.66
N SER A 5 6.88 3.56 -15.35
CA SER A 5 7.12 2.67 -14.24
C SER A 5 7.27 1.23 -14.75
N SER A 6 8.50 0.74 -14.69
CA SER A 6 8.80 -0.61 -15.14
C SER A 6 9.24 -1.47 -13.95
N GLY A 7 8.71 -2.69 -13.91
CA GLY A 7 9.04 -3.61 -12.84
C GLY A 7 7.81 -4.41 -12.41
N TYR A 8 7.58 -4.42 -11.11
CA TYR A 8 6.45 -5.15 -10.55
C TYR A 8 6.15 -4.69 -9.13
N PRO A 9 4.87 -4.92 -8.71
CA PRO A 9 4.44 -4.53 -7.38
C PRO A 9 4.99 -5.49 -6.32
N ILE A 10 5.38 -4.91 -5.19
CA ILE A 10 5.94 -5.69 -4.10
C ILE A 10 4.79 -6.36 -3.32
N GLY A 11 3.73 -5.58 -3.14
CA GLY A 11 2.57 -6.08 -2.41
C GLY A 11 1.36 -5.16 -2.62
N GLU A 12 0.19 -5.77 -2.65
CA GLU A 12 -1.04 -5.03 -2.84
C GLU A 12 -1.92 -5.12 -1.59
N ALA A 13 -2.90 -4.23 -1.52
CA ALA A 13 -3.81 -4.20 -0.38
C ALA A 13 -5.16 -3.65 -0.83
N SER A 14 -6.21 -4.09 -0.16
CA SER A 14 -7.55 -3.65 -0.48
C SER A 14 -8.19 -3.00 0.75
N ILE A 15 -8.82 -1.85 0.51
CA ILE A 15 -9.47 -1.12 1.58
C ILE A 15 -10.83 -1.76 1.87
N LEU A 16 -10.98 -2.20 3.12
CA LEU A 16 -12.22 -2.83 3.54
C LEU A 16 -13.13 -1.79 4.16
N ALA A 17 -12.51 -0.87 4.91
CA ALA A 17 -13.25 0.18 5.57
C ALA A 17 -12.43 1.47 5.54
N THR A 18 -13.12 2.59 5.74
CA THR A 18 -12.47 3.89 5.73
C THR A 18 -13.06 4.79 6.81
N PHE A 19 -12.19 5.45 7.55
CA PHE A 19 -12.61 6.34 8.61
C PHE A 19 -11.54 7.39 8.90
N THR A 20 -11.83 8.23 9.90
CA THR A 20 -10.91 9.28 10.28
C THR A 20 -10.49 9.11 11.75
N VAL A 21 -9.42 9.79 12.10
CA VAL A 21 -8.90 9.73 13.46
C VAL A 21 -8.62 11.15 13.95
N THR A 22 -8.54 11.27 15.28
CA THR A 22 -8.26 12.56 15.89
C THR A 22 -6.92 12.53 16.62
N GLU A 23 -6.18 13.61 16.48
CA GLU A 23 -4.88 13.73 17.11
C GLU A 23 -4.65 15.16 17.61
N GLY A 24 -4.88 15.34 18.91
CA GLY A 24 -4.71 16.65 19.52
C GLY A 24 -5.94 17.52 19.31
N LYS A 25 -6.38 17.56 18.05
CA LYS A 25 -7.55 18.36 17.70
C LYS A 25 -7.89 18.13 16.23
N LYS A 26 -6.85 18.07 15.41
CA LYS A 26 -7.02 17.85 13.99
C LYS A 26 -7.70 16.51 13.76
N LYS A 27 -8.06 16.26 12.51
CA LYS A 27 -8.72 15.02 12.14
C LYS A 27 -8.03 14.43 10.91
N ILE A 28 -7.14 13.47 11.18
CA ILE A 28 -6.41 12.82 10.10
C ILE A 28 -7.20 11.59 9.63
N PRO A 29 -7.46 11.56 8.30
CA PRO A 29 -8.19 10.45 7.70
C PRO A 29 -7.32 9.20 7.61
N VAL A 30 -7.93 8.07 7.93
CA VAL A 30 -7.21 6.80 7.88
C VAL A 30 -8.00 5.82 7.02
N ALA A 31 -7.26 4.90 6.40
CA ALA A 31 -7.88 3.90 5.55
C ALA A 31 -7.38 2.51 5.96
N ASP A 32 -8.34 1.66 6.32
CA ASP A 32 -8.01 0.31 6.75
C ASP A 32 -8.08 -0.62 5.53
N CYS A 33 -6.97 -1.30 5.28
CA CYS A 33 -6.89 -2.22 4.16
C CYS A 33 -6.26 -3.53 4.66
N ARG A 34 -6.65 -4.62 4.02
CA ARG A 34 -6.15 -5.93 4.38
C ARG A 34 -5.24 -6.48 3.27
N VAL A 35 -3.98 -6.67 3.61
CA VAL A 35 -3.02 -7.18 2.66
C VAL A 35 -3.56 -8.47 2.05
N GLN A 36 -3.59 -8.48 0.72
CA GLN A 36 -4.08 -9.65 -0.01
C GLN A 36 -2.91 -10.41 -0.64
N LYS A 37 -1.91 -9.64 -1.05
CA LYS A 37 -0.73 -10.22 -1.68
C LYS A 37 0.50 -9.38 -1.32
N GLY A 38 1.57 -10.08 -0.99
CA GLY A 38 2.81 -9.42 -0.64
C GLY A 38 2.68 -8.70 0.71
N GLN A 39 3.55 -7.72 0.91
CA GLN A 39 3.54 -6.94 2.13
C GLN A 39 3.64 -5.45 1.83
N LEU A 40 3.57 -4.66 2.88
CA LEU A 40 3.65 -3.21 2.74
C LEU A 40 4.90 -2.69 3.46
N GLU A 41 5.73 -1.99 2.72
CA GLU A 41 6.95 -1.43 3.28
C GLU A 41 6.81 0.07 3.48
N ARG A 42 6.90 0.49 4.73
CA ARG A 42 6.79 1.89 5.07
C ARG A 42 7.98 2.68 4.52
N HIS A 43 8.00 2.81 3.20
CA HIS A 43 9.07 3.53 2.54
C HIS A 43 8.82 3.54 1.03
N LYS A 44 8.43 2.38 0.51
CA LYS A 44 8.15 2.26 -0.92
C LYS A 44 7.08 3.27 -1.31
N LYS A 45 6.61 3.14 -2.54
CA LYS A 45 5.59 4.03 -3.06
C LYS A 45 4.23 3.36 -2.93
N PHE A 46 3.19 4.18 -3.08
CA PHE A 46 1.83 3.69 -2.97
C PHE A 46 0.88 4.54 -3.82
N LYS A 47 -0.27 3.95 -4.12
CA LYS A 47 -1.27 4.64 -4.92
C LYS A 47 -2.67 4.15 -4.52
N LEU A 48 -3.60 5.09 -4.45
CA LEU A 48 -4.97 4.77 -4.07
C LEU A 48 -5.85 4.78 -5.33
N ILE A 49 -6.14 3.58 -5.82
CA ILE A 49 -6.97 3.45 -7.01
C ILE A 49 -8.43 3.38 -6.60
N ARG A 50 -9.19 4.36 -7.06
CA ARG A 50 -10.61 4.41 -6.74
C ARG A 50 -11.44 4.34 -8.02
N ASN A 51 -12.13 3.23 -8.19
CA ASN A 51 -12.97 3.02 -9.36
C ASN A 51 -12.12 2.42 -10.49
N GLY A 52 -10.87 2.85 -10.55
CA GLY A 52 -9.95 2.36 -11.56
C GLY A 52 -8.75 3.28 -11.71
N GLN A 53 -8.96 4.54 -11.37
CA GLN A 53 -7.91 5.54 -11.45
C GLN A 53 -7.40 5.90 -10.05
N VAL A 54 -6.13 6.26 -10.00
CA VAL A 54 -5.51 6.64 -8.73
C VAL A 54 -5.82 8.10 -8.43
N ILE A 55 -5.94 8.39 -7.14
CA ILE A 55 -6.24 9.75 -6.70
C ILE A 55 -5.02 10.31 -5.96
N TRP A 56 -4.31 9.41 -5.28
CA TRP A 56 -3.14 9.80 -4.52
C TRP A 56 -2.00 8.86 -4.90
N LYS A 57 -0.84 9.46 -5.17
CA LYS A 57 0.33 8.69 -5.54
C LYS A 57 1.55 9.21 -4.77
N GLY A 58 2.24 8.28 -4.13
CA GLY A 58 3.43 8.64 -3.35
C GLY A 58 3.64 7.66 -2.20
N SER A 59 4.42 8.11 -1.22
CA SER A 59 4.70 7.29 -0.06
C SER A 59 3.79 7.69 1.11
N LEU A 60 3.50 6.71 1.95
CA LEU A 60 2.65 6.96 3.10
C LEU A 60 3.41 7.79 4.13
N THR A 61 2.65 8.43 5.01
CA THR A 61 3.23 9.26 6.05
C THR A 61 3.23 8.53 7.39
N SER A 62 2.47 7.43 7.43
CA SER A 62 2.37 6.63 8.63
C SER A 62 1.88 5.23 8.29
N LEU A 63 2.00 4.34 9.27
CA LEU A 63 1.58 2.96 9.08
C LEU A 63 1.74 2.20 10.40
N LYS A 64 0.63 1.67 10.89
CA LYS A 64 0.64 0.91 12.13
C LYS A 64 -0.27 -0.31 11.98
N HIS A 65 0.02 -1.32 12.79
CA HIS A 65 -0.76 -2.55 12.77
C HIS A 65 -1.64 -2.62 14.01
N HIS A 66 -2.18 -1.47 14.38
CA HIS A 66 -3.05 -1.38 15.54
C HIS A 66 -2.21 -1.50 16.82
N LYS A 67 -2.25 -0.44 17.61
CA LYS A 67 -1.50 -0.40 18.86
C LYS A 67 -0.13 -1.07 18.65
N ASP A 68 0.60 -0.53 17.68
CA ASP A 68 1.91 -1.07 17.37
C ASP A 68 2.49 -0.31 16.16
N ASP A 69 3.62 0.34 16.41
CA ASP A 69 4.27 1.11 15.35
C ASP A 69 5.19 0.18 14.55
N ILE A 70 4.58 -0.52 13.61
CA ILE A 70 5.32 -1.44 12.77
C ILE A 70 5.80 -0.72 11.51
N SER A 71 6.65 -1.39 10.76
CA SER A 71 7.17 -0.82 9.52
C SER A 71 6.71 -1.64 8.32
N VAL A 72 6.77 -2.96 8.48
CA VAL A 72 6.34 -3.86 7.42
C VAL A 72 5.04 -4.55 7.82
N ILE A 73 4.19 -4.75 6.83
CA ILE A 73 2.91 -5.40 7.07
C ILE A 73 2.82 -6.66 6.22
N LYS A 74 2.74 -7.79 6.91
CA LYS A 74 2.64 -9.08 6.22
C LYS A 74 1.21 -9.26 5.70
N THR A 75 0.98 -10.43 5.12
CA THR A 75 -0.33 -10.75 4.57
C THR A 75 -1.30 -11.12 5.69
N GLY A 76 -2.58 -10.88 5.44
CA GLY A 76 -3.61 -11.18 6.40
C GLY A 76 -3.50 -10.26 7.62
N MET A 77 -2.66 -9.25 7.48
CA MET A 77 -2.46 -8.29 8.56
C MET A 77 -3.18 -6.98 8.26
N ASP A 78 -4.04 -6.58 9.18
CA ASP A 78 -4.79 -5.34 9.03
C ASP A 78 -3.95 -4.17 9.56
N CYS A 79 -3.89 -3.12 8.76
CA CYS A 79 -3.13 -1.95 9.12
C CYS A 79 -3.84 -0.72 8.54
N GLY A 80 -3.59 0.43 9.17
CA GLY A 80 -4.19 1.67 8.72
C GLY A 80 -3.12 2.69 8.33
N LEU A 81 -3.30 3.25 7.15
CA LEU A 81 -2.35 4.24 6.64
C LEU A 81 -3.07 5.58 6.47
N SER A 82 -2.30 6.58 6.08
CA SER A 82 -2.85 7.92 5.87
C SER A 82 -1.95 8.70 4.90
N LEU A 83 -2.61 9.44 4.02
CA LEU A 83 -1.89 10.25 3.04
C LEU A 83 -1.71 11.66 3.59
N ASP A 84 -0.56 12.24 3.28
CA ASP A 84 -0.25 13.58 3.73
C ASP A 84 -1.35 14.53 3.25
N GLU A 85 -1.99 14.14 2.16
CA GLU A 85 -3.05 14.96 1.59
C GLU A 85 -4.41 14.49 2.11
N GLU A 86 -4.83 15.12 3.20
CA GLU A 86 -6.11 14.78 3.81
C GLU A 86 -7.24 14.96 2.80
N LYS A 87 -6.95 15.74 1.77
CA LYS A 87 -7.94 16.00 0.73
C LYS A 87 -8.39 14.68 0.12
N VAL A 88 -7.41 13.80 -0.13
CA VAL A 88 -7.69 12.51 -0.71
C VAL A 88 -8.48 11.67 0.29
N GLU A 89 -9.54 11.03 -0.21
CA GLU A 89 -10.39 10.20 0.63
C GLU A 89 -10.46 8.79 0.06
N PHE A 90 -10.45 7.82 0.97
CA PHE A 90 -10.51 6.42 0.57
C PHE A 90 -11.94 5.88 0.66
N LYS A 91 -12.12 4.68 0.15
CA LYS A 91 -13.42 4.04 0.17
C LYS A 91 -13.25 2.53 0.12
N PRO A 92 -14.33 1.81 0.55
CA PRO A 92 -14.29 0.36 0.56
C PRO A 92 -14.46 -0.19 -0.86
N GLY A 93 -13.59 0.26 -1.75
CA GLY A 93 -13.64 -0.18 -3.13
C GLY A 93 -12.47 0.41 -3.93
N ASP A 94 -11.35 0.57 -3.24
CA ASP A 94 -10.16 1.13 -3.87
C ASP A 94 -9.04 0.08 -3.84
N GLN A 95 -7.86 0.52 -4.23
CA GLN A 95 -6.71 -0.36 -4.25
C GLN A 95 -5.46 0.37 -3.74
N VAL A 96 -4.52 -0.40 -3.23
CA VAL A 96 -3.29 0.16 -2.71
C VAL A 96 -2.11 -0.70 -3.17
N ILE A 97 -1.46 -0.25 -4.24
CA ILE A 97 -0.32 -0.98 -4.78
C ILE A 97 0.96 -0.46 -4.13
N CYS A 98 1.69 -1.38 -3.51
CA CYS A 98 2.94 -1.03 -2.86
C CYS A 98 4.10 -1.53 -3.71
N TYR A 99 4.63 -0.63 -4.52
CA TYR A 99 5.74 -0.97 -5.39
C TYR A 99 6.79 0.15 -5.41
N GLU A 100 7.87 -0.11 -6.12
CA GLU A 100 8.95 0.86 -6.24
C GLU A 100 9.19 1.22 -7.70
N GLU A 101 9.20 2.51 -7.98
CA GLU A 101 9.41 3.00 -9.33
C GLU A 101 10.88 3.40 -9.52
N ASN A 102 11.53 2.73 -10.46
CA ASN A 102 12.93 3.02 -10.75
C ASN A 102 13.06 3.47 -12.20
N LYS A 103 13.79 4.55 -12.39
CA LYS A 103 14.01 5.09 -13.72
C LYS A 103 15.21 4.40 -14.37
N VAL A 104 15.24 4.44 -15.68
CA VAL A 104 16.32 3.82 -16.43
C VAL A 104 16.35 2.32 -16.11
N PRO A 105 17.06 1.56 -16.99
CA PRO A 105 17.18 0.13 -16.82
C PRO A 105 18.16 -0.21 -15.69
N THR A 106 18.01 -1.42 -15.17
CA THR A 106 18.87 -1.88 -14.10
C THR A 106 19.48 -3.25 -14.43
N LYS A 107 20.70 -3.46 -13.97
CA LYS A 107 21.39 -4.70 -14.21
C LYS A 107 21.76 -5.35 -12.87
N THR A 108 21.09 -6.46 -12.59
CA THR A 108 21.34 -7.18 -11.35
C THR A 108 21.57 -8.67 -11.63
N SER A 109 22.75 -9.13 -11.30
CA SER A 109 23.11 -10.53 -11.51
C SER A 109 22.52 -11.39 -10.40
N TRP A 110 22.88 -11.06 -9.17
CA TRP A 110 22.40 -11.80 -8.02
C TRP A 110 22.50 -13.30 -8.33
N ASP A 111 23.70 -13.82 -8.18
CA ASP A 111 23.94 -15.23 -8.44
C ASP A 111 24.53 -15.88 -7.19
N PRO A 112 23.84 -16.95 -6.72
CA PRO A 112 24.28 -17.68 -5.53
C PRO A 112 25.49 -18.56 -5.85
N GLY A 113 26.61 -17.90 -6.10
CA GLY A 113 27.83 -18.61 -6.42
C GLY A 113 28.97 -18.20 -5.47
N PHE A 114 29.63 -19.22 -4.94
CA PHE A 114 30.73 -18.98 -4.01
C PHE A 114 32.04 -18.70 -4.77
N SER A 115 32.88 -17.89 -4.15
CA SER A 115 34.16 -17.54 -4.75
C SER A 115 35.27 -17.65 -3.71
N GLY A 116 35.11 -16.89 -2.63
CA GLY A 116 36.10 -16.89 -1.57
C GLY A 116 37.19 -15.84 -1.82
N PRO A 117 38.02 -15.61 -0.77
CA PRO A 117 39.09 -14.64 -0.86
C PRO A 117 40.25 -15.19 -1.69
N SER A 118 40.89 -14.29 -2.43
CA SER A 118 42.01 -14.67 -3.27
C SER A 118 42.97 -13.49 -3.43
N SER A 119 42.44 -12.39 -3.95
CA SER A 119 43.23 -11.20 -4.15
C SER A 119 42.77 -10.09 -3.19
N GLY A 120 41.50 -9.75 -3.31
CA GLY A 120 40.93 -8.71 -2.46
C GLY A 120 39.95 -7.84 -3.25
N GLY A 1 -6.47 5.24 -15.44
CA GLY A 1 -5.91 6.55 -15.15
C GLY A 1 -4.41 6.47 -14.83
N SER A 2 -3.64 6.15 -15.85
CA SER A 2 -2.21 6.03 -15.70
C SER A 2 -1.63 7.33 -15.14
N SER A 3 -0.56 7.18 -14.36
CA SER A 3 0.09 8.33 -13.77
C SER A 3 1.60 8.15 -13.79
N GLY A 4 2.06 7.11 -13.10
CA GLY A 4 3.48 6.82 -13.03
C GLY A 4 3.73 5.52 -12.27
N SER A 5 4.45 4.62 -12.92
CA SER A 5 4.78 3.34 -12.30
C SER A 5 5.83 2.61 -13.14
N SER A 6 7.06 2.65 -12.65
CA SER A 6 8.16 2.00 -13.34
C SER A 6 8.75 0.90 -12.46
N GLY A 7 7.96 0.47 -11.49
CA GLY A 7 8.39 -0.58 -10.59
C GLY A 7 7.25 -1.56 -10.31
N TYR A 8 7.56 -2.84 -10.49
CA TYR A 8 6.59 -3.89 -10.27
C TYR A 8 5.93 -3.74 -8.89
N PRO A 9 4.68 -4.27 -8.79
CA PRO A 9 3.93 -4.20 -7.55
C PRO A 9 4.47 -5.20 -6.53
N ILE A 10 4.81 -4.68 -5.36
CA ILE A 10 5.34 -5.51 -4.29
C ILE A 10 4.19 -6.26 -3.61
N GLY A 11 3.11 -5.54 -3.37
CA GLY A 11 1.94 -6.12 -2.73
C GLY A 11 0.73 -5.20 -2.88
N GLU A 12 -0.39 -5.81 -3.24
CA GLU A 12 -1.63 -5.07 -3.41
C GLU A 12 -2.53 -5.23 -2.19
N ALA A 13 -2.92 -4.09 -1.62
CA ALA A 13 -3.77 -4.10 -0.45
C ALA A 13 -5.16 -3.56 -0.84
N SER A 14 -6.18 -4.17 -0.22
CA SER A 14 -7.55 -3.76 -0.49
C SER A 14 -8.17 -3.15 0.76
N ILE A 15 -8.82 -2.01 0.56
CA ILE A 15 -9.46 -1.31 1.67
C ILE A 15 -10.80 -1.98 1.99
N LEU A 16 -10.96 -2.33 3.26
CA LEU A 16 -12.19 -2.97 3.70
C LEU A 16 -13.05 -1.96 4.45
N ALA A 17 -12.38 -1.06 5.15
CA ALA A 17 -13.06 -0.04 5.92
C ALA A 17 -12.24 1.26 5.89
N THR A 18 -12.95 2.37 6.07
CA THR A 18 -12.30 3.67 6.06
C THR A 18 -12.90 4.57 7.15
N PHE A 19 -12.02 5.27 7.84
CA PHE A 19 -12.45 6.17 8.90
C PHE A 19 -11.44 7.31 9.09
N THR A 20 -11.75 8.16 10.05
CA THR A 20 -10.88 9.29 10.36
C THR A 20 -10.37 9.22 11.79
N VAL A 21 -9.32 9.98 12.05
CA VAL A 21 -8.72 10.00 13.37
C VAL A 21 -8.37 11.44 13.75
N THR A 22 -8.19 11.66 15.04
CA THR A 22 -7.86 12.98 15.54
C THR A 22 -6.46 12.98 16.17
N GLU A 23 -5.63 13.90 15.69
CA GLU A 23 -4.28 14.02 16.19
C GLU A 23 -3.81 15.47 16.14
N GLY A 24 -3.89 16.13 17.30
CA GLY A 24 -3.49 17.51 17.40
C GLY A 24 -4.55 18.44 16.81
N LYS A 25 -5.76 18.31 17.33
CA LYS A 25 -6.86 19.14 16.86
C LYS A 25 -6.95 19.05 15.33
N LYS A 26 -6.50 17.91 14.82
CA LYS A 26 -6.51 17.69 13.38
C LYS A 26 -7.40 16.47 13.07
N LYS A 27 -7.65 16.29 11.79
CA LYS A 27 -8.47 15.16 11.34
C LYS A 27 -7.78 14.46 10.18
N ILE A 28 -7.00 13.44 10.52
CA ILE A 28 -6.28 12.68 9.52
C ILE A 28 -7.10 11.46 9.13
N PRO A 29 -7.45 11.38 7.82
CA PRO A 29 -8.24 10.28 7.30
C PRO A 29 -7.38 9.01 7.17
N VAL A 30 -7.82 7.96 7.84
CA VAL A 30 -7.11 6.70 7.81
C VAL A 30 -7.87 5.71 6.91
N ALA A 31 -7.13 4.73 6.42
CA ALA A 31 -7.72 3.72 5.56
C ALA A 31 -7.20 2.34 5.97
N ASP A 32 -8.14 1.48 6.36
CA ASP A 32 -7.79 0.14 6.78
C ASP A 32 -7.95 -0.82 5.60
N CYS A 33 -6.84 -1.44 5.23
CA CYS A 33 -6.85 -2.38 4.12
C CYS A 33 -6.15 -3.66 4.58
N ARG A 34 -6.54 -4.77 3.94
CA ARG A 34 -5.96 -6.06 4.27
C ARG A 34 -5.07 -6.55 3.12
N VAL A 35 -3.80 -6.70 3.44
CA VAL A 35 -2.83 -7.16 2.45
C VAL A 35 -3.36 -8.44 1.79
N GLN A 36 -3.52 -8.37 0.48
CA GLN A 36 -4.01 -9.52 -0.27
C GLN A 36 -2.84 -10.32 -0.84
N LYS A 37 -1.79 -9.60 -1.20
CA LYS A 37 -0.60 -10.24 -1.75
C LYS A 37 0.64 -9.43 -1.36
N GLY A 38 1.72 -10.14 -1.09
CA GLY A 38 2.96 -9.50 -0.70
C GLY A 38 2.86 -8.91 0.70
N GLN A 39 3.41 -7.70 0.84
CA GLN A 39 3.39 -7.02 2.12
C GLN A 39 3.47 -5.50 1.91
N LEU A 40 3.34 -4.78 3.01
CA LEU A 40 3.40 -3.33 2.97
C LEU A 40 4.59 -2.84 3.78
N GLU A 41 5.44 -2.07 3.12
CA GLU A 41 6.63 -1.53 3.76
C GLU A 41 6.50 -0.01 3.95
N ARG A 42 6.75 0.42 5.17
CA ARG A 42 6.67 1.84 5.49
C ARG A 42 7.91 2.57 4.99
N HIS A 43 7.88 2.90 3.71
CA HIS A 43 9.00 3.60 3.09
C HIS A 43 8.72 3.81 1.60
N LYS A 44 8.47 2.69 0.93
CA LYS A 44 8.19 2.72 -0.50
C LYS A 44 7.07 3.71 -0.77
N LYS A 45 6.67 3.77 -2.03
CA LYS A 45 5.61 4.68 -2.43
C LYS A 45 4.28 3.91 -2.51
N PHE A 46 3.19 4.66 -2.55
CA PHE A 46 1.87 4.06 -2.63
C PHE A 46 0.91 4.96 -3.41
N LYS A 47 -0.29 4.42 -3.64
CA LYS A 47 -1.30 5.16 -4.37
C LYS A 47 -2.68 4.55 -4.08
N LEU A 48 -3.68 5.42 -4.07
CA LEU A 48 -5.04 4.98 -3.81
C LEU A 48 -5.82 4.93 -5.12
N ILE A 49 -6.07 3.72 -5.59
CA ILE A 49 -6.80 3.53 -6.83
C ILE A 49 -8.30 3.39 -6.53
N ARG A 50 -9.07 4.29 -7.10
CA ARG A 50 -10.51 4.28 -6.90
C ARG A 50 -11.24 4.39 -8.24
N ASN A 51 -11.89 3.31 -8.61
CA ASN A 51 -12.63 3.26 -9.86
C ASN A 51 -11.69 2.85 -10.99
N GLY A 52 -10.40 2.86 -10.68
CA GLY A 52 -9.39 2.48 -11.66
C GLY A 52 -8.28 3.54 -11.73
N GLN A 53 -8.63 4.75 -11.31
CA GLN A 53 -7.68 5.85 -11.33
C GLN A 53 -7.23 6.17 -9.90
N VAL A 54 -5.97 6.60 -9.80
CA VAL A 54 -5.41 6.95 -8.51
C VAL A 54 -5.89 8.34 -8.10
N ILE A 55 -6.05 8.53 -6.80
CA ILE A 55 -6.49 9.80 -6.28
C ILE A 55 -5.37 10.42 -5.44
N TRP A 56 -4.40 9.60 -5.09
CA TRP A 56 -3.27 10.05 -4.30
C TRP A 56 -2.03 9.26 -4.74
N LYS A 57 -0.92 9.98 -4.84
CA LYS A 57 0.33 9.36 -5.25
C LYS A 57 1.46 9.85 -4.33
N GLY A 58 2.23 8.89 -3.85
CA GLY A 58 3.34 9.20 -2.96
C GLY A 58 3.48 8.15 -1.86
N SER A 59 4.24 8.51 -0.84
CA SER A 59 4.46 7.62 0.29
C SER A 59 3.56 8.02 1.46
N LEU A 60 3.21 7.02 2.26
CA LEU A 60 2.36 7.26 3.41
C LEU A 60 3.12 8.10 4.45
N THR A 61 2.37 8.60 5.42
CA THR A 61 2.96 9.42 6.47
C THR A 61 3.09 8.63 7.76
N SER A 62 2.31 7.55 7.84
CA SER A 62 2.34 6.69 9.01
C SER A 62 1.73 5.33 8.67
N LEU A 63 1.90 4.40 9.61
CA LEU A 63 1.37 3.05 9.42
C LEU A 63 1.47 2.29 10.75
N LYS A 64 0.33 1.81 11.21
CA LYS A 64 0.28 1.06 12.44
C LYS A 64 -0.56 -0.21 12.23
N HIS A 65 -0.19 -1.25 12.98
CA HIS A 65 -0.90 -2.51 12.89
C HIS A 65 -1.66 -2.78 14.19
N HIS A 66 -2.45 -1.79 14.58
CA HIS A 66 -3.23 -1.90 15.80
C HIS A 66 -2.30 -1.99 17.01
N LYS A 67 -2.16 -0.87 17.70
CA LYS A 67 -1.30 -0.81 18.88
C LYS A 67 -0.01 -1.60 18.60
N ASP A 68 0.78 -1.09 17.68
CA ASP A 68 2.02 -1.73 17.32
C ASP A 68 2.65 -1.01 16.13
N ASP A 69 3.64 -0.18 16.44
CA ASP A 69 4.34 0.58 15.41
C ASP A 69 5.20 -0.37 14.58
N ILE A 70 4.56 -1.01 13.62
CA ILE A 70 5.26 -1.95 12.74
C ILE A 70 5.78 -1.20 11.51
N SER A 71 6.62 -1.88 10.76
CA SER A 71 7.20 -1.30 9.56
C SER A 71 6.77 -2.10 8.33
N VAL A 72 6.76 -3.41 8.50
CA VAL A 72 6.37 -4.30 7.40
C VAL A 72 5.11 -5.06 7.80
N ILE A 73 4.17 -5.12 6.86
CA ILE A 73 2.92 -5.82 7.09
C ILE A 73 2.85 -7.04 6.19
N LYS A 74 2.80 -8.21 6.84
CA LYS A 74 2.73 -9.46 6.10
C LYS A 74 1.32 -9.62 5.52
N THR A 75 1.10 -10.77 4.91
CA THR A 75 -0.19 -11.07 4.30
C THR A 75 -1.20 -11.48 5.37
N GLY A 76 -2.44 -11.07 5.16
CA GLY A 76 -3.51 -11.39 6.09
C GLY A 76 -3.43 -10.50 7.34
N MET A 77 -2.62 -9.46 7.22
CA MET A 77 -2.45 -8.52 8.33
C MET A 77 -3.16 -7.20 8.05
N ASP A 78 -3.99 -6.80 9.00
CA ASP A 78 -4.73 -5.56 8.86
C ASP A 78 -3.90 -4.41 9.42
N CYS A 79 -3.78 -3.36 8.63
CA CYS A 79 -3.02 -2.18 9.03
C CYS A 79 -3.72 -0.94 8.48
N GLY A 80 -3.46 0.19 9.13
CA GLY A 80 -4.05 1.44 8.72
C GLY A 80 -2.98 2.43 8.25
N LEU A 81 -3.23 3.00 7.07
CA LEU A 81 -2.30 3.96 6.51
C LEU A 81 -3.02 5.29 6.27
N SER A 82 -2.25 6.36 6.34
CA SER A 82 -2.81 7.69 6.13
C SER A 82 -1.95 8.47 5.12
N LEU A 83 -2.65 9.11 4.19
CA LEU A 83 -1.97 9.89 3.16
C LEU A 83 -1.69 11.30 3.69
N ASP A 84 -0.81 11.99 2.99
CA ASP A 84 -0.45 13.35 3.38
C ASP A 84 -1.37 14.35 2.66
N GLU A 85 -2.64 13.99 2.60
CA GLU A 85 -3.63 14.83 1.96
C GLU A 85 -5.03 14.48 2.45
N GLU A 86 -5.77 15.52 2.83
CA GLU A 86 -7.12 15.33 3.31
C GLU A 86 -8.11 15.25 2.14
N LYS A 87 -7.79 15.99 1.09
CA LYS A 87 -8.63 16.01 -0.09
C LYS A 87 -8.96 14.57 -0.50
N VAL A 88 -7.92 13.74 -0.50
CA VAL A 88 -8.10 12.34 -0.87
C VAL A 88 -8.99 11.66 0.16
N GLU A 89 -9.81 10.74 -0.32
CA GLU A 89 -10.72 10.00 0.53
C GLU A 89 -10.81 8.54 0.09
N PHE A 90 -10.48 7.65 1.02
CA PHE A 90 -10.52 6.23 0.74
C PHE A 90 -11.96 5.71 0.74
N LYS A 91 -12.09 4.41 0.52
CA LYS A 91 -13.39 3.78 0.49
C LYS A 91 -13.23 2.26 0.41
N PRO A 92 -14.28 1.54 0.88
CA PRO A 92 -14.25 0.09 0.87
C PRO A 92 -14.46 -0.46 -0.54
N GLY A 93 -13.62 0.01 -1.45
CA GLY A 93 -13.71 -0.42 -2.84
C GLY A 93 -12.60 0.20 -3.68
N ASP A 94 -11.45 0.38 -3.05
CA ASP A 94 -10.30 0.97 -3.72
C ASP A 94 -9.13 -0.02 -3.69
N GLN A 95 -7.99 0.46 -4.13
CA GLN A 95 -6.78 -0.37 -4.16
C GLN A 95 -5.57 0.43 -3.70
N VAL A 96 -4.65 -0.26 -3.04
CA VAL A 96 -3.45 0.37 -2.54
C VAL A 96 -2.23 -0.42 -3.02
N ILE A 97 -1.61 0.09 -4.09
CA ILE A 97 -0.44 -0.55 -4.66
C ILE A 97 0.80 -0.05 -3.94
N CYS A 98 1.65 -1.00 -3.56
CA CYS A 98 2.88 -0.67 -2.86
C CYS A 98 4.06 -1.10 -3.73
N TYR A 99 4.58 -0.15 -4.49
CA TYR A 99 5.71 -0.43 -5.37
C TYR A 99 6.92 0.42 -5.00
N GLU A 100 8.04 0.11 -5.63
CA GLU A 100 9.28 0.84 -5.38
C GLU A 100 9.78 1.49 -6.65
N GLU A 101 10.78 2.34 -6.50
CA GLU A 101 11.37 3.04 -7.64
C GLU A 101 12.86 2.70 -7.76
N ASN A 102 13.17 1.95 -8.81
CA ASN A 102 14.55 1.55 -9.05
C ASN A 102 15.22 2.58 -9.96
N LYS A 103 14.70 2.68 -11.17
CA LYS A 103 15.24 3.62 -12.14
C LYS A 103 14.25 3.77 -13.30
N VAL A 104 14.19 4.98 -13.83
CA VAL A 104 13.30 5.28 -14.94
C VAL A 104 13.34 4.11 -15.94
N PRO A 105 12.23 3.99 -16.71
CA PRO A 105 12.13 2.93 -17.71
C PRO A 105 13.00 3.24 -18.92
N THR A 106 13.13 2.24 -19.78
CA THR A 106 13.93 2.39 -20.99
C THR A 106 13.08 2.12 -22.23
N LYS A 107 12.89 3.16 -23.02
CA LYS A 107 12.09 3.06 -24.23
C LYS A 107 12.42 1.74 -24.92
N THR A 108 11.45 1.24 -25.69
CA THR A 108 11.63 0.00 -26.41
C THR A 108 11.83 -1.16 -25.43
N SER A 109 10.84 -2.05 -25.40
CA SER A 109 10.90 -3.20 -24.52
C SER A 109 9.76 -4.16 -24.84
N TRP A 110 10.08 -5.16 -25.65
CA TRP A 110 9.08 -6.15 -26.04
C TRP A 110 9.25 -7.37 -25.12
N ASP A 111 8.16 -8.10 -24.95
CA ASP A 111 8.17 -9.29 -24.11
C ASP A 111 7.28 -10.36 -24.74
N PRO A 112 7.94 -11.42 -25.28
CA PRO A 112 7.22 -12.51 -25.90
C PRO A 112 6.57 -13.41 -24.86
N GLY A 113 5.32 -13.77 -25.12
CA GLY A 113 4.58 -14.62 -24.21
C GLY A 113 3.22 -14.00 -23.86
N PHE A 114 2.27 -14.87 -23.55
CA PHE A 114 0.94 -14.42 -23.20
C PHE A 114 0.92 -13.80 -21.80
N SER A 115 -0.13 -13.02 -21.55
CA SER A 115 -0.28 -12.36 -20.27
C SER A 115 -1.58 -11.56 -20.23
N GLY A 116 -1.86 -10.98 -19.08
CA GLY A 116 -3.06 -10.18 -18.91
C GLY A 116 -4.08 -10.91 -18.01
N PRO A 117 -3.99 -10.59 -16.69
CA PRO A 117 -4.89 -11.20 -15.73
C PRO A 117 -6.30 -10.60 -15.82
N SER A 118 -6.95 -10.88 -16.94
CA SER A 118 -8.29 -10.38 -17.17
C SER A 118 -9.17 -11.48 -17.78
N SER A 119 -10.25 -11.77 -17.08
CA SER A 119 -11.18 -12.80 -17.54
C SER A 119 -11.87 -12.34 -18.83
N GLY A 120 -12.40 -13.32 -19.55
CA GLY A 120 -13.09 -13.03 -20.79
C GLY A 120 -14.32 -13.93 -20.96
N GLY A 1 4.75 16.08 -16.83
CA GLY A 1 5.45 14.96 -17.45
C GLY A 1 4.59 13.70 -17.42
N SER A 2 4.68 12.93 -18.49
CA SER A 2 3.92 11.69 -18.59
C SER A 2 4.49 10.66 -17.62
N SER A 3 3.57 9.94 -16.98
CA SER A 3 3.96 8.92 -16.03
C SER A 3 3.01 7.73 -16.11
N GLY A 4 3.58 6.57 -16.43
CA GLY A 4 2.80 5.36 -16.55
C GLY A 4 2.96 4.48 -15.31
N SER A 5 3.77 3.44 -15.46
CA SER A 5 4.02 2.52 -14.37
C SER A 5 5.09 1.51 -14.77
N SER A 6 6.23 1.62 -14.11
CA SER A 6 7.35 0.73 -14.39
C SER A 6 7.73 -0.03 -13.12
N GLY A 7 8.07 -1.30 -13.30
CA GLY A 7 8.45 -2.15 -12.19
C GLY A 7 7.27 -3.00 -11.70
N TYR A 8 7.59 -4.02 -10.93
CA TYR A 8 6.57 -4.90 -10.39
C TYR A 8 6.12 -4.45 -9.01
N PRO A 9 4.84 -4.80 -8.68
CA PRO A 9 4.27 -4.43 -7.40
C PRO A 9 4.84 -5.30 -6.28
N ILE A 10 5.32 -4.63 -5.24
CA ILE A 10 5.89 -5.33 -4.09
C ILE A 10 4.78 -6.04 -3.33
N GLY A 11 3.61 -5.44 -3.36
CA GLY A 11 2.45 -6.01 -2.68
C GLY A 11 1.22 -5.13 -2.86
N GLU A 12 0.08 -5.79 -3.01
CA GLU A 12 -1.18 -5.08 -3.19
C GLU A 12 -2.02 -5.16 -1.91
N ALA A 13 -2.76 -4.10 -1.66
CA ALA A 13 -3.62 -4.03 -0.48
C ALA A 13 -4.92 -3.34 -0.84
N SER A 14 -6.02 -3.93 -0.38
CA SER A 14 -7.34 -3.38 -0.65
C SER A 14 -7.90 -2.72 0.62
N ILE A 15 -8.89 -1.87 0.41
CA ILE A 15 -9.52 -1.18 1.52
C ILE A 15 -10.84 -1.85 1.85
N LEU A 16 -10.97 -2.24 3.11
CA LEU A 16 -12.19 -2.89 3.57
C LEU A 16 -13.08 -1.87 4.28
N ALA A 17 -12.43 -0.98 5.02
CA ALA A 17 -13.14 0.05 5.74
C ALA A 17 -12.31 1.34 5.76
N THR A 18 -13.01 2.46 5.83
CA THR A 18 -12.35 3.76 5.84
C THR A 18 -12.94 4.64 6.94
N PHE A 19 -12.06 5.30 7.68
CA PHE A 19 -12.49 6.18 8.74
C PHE A 19 -11.45 7.28 8.99
N THR A 20 -11.74 8.11 9.98
CA THR A 20 -10.85 9.19 10.34
C THR A 20 -10.45 9.11 11.81
N VAL A 21 -9.39 9.83 12.15
CA VAL A 21 -8.90 9.84 13.52
C VAL A 21 -8.61 11.28 13.94
N THR A 22 -8.61 11.49 15.25
CA THR A 22 -8.37 12.81 15.80
C THR A 22 -7.08 12.81 16.63
N GLU A 23 -6.25 13.81 16.39
CA GLU A 23 -4.99 13.94 17.12
C GLU A 23 -4.66 15.41 17.35
N GLY A 24 -4.93 15.87 18.55
CA GLY A 24 -4.65 17.25 18.91
C GLY A 24 -5.70 18.19 18.30
N LYS A 25 -6.94 17.74 18.32
CA LYS A 25 -8.04 18.53 17.78
C LYS A 25 -8.17 18.22 16.29
N LYS A 26 -7.04 18.20 15.61
CA LYS A 26 -7.02 17.92 14.18
C LYS A 26 -7.66 16.55 13.93
N LYS A 27 -7.93 16.28 12.66
CA LYS A 27 -8.52 15.02 12.28
C LYS A 27 -7.77 14.44 11.08
N ILE A 28 -7.01 13.38 11.36
CA ILE A 28 -6.23 12.73 10.33
C ILE A 28 -7.03 11.56 9.75
N PRO A 29 -7.10 11.52 8.40
CA PRO A 29 -7.83 10.47 7.71
C PRO A 29 -7.05 9.16 7.73
N VAL A 30 -7.77 8.07 7.95
CA VAL A 30 -7.16 6.76 8.00
C VAL A 30 -7.93 5.81 7.08
N ALA A 31 -7.23 4.79 6.62
CA ALA A 31 -7.83 3.80 5.74
C ALA A 31 -7.34 2.40 6.12
N ASP A 32 -8.29 1.56 6.50
CA ASP A 32 -7.96 0.20 6.89
C ASP A 32 -7.97 -0.70 5.66
N CYS A 33 -6.80 -1.24 5.34
CA CYS A 33 -6.66 -2.11 4.20
C CYS A 33 -6.06 -3.43 4.66
N ARG A 34 -6.43 -4.51 3.98
CA ARG A 34 -5.92 -5.82 4.31
C ARG A 34 -5.01 -6.35 3.20
N VAL A 35 -3.78 -6.64 3.59
CA VAL A 35 -2.80 -7.16 2.64
C VAL A 35 -3.32 -8.45 2.02
N GLN A 36 -3.48 -8.43 0.71
CA GLN A 36 -3.97 -9.60 0.00
C GLN A 36 -2.81 -10.35 -0.64
N LYS A 37 -1.77 -9.59 -0.97
CA LYS A 37 -0.58 -10.18 -1.59
C LYS A 37 0.64 -9.34 -1.22
N GLY A 38 1.74 -10.04 -0.95
CA GLY A 38 2.97 -9.39 -0.57
C GLY A 38 2.88 -8.77 0.82
N GLN A 39 3.57 -7.67 1.01
CA GLN A 39 3.57 -6.98 2.29
C GLN A 39 3.61 -5.46 2.09
N LEU A 40 3.40 -4.74 3.18
CA LEU A 40 3.41 -3.29 3.13
C LEU A 40 4.55 -2.77 4.00
N GLU A 41 5.40 -1.96 3.38
CA GLU A 41 6.53 -1.37 4.09
C GLU A 41 6.31 0.12 4.30
N ARG A 42 7.12 0.68 5.19
CA ARG A 42 7.03 2.10 5.49
C ARG A 42 8.18 2.86 4.82
N HIS A 43 8.11 2.93 3.50
CA HIS A 43 9.13 3.62 2.73
C HIS A 43 8.80 3.54 1.24
N LYS A 44 8.42 2.34 0.82
CA LYS A 44 8.08 2.11 -0.58
C LYS A 44 7.04 3.14 -1.01
N LYS A 45 6.70 3.09 -2.29
CA LYS A 45 5.72 4.01 -2.83
C LYS A 45 4.33 3.34 -2.83
N PHE A 46 3.31 4.18 -2.83
CA PHE A 46 1.94 3.69 -2.83
C PHE A 46 1.01 4.62 -3.61
N LYS A 47 -0.21 4.16 -3.80
CA LYS A 47 -1.19 4.93 -4.53
C LYS A 47 -2.59 4.37 -4.26
N LEU A 48 -3.57 5.26 -4.33
CA LEU A 48 -4.95 4.86 -4.09
C LEU A 48 -5.70 4.79 -5.43
N ILE A 49 -6.20 3.62 -5.73
CA ILE A 49 -6.95 3.41 -6.96
C ILE A 49 -8.43 3.29 -6.65
N ARG A 50 -9.20 4.23 -7.18
CA ARG A 50 -10.64 4.24 -6.96
C ARG A 50 -11.38 4.24 -8.30
N ASN A 51 -12.08 3.14 -8.55
CA ASN A 51 -12.84 3.01 -9.78
C ASN A 51 -11.88 2.65 -10.92
N GLY A 52 -10.60 2.54 -10.57
CA GLY A 52 -9.58 2.21 -11.55
C GLY A 52 -8.62 3.39 -11.76
N GLN A 53 -9.05 4.55 -11.28
CA GLN A 53 -8.25 5.75 -11.41
C GLN A 53 -7.52 6.04 -10.09
N VAL A 54 -6.32 6.60 -10.23
CA VAL A 54 -5.51 6.93 -9.07
C VAL A 54 -5.90 8.32 -8.56
N ILE A 55 -6.03 8.42 -7.26
CA ILE A 55 -6.39 9.69 -6.64
C ILE A 55 -5.18 10.25 -5.90
N TRP A 56 -4.38 9.35 -5.36
CA TRP A 56 -3.19 9.74 -4.63
C TRP A 56 -2.05 8.80 -5.04
N LYS A 57 -0.89 9.40 -5.29
CA LYS A 57 0.27 8.62 -5.68
C LYS A 57 1.51 9.16 -4.95
N GLY A 58 2.04 8.33 -4.08
CA GLY A 58 3.22 8.70 -3.31
C GLY A 58 3.47 7.71 -2.17
N SER A 59 4.34 8.11 -1.26
CA SER A 59 4.68 7.27 -0.12
C SER A 59 3.77 7.61 1.06
N LEU A 60 3.56 6.61 1.91
CA LEU A 60 2.71 6.78 3.08
C LEU A 60 3.45 7.61 4.13
N THR A 61 2.69 8.29 4.96
CA THR A 61 3.25 9.12 6.01
C THR A 61 3.42 8.30 7.29
N SER A 62 2.57 7.30 7.44
CA SER A 62 2.63 6.45 8.62
C SER A 62 1.97 5.09 8.30
N LEU A 63 2.36 4.10 9.08
CA LEU A 63 1.81 2.76 8.91
C LEU A 63 1.89 2.00 10.24
N LYS A 64 0.72 1.68 10.76
CA LYS A 64 0.64 0.96 12.02
C LYS A 64 -0.33 -0.21 11.87
N HIS A 65 -0.14 -1.21 12.72
CA HIS A 65 -0.99 -2.39 12.69
C HIS A 65 -1.83 -2.45 13.97
N HIS A 66 -2.40 -1.31 14.32
CA HIS A 66 -3.23 -1.21 15.51
C HIS A 66 -2.35 -1.33 16.75
N LYS A 67 -2.18 -0.20 17.42
CA LYS A 67 -1.37 -0.15 18.62
C LYS A 67 -0.11 -0.98 18.41
N ASP A 68 0.72 -0.53 17.48
CA ASP A 68 1.96 -1.22 17.17
C ASP A 68 2.62 -0.56 15.96
N ASP A 69 3.54 0.35 16.26
CA ASP A 69 4.24 1.06 15.20
C ASP A 69 5.13 0.08 14.44
N ILE A 70 4.52 -0.61 13.49
CA ILE A 70 5.23 -1.59 12.69
C ILE A 70 5.76 -0.90 11.42
N SER A 71 6.65 -1.60 10.73
CA SER A 71 7.23 -1.09 9.52
C SER A 71 6.83 -1.95 8.32
N VAL A 72 6.74 -3.25 8.58
CA VAL A 72 6.37 -4.19 7.54
C VAL A 72 5.05 -4.88 7.93
N ILE A 73 4.22 -5.11 6.93
CA ILE A 73 2.93 -5.76 7.16
C ILE A 73 2.85 -7.02 6.31
N LYS A 74 2.75 -8.15 7.00
CA LYS A 74 2.66 -9.44 6.31
C LYS A 74 1.27 -9.58 5.68
N THR A 75 1.05 -10.73 5.07
CA THR A 75 -0.22 -11.01 4.42
C THR A 75 -1.27 -11.42 5.46
N GLY A 76 -2.50 -11.01 5.20
CA GLY A 76 -3.60 -11.32 6.10
C GLY A 76 -3.55 -10.44 7.35
N MET A 77 -2.81 -9.35 7.24
CA MET A 77 -2.67 -8.42 8.35
C MET A 77 -3.40 -7.11 8.05
N ASP A 78 -4.10 -6.62 9.07
CA ASP A 78 -4.84 -5.38 8.93
C ASP A 78 -3.98 -4.22 9.45
N CYS A 79 -3.85 -3.21 8.60
CA CYS A 79 -3.06 -2.04 8.95
C CYS A 79 -3.78 -0.79 8.43
N GLY A 80 -3.48 0.33 9.05
CA GLY A 80 -4.09 1.59 8.66
C GLY A 80 -3.02 2.59 8.21
N LEU A 81 -3.26 3.16 7.03
CA LEU A 81 -2.34 4.13 6.46
C LEU A 81 -3.07 5.44 6.22
N SER A 82 -2.29 6.50 6.04
CA SER A 82 -2.86 7.81 5.80
C SER A 82 -1.97 8.59 4.83
N LEU A 83 -2.61 9.40 4.00
CA LEU A 83 -1.90 10.20 3.02
C LEU A 83 -1.71 11.62 3.58
N ASP A 84 -0.59 12.22 3.20
CA ASP A 84 -0.28 13.56 3.64
C ASP A 84 -1.36 14.52 3.15
N GLU A 85 -1.99 14.14 2.04
CA GLU A 85 -3.04 14.95 1.46
C GLU A 85 -4.41 14.52 1.99
N GLU A 86 -4.83 15.16 3.06
CA GLU A 86 -6.11 14.85 3.66
C GLU A 86 -7.24 14.99 2.64
N LYS A 87 -6.93 15.72 1.57
CA LYS A 87 -7.90 15.93 0.51
C LYS A 87 -8.35 14.58 -0.06
N VAL A 88 -7.36 13.72 -0.29
CA VAL A 88 -7.63 12.40 -0.82
C VAL A 88 -8.41 11.59 0.20
N GLU A 89 -9.52 11.02 -0.26
CA GLU A 89 -10.36 10.22 0.61
C GLU A 89 -10.49 8.79 0.06
N PHE A 90 -10.39 7.83 0.96
CA PHE A 90 -10.49 6.44 0.59
C PHE A 90 -11.94 5.96 0.63
N LYS A 91 -12.10 4.65 0.45
CA LYS A 91 -13.43 4.06 0.47
C LYS A 91 -13.30 2.53 0.35
N PRO A 92 -14.37 1.83 0.81
CA PRO A 92 -14.39 0.39 0.76
C PRO A 92 -14.62 -0.12 -0.67
N GLY A 93 -13.72 0.29 -1.56
CA GLY A 93 -13.82 -0.10 -2.96
C GLY A 93 -12.65 0.46 -3.76
N ASP A 94 -11.50 0.52 -3.12
CA ASP A 94 -10.30 1.04 -3.76
C ASP A 94 -9.17 0.02 -3.63
N GLN A 95 -8.02 0.38 -4.18
CA GLN A 95 -6.86 -0.50 -4.13
C GLN A 95 -5.62 0.29 -3.72
N VAL A 96 -4.67 -0.43 -3.14
CA VAL A 96 -3.43 0.19 -2.69
C VAL A 96 -2.24 -0.63 -3.20
N ILE A 97 -1.67 -0.16 -4.30
CA ILE A 97 -0.53 -0.83 -4.89
C ILE A 97 0.75 -0.35 -4.22
N CYS A 98 1.41 -1.27 -3.53
CA CYS A 98 2.64 -0.94 -2.84
C CYS A 98 3.81 -1.42 -3.71
N TYR A 99 4.37 -0.48 -4.47
CA TYR A 99 5.49 -0.78 -5.34
C TYR A 99 6.46 0.39 -5.41
N GLU A 100 7.55 0.18 -6.12
CA GLU A 100 8.57 1.21 -6.28
C GLU A 100 8.48 1.83 -7.68
N GLU A 101 8.91 3.08 -7.76
CA GLU A 101 8.88 3.80 -9.02
C GLU A 101 10.30 3.98 -9.55
N ASN A 102 10.80 2.93 -10.20
CA ASN A 102 12.14 2.97 -10.75
C ASN A 102 12.11 2.37 -12.17
N LYS A 103 13.18 2.64 -12.91
CA LYS A 103 13.28 2.14 -14.27
C LYS A 103 13.95 0.77 -14.26
N VAL A 104 13.44 -0.12 -15.10
CA VAL A 104 13.98 -1.46 -15.19
C VAL A 104 13.36 -2.18 -16.40
N PRO A 105 14.25 -2.80 -17.21
CA PRO A 105 13.80 -3.52 -18.40
C PRO A 105 13.15 -4.85 -18.03
N THR A 106 11.84 -4.82 -17.90
CA THR A 106 11.08 -6.00 -17.54
C THR A 106 11.18 -7.04 -18.67
N LYS A 107 10.63 -8.21 -18.39
CA LYS A 107 10.64 -9.30 -19.36
C LYS A 107 9.26 -9.96 -19.39
N THR A 108 8.86 -10.47 -18.24
CA THR A 108 7.57 -11.13 -18.12
C THR A 108 6.46 -10.24 -18.70
N SER A 109 5.38 -10.89 -19.11
CA SER A 109 4.25 -10.19 -19.68
C SER A 109 2.94 -10.88 -19.30
N TRP A 110 2.44 -10.52 -18.12
CA TRP A 110 1.21 -11.10 -17.62
C TRP A 110 0.73 -10.25 -16.44
N ASP A 111 -0.53 -9.86 -16.50
CA ASP A 111 -1.11 -9.05 -15.44
C ASP A 111 -2.42 -9.70 -14.97
N PRO A 112 -2.75 -9.46 -13.68
CA PRO A 112 -3.96 -10.01 -13.10
C PRO A 112 -5.20 -9.25 -13.57
N GLY A 113 -6.35 -9.89 -13.43
CA GLY A 113 -7.60 -9.28 -13.83
C GLY A 113 -8.79 -10.15 -13.43
N PHE A 114 -9.04 -10.18 -12.12
CA PHE A 114 -10.14 -10.96 -11.59
C PHE A 114 -10.78 -10.27 -10.38
N SER A 115 -12.11 -10.23 -10.39
CA SER A 115 -12.85 -9.60 -9.31
C SER A 115 -14.35 -9.71 -9.58
N GLY A 116 -15.10 -9.84 -8.50
CA GLY A 116 -16.54 -9.96 -8.59
C GLY A 116 -17.20 -9.87 -7.21
N PRO A 117 -17.17 -8.64 -6.64
CA PRO A 117 -17.75 -8.41 -5.32
C PRO A 117 -19.27 -8.38 -5.40
N SER A 118 -19.77 -7.64 -6.37
CA SER A 118 -21.21 -7.50 -6.56
C SER A 118 -21.50 -6.81 -7.90
N SER A 119 -20.97 -5.61 -8.03
CA SER A 119 -21.17 -4.83 -9.24
C SER A 119 -19.83 -4.26 -9.72
N GLY A 120 -19.74 -4.10 -11.03
CA GLY A 120 -18.52 -3.56 -11.63
C GLY A 120 -18.84 -2.70 -12.86
N GLY A 1 1.90 0.28 -22.63
CA GLY A 1 3.13 1.03 -22.36
C GLY A 1 2.89 2.09 -21.28
N SER A 2 4.00 2.66 -20.82
CA SER A 2 3.92 3.69 -19.79
C SER A 2 5.04 4.71 -20.00
N SER A 3 4.73 5.96 -19.67
CA SER A 3 5.69 7.03 -19.81
C SER A 3 6.60 7.08 -18.60
N GLY A 4 7.88 7.32 -18.86
CA GLY A 4 8.86 7.40 -17.79
C GLY A 4 9.42 6.01 -17.45
N SER A 5 8.90 5.45 -16.37
CA SER A 5 9.34 4.13 -15.94
C SER A 5 8.26 3.50 -15.04
N SER A 6 7.87 2.29 -15.40
CA SER A 6 6.86 1.57 -14.65
C SER A 6 7.34 0.14 -14.38
N GLY A 7 7.50 -0.16 -13.10
CA GLY A 7 7.94 -1.49 -12.69
C GLY A 7 6.76 -2.36 -12.26
N TYR A 8 7.06 -3.34 -11.45
CA TYR A 8 6.03 -4.25 -10.96
C TYR A 8 5.63 -3.91 -9.52
N PRO A 9 4.39 -4.30 -9.16
CA PRO A 9 3.87 -4.04 -7.83
C PRO A 9 4.50 -4.98 -6.80
N ILE A 10 4.90 -4.41 -5.68
CA ILE A 10 5.53 -5.18 -4.62
C ILE A 10 4.43 -5.93 -3.85
N GLY A 11 3.35 -5.22 -3.57
CA GLY A 11 2.24 -5.82 -2.84
C GLY A 11 0.97 -4.97 -3.00
N GLU A 12 -0.15 -5.67 -3.11
CA GLU A 12 -1.43 -4.99 -3.26
C GLU A 12 -2.19 -4.99 -1.93
N ALA A 13 -3.16 -4.09 -1.84
CA ALA A 13 -3.96 -3.97 -0.63
C ALA A 13 -5.37 -3.50 -1.01
N SER A 14 -6.34 -3.94 -0.22
CA SER A 14 -7.72 -3.58 -0.46
C SER A 14 -8.32 -2.94 0.80
N ILE A 15 -8.91 -1.77 0.61
CA ILE A 15 -9.52 -1.05 1.71
C ILE A 15 -10.87 -1.70 2.05
N LEU A 16 -10.94 -2.24 3.27
CA LEU A 16 -12.16 -2.88 3.73
C LEU A 16 -13.06 -1.84 4.42
N ALA A 17 -12.41 -0.92 5.11
CA ALA A 17 -13.12 0.13 5.83
C ALA A 17 -12.28 1.40 5.82
N THR A 18 -12.94 2.51 6.14
CA THR A 18 -12.27 3.79 6.18
C THR A 18 -12.82 4.64 7.32
N PHE A 19 -11.94 5.44 7.90
CA PHE A 19 -12.30 6.31 9.00
C PHE A 19 -11.24 7.38 9.25
N THR A 20 -11.48 8.18 10.28
CA THR A 20 -10.56 9.25 10.62
C THR A 20 -10.07 9.09 12.07
N VAL A 21 -9.05 9.87 12.41
CA VAL A 21 -8.48 9.82 13.75
C VAL A 21 -8.11 11.23 14.19
N THR A 22 -8.00 11.39 15.50
CA THR A 22 -7.65 12.68 16.07
C THR A 22 -6.26 12.62 16.71
N GLU A 23 -5.47 13.65 16.43
CA GLU A 23 -4.13 13.73 16.98
C GLU A 23 -3.81 15.17 17.38
N GLY A 24 -3.93 15.42 18.69
CA GLY A 24 -3.67 16.75 19.21
C GLY A 24 -4.86 17.68 19.01
N LYS A 25 -5.34 17.70 17.78
CA LYS A 25 -6.47 18.54 17.43
C LYS A 25 -6.89 18.26 15.99
N LYS A 26 -5.90 18.08 15.14
CA LYS A 26 -6.14 17.81 13.73
C LYS A 26 -6.78 16.42 13.60
N LYS A 27 -7.45 16.23 12.47
CA LYS A 27 -8.10 14.95 12.20
C LYS A 27 -7.49 14.32 10.95
N ILE A 28 -6.69 13.30 11.18
CA ILE A 28 -6.03 12.60 10.08
C ILE A 28 -6.90 11.42 9.65
N PRO A 29 -7.27 11.43 8.34
CA PRO A 29 -8.10 10.37 7.79
C PRO A 29 -7.28 9.09 7.59
N VAL A 30 -7.76 8.01 8.19
CA VAL A 30 -7.09 6.73 8.09
C VAL A 30 -7.90 5.81 7.19
N ALA A 31 -7.23 4.81 6.64
CA ALA A 31 -7.88 3.85 5.76
C ALA A 31 -7.37 2.44 6.09
N ASP A 32 -8.30 1.62 6.54
CA ASP A 32 -7.96 0.24 6.89
C ASP A 32 -8.07 -0.63 5.65
N CYS A 33 -6.96 -1.28 5.32
CA CYS A 33 -6.90 -2.15 4.16
C CYS A 33 -6.22 -3.45 4.56
N ARG A 34 -6.56 -4.51 3.85
CA ARG A 34 -5.98 -5.82 4.12
C ARG A 34 -4.99 -6.20 3.02
N VAL A 35 -3.79 -6.56 3.43
CA VAL A 35 -2.75 -6.94 2.49
C VAL A 35 -3.13 -8.27 1.84
N GLN A 36 -3.40 -8.21 0.55
CA GLN A 36 -3.77 -9.40 -0.20
C GLN A 36 -2.53 -10.12 -0.71
N LYS A 37 -1.60 -9.34 -1.22
CA LYS A 37 -0.36 -9.88 -1.74
C LYS A 37 0.78 -8.89 -1.49
N GLY A 38 1.96 -9.45 -1.27
CA GLY A 38 3.14 -8.64 -1.02
C GLY A 38 3.15 -8.12 0.43
N GLN A 39 3.61 -6.89 0.58
CA GLN A 39 3.67 -6.27 1.90
C GLN A 39 3.76 -4.76 1.76
N LEU A 40 3.30 -4.07 2.80
CA LEU A 40 3.32 -2.62 2.82
C LEU A 40 4.26 -2.14 3.92
N GLU A 41 5.25 -1.34 3.52
CA GLU A 41 6.22 -0.81 4.47
C GLU A 41 5.89 0.65 4.80
N ARG A 42 6.71 1.22 5.67
CA ARG A 42 6.51 2.60 6.09
C ARG A 42 7.63 3.47 5.54
N HIS A 43 7.75 3.46 4.22
CA HIS A 43 8.78 4.25 3.55
C HIS A 43 8.61 4.14 2.04
N LYS A 44 8.39 2.91 1.60
CA LYS A 44 8.21 2.65 0.18
C LYS A 44 7.15 3.60 -0.39
N LYS A 45 6.85 3.40 -1.66
CA LYS A 45 5.85 4.23 -2.33
C LYS A 45 4.53 3.46 -2.42
N PHE A 46 3.45 4.22 -2.52
CA PHE A 46 2.14 3.62 -2.62
C PHE A 46 1.18 4.52 -3.41
N LYS A 47 -0.03 4.03 -3.60
CA LYS A 47 -1.04 4.76 -4.34
C LYS A 47 -2.43 4.19 -4.02
N LEU A 48 -3.42 5.05 -4.13
CA LEU A 48 -4.79 4.65 -3.87
C LEU A 48 -5.54 4.48 -5.19
N ILE A 49 -5.99 3.26 -5.42
CA ILE A 49 -6.72 2.94 -6.64
C ILE A 49 -8.21 2.83 -6.31
N ARG A 50 -8.98 3.74 -6.89
CA ARG A 50 -10.41 3.75 -6.68
C ARG A 50 -11.16 3.61 -8.01
N ASN A 51 -11.80 2.46 -8.17
CA ASN A 51 -12.54 2.19 -9.39
C ASN A 51 -11.57 1.78 -10.50
N GLY A 52 -10.29 1.74 -10.13
CA GLY A 52 -9.26 1.37 -11.08
C GLY A 52 -8.34 2.56 -11.38
N GLN A 53 -8.83 3.75 -11.04
CA GLN A 53 -8.06 4.96 -11.26
C GLN A 53 -7.32 5.36 -9.98
N VAL A 54 -6.16 5.97 -10.17
CA VAL A 54 -5.35 6.41 -9.05
C VAL A 54 -5.79 7.83 -8.63
N ILE A 55 -5.89 8.02 -7.33
CA ILE A 55 -6.30 9.31 -6.80
C ILE A 55 -5.10 9.97 -6.13
N TRP A 56 -4.36 9.16 -5.37
CA TRP A 56 -3.19 9.66 -4.67
C TRP A 56 -2.00 8.77 -5.04
N LYS A 57 -0.86 9.40 -5.23
CA LYS A 57 0.35 8.69 -5.59
C LYS A 57 1.52 9.26 -4.80
N GLY A 58 2.30 8.36 -4.22
CA GLY A 58 3.46 8.76 -3.44
C GLY A 58 3.70 7.79 -2.28
N SER A 59 4.48 8.26 -1.32
CA SER A 59 4.79 7.45 -0.14
C SER A 59 3.86 7.82 1.01
N LEU A 60 3.56 6.82 1.83
CA LEU A 60 2.69 7.03 2.97
C LEU A 60 3.43 7.83 4.04
N THR A 61 2.65 8.37 4.97
CA THR A 61 3.22 9.17 6.04
C THR A 61 3.08 8.43 7.37
N SER A 62 2.20 7.45 7.38
CA SER A 62 1.97 6.65 8.58
C SER A 62 1.46 5.27 8.20
N LEU A 63 1.61 4.35 9.14
CA LEU A 63 1.17 2.97 8.91
C LEU A 63 1.21 2.20 10.23
N LYS A 64 0.03 1.96 10.78
CA LYS A 64 -0.08 1.23 12.03
C LYS A 64 -0.84 -0.08 11.80
N HIS A 65 -0.59 -1.03 12.69
CA HIS A 65 -1.24 -2.33 12.59
C HIS A 65 -2.26 -2.48 13.72
N HIS A 66 -3.35 -1.74 13.60
CA HIS A 66 -4.40 -1.78 14.60
C HIS A 66 -3.95 -1.00 15.84
N LYS A 67 -3.01 -1.59 16.56
CA LYS A 67 -2.49 -0.96 17.78
C LYS A 67 -1.04 -1.40 17.98
N ASP A 68 -0.22 -1.12 16.97
CA ASP A 68 1.19 -1.48 17.03
C ASP A 68 1.95 -0.72 15.94
N ASP A 69 2.89 0.10 16.38
CA ASP A 69 3.69 0.88 15.45
C ASP A 69 4.66 -0.05 14.72
N ILE A 70 4.14 -0.70 13.68
CA ILE A 70 4.94 -1.61 12.88
C ILE A 70 5.52 -0.87 11.69
N SER A 71 6.41 -1.55 10.99
CA SER A 71 7.04 -0.97 9.81
C SER A 71 6.63 -1.73 8.55
N VAL A 72 6.52 -3.04 8.72
CA VAL A 72 6.13 -3.90 7.60
C VAL A 72 4.79 -4.58 7.93
N ILE A 73 4.05 -4.88 6.88
CA ILE A 73 2.76 -5.53 7.03
C ILE A 73 2.66 -6.70 6.06
N LYS A 74 2.73 -7.90 6.61
CA LYS A 74 2.65 -9.11 5.82
C LYS A 74 1.21 -9.29 5.32
N THR A 75 0.98 -10.42 4.66
CA THR A 75 -0.33 -10.73 4.13
C THR A 75 -1.26 -11.20 5.26
N GLY A 76 -2.54 -10.86 5.12
CA GLY A 76 -3.52 -11.24 6.11
C GLY A 76 -3.46 -10.33 7.32
N MET A 77 -2.53 -9.39 7.27
CA MET A 77 -2.35 -8.45 8.37
C MET A 77 -3.10 -7.14 8.09
N ASP A 78 -3.90 -6.74 9.07
CA ASP A 78 -4.68 -5.52 8.94
C ASP A 78 -3.84 -4.34 9.43
N CYS A 79 -3.89 -3.26 8.65
CA CYS A 79 -3.13 -2.06 8.99
C CYS A 79 -3.87 -0.86 8.39
N GLY A 80 -3.50 0.31 8.90
CA GLY A 80 -4.11 1.55 8.43
C GLY A 80 -3.06 2.53 7.93
N LEU A 81 -3.32 3.11 6.77
CA LEU A 81 -2.40 4.07 6.18
C LEU A 81 -3.12 5.40 5.99
N SER A 82 -2.32 6.46 5.90
CA SER A 82 -2.86 7.80 5.72
C SER A 82 -1.94 8.62 4.82
N LEU A 83 -2.54 9.28 3.85
CA LEU A 83 -1.78 10.11 2.93
C LEU A 83 -1.68 11.53 3.48
N ASP A 84 -0.51 12.12 3.30
CA ASP A 84 -0.27 13.47 3.78
C ASP A 84 -1.40 14.38 3.30
N GLU A 85 -2.02 13.97 2.20
CA GLU A 85 -3.10 14.74 1.61
C GLU A 85 -4.44 14.34 2.24
N GLU A 86 -5.21 15.34 2.61
CA GLU A 86 -6.51 15.10 3.23
C GLU A 86 -7.61 15.12 2.16
N LYS A 87 -7.33 15.82 1.08
CA LYS A 87 -8.29 15.91 -0.01
C LYS A 87 -8.64 14.50 -0.50
N VAL A 88 -7.61 13.69 -0.65
CA VAL A 88 -7.81 12.32 -1.09
C VAL A 88 -8.62 11.54 -0.06
N GLU A 89 -9.72 10.98 -0.51
CA GLU A 89 -10.59 10.21 0.37
C GLU A 89 -10.63 8.74 -0.08
N PHE A 90 -10.58 7.86 0.91
CA PHE A 90 -10.62 6.44 0.64
C PHE A 90 -12.04 5.89 0.79
N LYS A 91 -12.22 4.67 0.30
CA LYS A 91 -13.51 4.02 0.36
C LYS A 91 -13.31 2.50 0.45
N PRO A 92 -14.36 1.81 0.97
CA PRO A 92 -14.31 0.37 1.11
C PRO A 92 -14.50 -0.32 -0.25
N GLY A 93 -13.65 0.06 -1.20
CA GLY A 93 -13.71 -0.51 -2.53
C GLY A 93 -12.58 0.03 -3.40
N ASP A 94 -11.44 0.27 -2.77
CA ASP A 94 -10.27 0.78 -3.47
C ASP A 94 -9.14 -0.25 -3.37
N GLN A 95 -7.95 0.20 -3.76
CA GLN A 95 -6.78 -0.66 -3.71
C GLN A 95 -5.53 0.17 -3.42
N VAL A 96 -4.59 -0.47 -2.73
CA VAL A 96 -3.35 0.20 -2.38
C VAL A 96 -2.17 -0.58 -2.99
N ILE A 97 -1.69 -0.08 -4.11
CA ILE A 97 -0.58 -0.72 -4.80
C ILE A 97 0.74 -0.16 -4.24
N CYS A 98 1.64 -1.08 -3.93
CA CYS A 98 2.94 -0.70 -3.39
C CYS A 98 4.02 -1.10 -4.40
N TYR A 99 4.48 -0.12 -5.15
CA TYR A 99 5.51 -0.36 -6.15
C TYR A 99 6.73 0.53 -5.91
N GLU A 100 7.82 0.18 -6.58
CA GLU A 100 9.05 0.94 -6.45
C GLU A 100 9.40 1.61 -7.79
N GLU A 101 9.92 2.82 -7.68
CA GLU A 101 10.29 3.58 -8.86
C GLU A 101 11.64 3.10 -9.40
N ASN A 102 11.56 2.14 -10.31
CA ASN A 102 12.76 1.59 -10.91
C ASN A 102 12.39 0.86 -12.22
N LYS A 103 13.18 1.12 -13.25
CA LYS A 103 12.95 0.51 -14.54
C LYS A 103 13.54 -0.91 -14.55
N VAL A 104 12.85 -1.79 -15.25
CA VAL A 104 13.28 -3.17 -15.34
C VAL A 104 13.41 -3.57 -16.82
N PRO A 105 14.45 -4.38 -17.11
CA PRO A 105 14.70 -4.83 -18.47
C PRO A 105 13.70 -5.91 -18.87
N THR A 106 12.84 -5.56 -19.82
CA THR A 106 11.83 -6.50 -20.29
C THR A 106 11.54 -6.26 -21.78
N LYS A 107 11.22 -7.34 -22.47
CA LYS A 107 10.91 -7.26 -23.89
C LYS A 107 9.40 -7.11 -24.08
N THR A 108 8.66 -7.71 -23.15
CA THR A 108 7.22 -7.66 -23.20
C THR A 108 6.61 -8.24 -21.92
N SER A 109 5.42 -7.76 -21.59
CA SER A 109 4.73 -8.22 -20.40
C SER A 109 3.53 -9.08 -20.79
N TRP A 110 3.81 -10.35 -21.06
CA TRP A 110 2.76 -11.28 -21.44
C TRP A 110 1.64 -11.18 -20.40
N ASP A 111 0.41 -11.22 -20.91
CA ASP A 111 -0.75 -11.13 -20.05
C ASP A 111 -1.94 -11.80 -20.75
N PRO A 112 -2.62 -12.70 -19.99
CA PRO A 112 -3.77 -13.41 -20.53
C PRO A 112 -5.00 -12.50 -20.58
N GLY A 113 -6.04 -13.00 -21.23
CA GLY A 113 -7.27 -12.25 -21.36
C GLY A 113 -7.62 -12.02 -22.84
N PHE A 114 -8.86 -12.35 -23.17
CA PHE A 114 -9.33 -12.20 -24.54
C PHE A 114 -10.86 -12.26 -24.60
N SER A 115 -11.45 -11.12 -24.92
CA SER A 115 -12.90 -11.03 -25.01
C SER A 115 -13.55 -11.64 -23.76
N GLY A 116 -13.68 -10.80 -22.74
CA GLY A 116 -14.27 -11.23 -21.49
C GLY A 116 -15.51 -10.38 -21.14
N PRO A 117 -16.70 -10.98 -21.42
CA PRO A 117 -17.95 -10.28 -21.14
C PRO A 117 -18.26 -10.28 -19.64
N SER A 118 -17.91 -11.38 -18.99
CA SER A 118 -18.13 -11.52 -17.57
C SER A 118 -19.59 -11.21 -17.23
N SER A 119 -20.39 -12.28 -17.19
CA SER A 119 -21.80 -12.14 -16.89
C SER A 119 -21.99 -11.68 -15.45
N GLY A 120 -22.80 -10.66 -15.27
CA GLY A 120 -23.08 -10.12 -13.95
C GLY A 120 -21.93 -9.22 -13.49
N GLY A 1 19.46 9.09 -10.02
CA GLY A 1 19.91 9.76 -11.22
C GLY A 1 18.78 9.88 -12.23
N SER A 2 18.32 8.73 -12.71
CA SER A 2 17.24 8.71 -13.69
C SER A 2 15.89 8.61 -12.97
N SER A 3 15.36 9.77 -12.63
CA SER A 3 14.08 9.84 -11.95
C SER A 3 13.00 9.16 -12.79
N GLY A 4 12.11 8.44 -12.10
CA GLY A 4 11.04 7.74 -12.77
C GLY A 4 11.46 6.32 -13.16
N SER A 5 10.52 5.40 -13.03
CA SER A 5 10.78 4.01 -13.36
C SER A 5 9.51 3.18 -13.18
N SER A 6 9.57 1.94 -13.65
CA SER A 6 8.44 1.04 -13.54
C SER A 6 8.90 -0.33 -13.04
N GLY A 7 8.59 -0.60 -11.78
CA GLY A 7 8.96 -1.86 -11.17
C GLY A 7 7.73 -2.62 -10.67
N TYR A 8 7.87 -3.93 -10.59
CA TYR A 8 6.78 -4.78 -10.13
C TYR A 8 6.30 -4.34 -8.74
N PRO A 9 5.02 -4.67 -8.45
CA PRO A 9 4.43 -4.32 -7.17
C PRO A 9 4.95 -5.24 -6.06
N ILE A 10 5.41 -4.61 -4.99
CA ILE A 10 5.94 -5.35 -3.85
C ILE A 10 4.80 -6.11 -3.18
N GLY A 11 3.65 -5.45 -3.12
CA GLY A 11 2.48 -6.05 -2.49
C GLY A 11 1.27 -5.11 -2.60
N GLU A 12 0.11 -5.73 -2.78
CA GLU A 12 -1.13 -4.98 -2.90
C GLU A 12 -1.94 -5.08 -1.61
N ALA A 13 -2.99 -4.27 -1.55
CA ALA A 13 -3.86 -4.27 -0.37
C ALA A 13 -5.19 -3.63 -0.75
N SER A 14 -6.27 -4.30 -0.34
CA SER A 14 -7.61 -3.80 -0.62
C SER A 14 -8.17 -3.10 0.63
N ILE A 15 -8.94 -2.05 0.37
CA ILE A 15 -9.55 -1.29 1.44
C ILE A 15 -10.92 -1.87 1.78
N LEU A 16 -11.04 -2.33 3.01
CA LEU A 16 -12.30 -2.93 3.47
C LEU A 16 -13.16 -1.84 4.11
N ALA A 17 -12.50 -0.97 4.86
CA ALA A 17 -13.21 0.12 5.52
C ALA A 17 -12.31 1.37 5.52
N THR A 18 -12.96 2.51 5.70
CA THR A 18 -12.25 3.77 5.72
C THR A 18 -12.86 4.72 6.75
N PHE A 19 -11.99 5.35 7.52
CA PHE A 19 -12.45 6.28 8.56
C PHE A 19 -11.37 7.34 8.83
N THR A 20 -11.69 8.21 9.79
CA THR A 20 -10.77 9.27 10.16
C THR A 20 -10.36 9.14 11.62
N VAL A 21 -9.28 9.82 11.97
CA VAL A 21 -8.77 9.80 13.33
C VAL A 21 -8.33 11.20 13.74
N THR A 22 -8.23 11.40 15.04
CA THR A 22 -7.82 12.68 15.58
C THR A 22 -6.36 12.64 16.02
N GLU A 23 -5.63 13.66 15.60
CA GLU A 23 -4.21 13.74 15.94
C GLU A 23 -3.81 15.20 16.16
N GLY A 24 -3.76 15.60 17.42
CA GLY A 24 -3.38 16.96 17.76
C GLY A 24 -4.53 17.93 17.49
N LYS A 25 -5.74 17.43 17.70
CA LYS A 25 -6.93 18.24 17.49
C LYS A 25 -7.18 18.39 15.98
N LYS A 26 -6.51 17.54 15.22
CA LYS A 26 -6.64 17.57 13.78
C LYS A 26 -7.47 16.36 13.32
N LYS A 27 -7.66 16.28 12.01
CA LYS A 27 -8.43 15.19 11.43
C LYS A 27 -7.57 14.46 10.39
N ILE A 28 -7.01 13.33 10.81
CA ILE A 28 -6.17 12.54 9.93
C ILE A 28 -6.99 11.37 9.37
N PRO A 29 -7.14 11.37 8.02
CA PRO A 29 -7.89 10.32 7.35
C PRO A 29 -7.08 9.01 7.31
N VAL A 30 -7.74 7.94 7.71
CA VAL A 30 -7.11 6.63 7.72
C VAL A 30 -7.90 5.67 6.82
N ALA A 31 -7.22 4.63 6.37
CA ALA A 31 -7.84 3.65 5.50
C ALA A 31 -7.39 2.25 5.93
N ASP A 32 -8.37 1.47 6.36
CA ASP A 32 -8.09 0.10 6.80
C ASP A 32 -8.15 -0.84 5.60
N CYS A 33 -6.98 -1.36 5.24
CA CYS A 33 -6.88 -2.27 4.12
C CYS A 33 -6.27 -3.58 4.61
N ARG A 34 -6.73 -4.68 4.01
CA ARG A 34 -6.23 -5.99 4.39
C ARG A 34 -5.26 -6.51 3.32
N VAL A 35 -4.04 -6.76 3.75
CA VAL A 35 -3.01 -7.26 2.86
C VAL A 35 -3.45 -8.61 2.29
N GLN A 36 -3.63 -8.63 0.97
CA GLN A 36 -4.04 -9.84 0.30
C GLN A 36 -2.83 -10.63 -0.19
N LYS A 37 -1.80 -9.88 -0.60
CA LYS A 37 -0.58 -10.49 -1.08
C LYS A 37 0.61 -9.58 -0.75
N GLY A 38 1.72 -10.22 -0.42
CA GLY A 38 2.92 -9.48 -0.08
C GLY A 38 2.74 -8.70 1.22
N GLN A 39 3.40 -7.55 1.29
CA GLN A 39 3.32 -6.71 2.46
C GLN A 39 3.31 -5.23 2.06
N LEU A 40 2.99 -4.39 3.03
CA LEU A 40 2.94 -2.96 2.80
C LEU A 40 4.00 -2.27 3.66
N GLU A 41 4.87 -1.54 2.99
CA GLU A 41 5.93 -0.82 3.68
C GLU A 41 5.39 0.46 4.30
N ARG A 42 6.28 1.18 4.97
CA ARG A 42 5.91 2.43 5.62
C ARG A 42 6.56 3.61 4.89
N HIS A 43 7.78 3.37 4.43
CA HIS A 43 8.53 4.40 3.73
C HIS A 43 8.27 4.29 2.22
N LYS A 44 8.15 3.04 1.76
CA LYS A 44 7.90 2.78 0.36
C LYS A 44 6.82 3.73 -0.16
N LYS A 45 6.67 3.75 -1.47
CA LYS A 45 5.68 4.61 -2.10
C LYS A 45 4.37 3.84 -2.26
N PHE A 46 3.28 4.59 -2.32
CA PHE A 46 1.97 3.99 -2.47
C PHE A 46 1.03 4.91 -3.26
N LYS A 47 -0.15 4.39 -3.54
CA LYS A 47 -1.15 5.15 -4.28
C LYS A 47 -2.53 4.54 -4.04
N LEU A 48 -3.54 5.40 -4.12
CA LEU A 48 -4.91 4.96 -3.92
C LEU A 48 -5.62 4.88 -5.27
N ILE A 49 -6.07 3.68 -5.60
CA ILE A 49 -6.76 3.46 -6.85
C ILE A 49 -8.25 3.25 -6.58
N ARG A 50 -9.05 4.17 -7.10
CA ARG A 50 -10.48 4.12 -6.92
C ARG A 50 -11.19 4.06 -8.28
N ASN A 51 -11.80 2.91 -8.55
CA ASN A 51 -12.51 2.72 -9.80
C ASN A 51 -11.50 2.45 -10.91
N GLY A 52 -10.23 2.40 -10.53
CA GLY A 52 -9.16 2.15 -11.47
C GLY A 52 -8.29 3.38 -11.67
N GLN A 53 -8.81 4.52 -11.22
CA GLN A 53 -8.10 5.78 -11.34
C GLN A 53 -7.35 6.08 -10.04
N VAL A 54 -6.23 6.76 -10.20
CA VAL A 54 -5.41 7.13 -9.07
C VAL A 54 -5.85 8.50 -8.53
N ILE A 55 -6.02 8.56 -7.22
CA ILE A 55 -6.44 9.80 -6.58
C ILE A 55 -5.25 10.42 -5.85
N TRP A 56 -4.50 9.55 -5.18
CA TRP A 56 -3.34 10.00 -4.44
C TRP A 56 -2.12 9.21 -4.93
N LYS A 57 -1.02 9.90 -5.09
CA LYS A 57 0.22 9.28 -5.56
C LYS A 57 1.39 9.84 -4.75
N GLY A 58 2.00 8.96 -3.97
CA GLY A 58 3.13 9.35 -3.15
C GLY A 58 3.47 8.26 -2.13
N SER A 59 4.06 8.69 -1.02
CA SER A 59 4.42 7.78 0.04
C SER A 59 3.54 8.00 1.26
N LEU A 60 3.26 6.90 1.97
CA LEU A 60 2.43 6.96 3.16
C LEU A 60 3.14 7.79 4.23
N THR A 61 2.33 8.36 5.11
CA THR A 61 2.87 9.19 6.19
C THR A 61 3.11 8.33 7.43
N SER A 62 2.33 7.27 7.54
CA SER A 62 2.44 6.37 8.68
C SER A 62 1.86 5.00 8.33
N LEU A 63 1.97 4.08 9.27
CA LEU A 63 1.46 2.73 9.07
C LEU A 63 1.65 1.92 10.35
N LYS A 64 0.53 1.67 11.02
CA LYS A 64 0.56 0.91 12.26
C LYS A 64 -0.22 -0.39 12.07
N HIS A 65 0.17 -1.39 12.86
CA HIS A 65 -0.48 -2.69 12.78
C HIS A 65 -1.42 -2.87 13.98
N HIS A 66 -2.38 -1.96 14.07
CA HIS A 66 -3.35 -2.01 15.16
C HIS A 66 -2.79 -1.27 16.37
N LYS A 67 -1.72 -1.82 16.92
CA LYS A 67 -1.08 -1.23 18.09
C LYS A 67 0.40 -1.61 18.11
N ASP A 68 1.14 -0.99 17.21
CA ASP A 68 2.57 -1.25 17.11
C ASP A 68 3.14 -0.48 15.91
N ASP A 69 4.42 -0.15 16.02
CA ASP A 69 5.10 0.58 14.96
C ASP A 69 5.90 -0.41 14.11
N ILE A 70 5.21 -1.04 13.17
CA ILE A 70 5.85 -2.01 12.30
C ILE A 70 6.21 -1.32 10.97
N SER A 71 7.11 -1.96 10.24
CA SER A 71 7.54 -1.42 8.96
C SER A 71 6.68 -2.00 7.83
N VAL A 72 6.68 -3.32 7.74
CA VAL A 72 5.91 -4.00 6.71
C VAL A 72 4.67 -4.63 7.35
N ILE A 73 3.76 -5.05 6.49
CA ILE A 73 2.53 -5.68 6.96
C ILE A 73 2.28 -6.96 6.16
N LYS A 74 2.59 -8.08 6.79
CA LYS A 74 2.41 -9.37 6.14
C LYS A 74 0.96 -9.50 5.67
N THR A 75 0.68 -10.61 5.01
CA THR A 75 -0.66 -10.86 4.51
C THR A 75 -1.60 -11.24 5.65
N GLY A 76 -2.87 -10.90 5.47
CA GLY A 76 -3.88 -11.20 6.47
C GLY A 76 -3.79 -10.21 7.64
N MET A 77 -2.81 -9.32 7.56
CA MET A 77 -2.59 -8.34 8.60
C MET A 77 -3.42 -7.07 8.32
N ASP A 78 -4.05 -6.57 9.37
CA ASP A 78 -4.86 -5.38 9.24
C ASP A 78 -4.07 -4.17 9.76
N CYS A 79 -3.94 -3.17 8.90
CA CYS A 79 -3.21 -1.97 9.25
C CYS A 79 -3.94 -0.77 8.64
N GLY A 80 -3.64 0.41 9.18
CA GLY A 80 -4.26 1.63 8.70
C GLY A 80 -3.21 2.67 8.31
N LEU A 81 -3.29 3.11 7.07
CA LEU A 81 -2.36 4.09 6.56
C LEU A 81 -3.10 5.41 6.30
N SER A 82 -2.32 6.45 6.04
CA SER A 82 -2.88 7.76 5.78
C SER A 82 -2.00 8.51 4.77
N LEU A 83 -2.63 9.43 4.05
CA LEU A 83 -1.93 10.22 3.05
C LEU A 83 -1.74 11.64 3.58
N ASP A 84 -0.60 12.21 3.24
CA ASP A 84 -0.28 13.56 3.67
C ASP A 84 -1.42 14.51 3.26
N GLU A 85 -2.16 14.07 2.25
CA GLU A 85 -3.28 14.86 1.76
C GLU A 85 -4.58 14.41 2.42
N GLU A 86 -5.36 15.40 2.85
CA GLU A 86 -6.63 15.13 3.51
C GLU A 86 -7.75 15.07 2.48
N LYS A 87 -7.61 15.89 1.44
CA LYS A 87 -8.60 15.94 0.38
C LYS A 87 -8.92 14.52 -0.09
N VAL A 88 -7.85 13.75 -0.29
CA VAL A 88 -8.01 12.37 -0.74
C VAL A 88 -8.70 11.55 0.35
N GLU A 89 -9.72 10.82 -0.05
CA GLU A 89 -10.47 10.00 0.87
C GLU A 89 -10.58 8.56 0.35
N PHE A 90 -10.28 7.62 1.23
CA PHE A 90 -10.33 6.21 0.87
C PHE A 90 -11.76 5.68 0.95
N LYS A 91 -12.03 4.69 0.11
CA LYS A 91 -13.35 4.09 0.07
C LYS A 91 -13.22 2.57 0.08
N PRO A 92 -14.30 1.89 0.56
CA PRO A 92 -14.31 0.44 0.63
C PRO A 92 -14.51 -0.17 -0.76
N GLY A 93 -13.64 0.22 -1.67
CA GLY A 93 -13.71 -0.28 -3.03
C GLY A 93 -12.54 0.27 -3.87
N ASP A 94 -11.41 0.44 -3.22
CA ASP A 94 -10.22 0.95 -3.88
C ASP A 94 -9.08 -0.06 -3.74
N GLN A 95 -7.92 0.32 -4.24
CA GLN A 95 -6.76 -0.53 -4.18
C GLN A 95 -5.53 0.26 -3.69
N VAL A 96 -4.59 -0.46 -3.13
CA VAL A 96 -3.37 0.16 -2.62
C VAL A 96 -2.16 -0.65 -3.09
N ILE A 97 -1.53 -0.16 -4.14
CA ILE A 97 -0.37 -0.83 -4.70
C ILE A 97 0.89 -0.30 -4.01
N CYS A 98 1.63 -1.23 -3.41
CA CYS A 98 2.85 -0.87 -2.71
C CYS A 98 4.04 -1.32 -3.56
N TYR A 99 4.59 -0.36 -4.29
CA TYR A 99 5.73 -0.64 -5.15
C TYR A 99 6.82 0.42 -4.97
N GLU A 100 7.94 0.20 -5.66
CA GLU A 100 9.06 1.12 -5.58
C GLU A 100 9.14 1.97 -6.84
N GLU A 101 9.23 3.27 -6.64
CA GLU A 101 9.30 4.20 -7.75
C GLU A 101 10.56 3.94 -8.57
N ASN A 102 11.70 4.04 -7.90
CA ASN A 102 12.99 3.82 -8.56
C ASN A 102 13.26 2.32 -8.62
N LYS A 103 13.95 1.92 -9.68
CA LYS A 103 14.29 0.51 -9.87
C LYS A 103 15.75 0.29 -9.48
N VAL A 104 15.95 0.02 -8.19
CA VAL A 104 17.29 -0.22 -7.68
C VAL A 104 17.80 -1.56 -8.19
N PRO A 105 19.16 -1.67 -8.29
CA PRO A 105 19.78 -2.89 -8.76
C PRO A 105 19.73 -3.98 -7.70
N THR A 106 19.73 -5.22 -8.16
CA THR A 106 19.70 -6.36 -7.25
C THR A 106 20.86 -7.31 -7.53
N LYS A 107 21.09 -8.20 -6.58
CA LYS A 107 22.18 -9.17 -6.72
C LYS A 107 21.74 -10.51 -6.12
N THR A 108 22.19 -11.58 -6.76
CA THR A 108 21.85 -12.91 -6.31
C THR A 108 20.35 -13.02 -6.02
N SER A 109 19.58 -13.17 -7.10
CA SER A 109 18.14 -13.28 -6.96
C SER A 109 17.59 -14.20 -8.06
N TRP A 110 16.99 -15.31 -7.61
CA TRP A 110 16.43 -16.28 -8.53
C TRP A 110 15.52 -17.21 -7.73
N ASP A 111 14.22 -16.95 -7.82
CA ASP A 111 13.25 -17.75 -7.11
C ASP A 111 12.60 -18.74 -8.09
N PRO A 112 12.10 -19.87 -7.52
CA PRO A 112 11.46 -20.89 -8.34
C PRO A 112 10.06 -20.45 -8.75
N GLY A 113 9.35 -19.86 -7.80
CA GLY A 113 8.00 -19.39 -8.06
C GLY A 113 7.15 -20.48 -8.73
N PHE A 114 6.04 -20.06 -9.29
CA PHE A 114 5.14 -20.99 -9.96
C PHE A 114 4.73 -20.45 -11.34
N SER A 115 4.23 -19.23 -11.34
CA SER A 115 3.79 -18.60 -12.57
C SER A 115 2.67 -19.42 -13.21
N GLY A 116 1.44 -19.06 -12.84
CA GLY A 116 0.27 -19.75 -13.36
C GLY A 116 -0.99 -18.91 -13.15
N PRO A 117 -2.16 -19.61 -13.21
CA PRO A 117 -3.44 -18.95 -13.03
C PRO A 117 -3.68 -18.62 -11.56
N SER A 118 -4.55 -17.65 -11.34
CA SER A 118 -4.87 -17.22 -9.99
C SER A 118 -6.14 -16.35 -10.00
N SER A 119 -7.18 -16.89 -9.40
CA SER A 119 -8.45 -16.17 -9.34
C SER A 119 -9.18 -16.51 -8.03
N GLY A 120 -10.01 -15.57 -7.59
CA GLY A 120 -10.76 -15.76 -6.37
C GLY A 120 -9.83 -16.04 -5.19
N GLY A 1 5.57 13.60 -13.11
CA GLY A 1 6.11 12.64 -14.06
C GLY A 1 5.02 11.68 -14.54
N SER A 2 5.45 10.71 -15.33
CA SER A 2 4.53 9.72 -15.86
C SER A 2 5.30 8.51 -16.40
N SER A 3 6.18 8.78 -17.34
CA SER A 3 6.99 7.74 -17.95
C SER A 3 7.82 7.03 -16.86
N GLY A 4 7.88 5.71 -16.97
CA GLY A 4 8.63 4.91 -16.02
C GLY A 4 7.85 3.65 -15.64
N SER A 5 8.25 2.54 -16.24
CA SER A 5 7.61 1.27 -15.97
C SER A 5 8.64 0.15 -15.98
N SER A 6 8.80 -0.49 -14.83
CA SER A 6 9.75 -1.58 -14.70
C SER A 6 9.65 -2.20 -13.30
N GLY A 7 9.86 -1.35 -12.31
CA GLY A 7 9.81 -1.79 -10.92
C GLY A 7 8.61 -2.72 -10.70
N TYR A 8 8.79 -3.64 -9.75
CA TYR A 8 7.74 -4.60 -9.43
C TYR A 8 7.00 -4.17 -8.16
N PRO A 9 5.73 -4.65 -8.06
CA PRO A 9 4.90 -4.33 -6.90
C PRO A 9 5.34 -5.14 -5.67
N ILE A 10 5.59 -4.43 -4.58
CA ILE A 10 6.00 -5.07 -3.35
C ILE A 10 4.84 -5.90 -2.78
N GLY A 11 3.66 -5.30 -2.84
CA GLY A 11 2.47 -5.96 -2.34
C GLY A 11 1.25 -5.06 -2.46
N GLU A 12 0.12 -5.68 -2.75
CA GLU A 12 -1.14 -4.95 -2.90
C GLU A 12 -1.97 -5.07 -1.63
N ALA A 13 -2.97 -4.20 -1.53
CA ALA A 13 -3.86 -4.20 -0.39
C ALA A 13 -5.16 -3.50 -0.76
N SER A 14 -6.26 -4.13 -0.36
CA SER A 14 -7.58 -3.58 -0.65
C SER A 14 -8.14 -2.90 0.60
N ILE A 15 -8.95 -1.87 0.37
CA ILE A 15 -9.55 -1.13 1.46
C ILE A 15 -10.92 -1.75 1.79
N LEU A 16 -11.04 -2.20 3.02
CA LEU A 16 -12.27 -2.81 3.49
C LEU A 16 -13.17 -1.73 4.11
N ALA A 17 -12.52 -0.80 4.78
CA ALA A 17 -13.24 0.29 5.43
C ALA A 17 -12.35 1.53 5.47
N THR A 18 -12.98 2.67 5.71
CA THR A 18 -12.26 3.93 5.78
C THR A 18 -12.86 4.82 6.87
N PHE A 19 -11.97 5.48 7.61
CA PHE A 19 -12.39 6.37 8.68
C PHE A 19 -11.33 7.43 8.96
N THR A 20 -11.60 8.25 9.96
CA THR A 20 -10.69 9.30 10.34
C THR A 20 -10.19 9.10 11.77
N VAL A 21 -9.14 9.82 12.11
CA VAL A 21 -8.56 9.72 13.45
C VAL A 21 -8.24 11.12 13.96
N THR A 22 -8.14 11.22 15.28
CA THR A 22 -7.83 12.50 15.91
C THR A 22 -6.49 12.42 16.64
N GLU A 23 -5.71 13.48 16.47
CA GLU A 23 -4.40 13.55 17.11
C GLU A 23 -4.12 14.97 17.59
N GLY A 24 -4.33 15.18 18.88
CA GLY A 24 -4.11 16.49 19.48
C GLY A 24 -5.33 17.39 19.29
N LYS A 25 -5.82 17.43 18.06
CA LYS A 25 -6.97 18.25 17.73
C LYS A 25 -7.32 18.08 16.25
N LYS A 26 -6.26 18.01 15.44
CA LYS A 26 -6.44 17.84 14.01
C LYS A 26 -7.16 16.52 13.73
N LYS A 27 -7.47 16.30 12.46
CA LYS A 27 -8.16 15.10 12.05
C LYS A 27 -7.43 14.48 10.85
N ILE A 28 -6.73 13.39 11.11
CA ILE A 28 -5.99 12.70 10.06
C ILE A 28 -6.83 11.53 9.54
N PRO A 29 -7.00 11.50 8.19
CA PRO A 29 -7.77 10.44 7.56
C PRO A 29 -6.98 9.14 7.53
N VAL A 30 -7.70 8.04 7.73
CA VAL A 30 -7.08 6.73 7.72
C VAL A 30 -7.89 5.79 6.82
N ALA A 31 -7.21 4.80 6.26
CA ALA A 31 -7.85 3.83 5.40
C ALA A 31 -7.43 2.43 5.81
N ASP A 32 -8.41 1.66 6.28
CA ASP A 32 -8.15 0.29 6.71
C ASP A 32 -8.18 -0.63 5.49
N CYS A 33 -7.04 -1.24 5.23
CA CYS A 33 -6.91 -2.15 4.10
C CYS A 33 -6.33 -3.47 4.61
N ARG A 34 -6.78 -4.55 4.00
CA ARG A 34 -6.31 -5.88 4.39
C ARG A 34 -5.35 -6.43 3.33
N VAL A 35 -4.11 -6.62 3.73
CA VAL A 35 -3.09 -7.14 2.84
C VAL A 35 -3.56 -8.47 2.26
N GLN A 36 -3.70 -8.50 0.94
CA GLN A 36 -4.14 -9.71 0.26
C GLN A 36 -2.93 -10.52 -0.20
N LYS A 37 -1.90 -9.80 -0.62
CA LYS A 37 -0.69 -10.45 -1.09
C LYS A 37 0.53 -9.60 -0.69
N GLY A 38 1.63 -10.29 -0.42
CA GLY A 38 2.85 -9.61 -0.02
C GLY A 38 2.64 -8.81 1.27
N GLN A 39 3.34 -7.68 1.34
CA GLN A 39 3.25 -6.82 2.50
C GLN A 39 3.34 -5.35 2.08
N LEU A 40 3.07 -4.47 3.04
CA LEU A 40 3.12 -3.05 2.78
C LEU A 40 4.22 -2.41 3.63
N GLU A 41 5.15 -1.76 2.94
CA GLU A 41 6.26 -1.11 3.63
C GLU A 41 5.80 0.18 4.29
N ARG A 42 6.68 0.75 5.09
CA ARG A 42 6.38 1.98 5.80
C ARG A 42 7.20 3.14 5.23
N HIS A 43 6.50 4.16 4.77
CA HIS A 43 7.15 5.33 4.21
C HIS A 43 7.34 5.13 2.70
N LYS A 44 7.37 3.88 2.30
CA LYS A 44 7.54 3.54 0.90
C LYS A 44 6.53 4.35 0.06
N LYS A 45 6.60 4.14 -1.25
CA LYS A 45 5.70 4.83 -2.15
C LYS A 45 4.44 4.00 -2.36
N PHE A 46 3.31 4.69 -2.44
CA PHE A 46 2.04 4.04 -2.63
C PHE A 46 1.08 4.91 -3.44
N LYS A 47 -0.11 4.37 -3.68
CA LYS A 47 -1.12 5.10 -4.44
C LYS A 47 -2.48 4.47 -4.19
N LEU A 48 -3.52 5.29 -4.30
CA LEU A 48 -4.88 4.82 -4.10
C LEU A 48 -5.57 4.67 -5.45
N ILE A 49 -6.02 3.46 -5.71
CA ILE A 49 -6.71 3.16 -6.96
C ILE A 49 -8.18 2.88 -6.67
N ARG A 50 -9.02 3.78 -7.16
CA ARG A 50 -10.46 3.66 -6.97
C ARG A 50 -11.17 3.57 -8.32
N ASN A 51 -11.74 2.41 -8.58
CA ASN A 51 -12.46 2.18 -9.82
C ASN A 51 -11.45 1.93 -10.95
N GLY A 52 -10.18 1.94 -10.57
CA GLY A 52 -9.11 1.72 -11.53
C GLY A 52 -8.30 3.01 -11.75
N GLN A 53 -8.88 4.12 -11.31
CA GLN A 53 -8.22 5.40 -11.45
C GLN A 53 -7.44 5.75 -10.18
N VAL A 54 -6.36 6.49 -10.37
CA VAL A 54 -5.52 6.88 -9.25
C VAL A 54 -5.98 8.25 -8.74
N ILE A 55 -6.24 8.30 -7.45
CA ILE A 55 -6.70 9.54 -6.83
C ILE A 55 -5.51 10.21 -6.13
N TRP A 56 -4.72 9.39 -5.47
CA TRP A 56 -3.55 9.89 -4.76
C TRP A 56 -2.34 9.07 -5.20
N LYS A 57 -1.25 9.78 -5.45
CA LYS A 57 -0.01 9.14 -5.88
C LYS A 57 1.17 9.77 -5.15
N GLY A 58 1.84 8.96 -4.34
CA GLY A 58 2.98 9.43 -3.59
C GLY A 58 3.41 8.40 -2.54
N SER A 59 3.88 8.91 -1.41
CA SER A 59 4.32 8.06 -0.32
C SER A 59 3.42 8.26 0.90
N LEU A 60 3.14 7.15 1.57
CA LEU A 60 2.30 7.19 2.76
C LEU A 60 2.94 8.11 3.80
N THR A 61 2.16 8.42 4.82
CA THR A 61 2.63 9.28 5.89
C THR A 61 2.86 8.48 7.17
N SER A 62 2.19 7.34 7.25
CA SER A 62 2.32 6.47 8.40
C SER A 62 1.68 5.11 8.11
N LEU A 63 2.15 4.10 8.83
CA LEU A 63 1.64 2.76 8.66
C LEU A 63 1.85 1.96 9.95
N LYS A 64 0.75 1.76 10.68
CA LYS A 64 0.81 1.03 11.93
C LYS A 64 0.00 -0.26 11.78
N HIS A 65 0.26 -1.18 12.70
CA HIS A 65 -0.44 -2.46 12.69
C HIS A 65 -1.34 -2.56 13.92
N HIS A 66 -2.29 -1.65 13.99
CA HIS A 66 -3.23 -1.63 15.11
C HIS A 66 -2.53 -1.07 16.35
N LYS A 67 -1.63 -1.87 16.90
CA LYS A 67 -0.90 -1.46 18.08
C LYS A 67 0.52 -2.06 18.02
N ASP A 68 1.33 -1.46 17.17
CA ASP A 68 2.71 -1.92 17.00
C ASP A 68 3.33 -1.22 15.79
N ASP A 69 4.35 -0.44 16.06
CA ASP A 69 5.04 0.29 15.00
C ASP A 69 5.85 -0.70 14.16
N ILE A 70 5.16 -1.35 13.24
CA ILE A 70 5.80 -2.31 12.36
C ILE A 70 6.18 -1.63 11.04
N SER A 71 7.11 -2.26 10.34
CA SER A 71 7.58 -1.73 9.08
C SER A 71 6.73 -2.28 7.93
N VAL A 72 6.71 -3.59 7.83
CA VAL A 72 5.94 -4.26 6.79
C VAL A 72 4.65 -4.83 7.39
N ILE A 73 3.72 -5.15 6.52
CA ILE A 73 2.45 -5.71 6.94
C ILE A 73 2.17 -6.99 6.17
N LYS A 74 2.41 -8.11 6.83
CA LYS A 74 2.19 -9.41 6.22
C LYS A 74 0.73 -9.52 5.79
N THR A 75 0.41 -10.64 5.14
CA THR A 75 -0.94 -10.88 4.67
C THR A 75 -1.86 -11.21 5.85
N GLY A 76 -3.10 -10.76 5.73
CA GLY A 76 -4.08 -11.00 6.78
C GLY A 76 -3.97 -9.95 7.88
N MET A 77 -2.89 -9.19 7.83
CA MET A 77 -2.65 -8.16 8.82
C MET A 77 -3.40 -6.87 8.46
N ASP A 78 -4.14 -6.36 9.43
CA ASP A 78 -4.91 -5.15 9.22
C ASP A 78 -4.08 -3.94 9.67
N CYS A 79 -3.96 -2.98 8.78
CA CYS A 79 -3.20 -1.77 9.07
C CYS A 79 -3.94 -0.58 8.47
N GLY A 80 -3.62 0.60 8.98
CA GLY A 80 -4.24 1.82 8.51
C GLY A 80 -3.18 2.86 8.10
N LEU A 81 -3.25 3.26 6.84
CA LEU A 81 -2.31 4.23 6.32
C LEU A 81 -3.04 5.55 6.07
N SER A 82 -2.26 6.60 5.83
CA SER A 82 -2.82 7.91 5.57
C SER A 82 -1.96 8.65 4.54
N LEU A 83 -2.62 9.53 3.78
CA LEU A 83 -1.94 10.30 2.76
C LEU A 83 -1.73 11.72 3.27
N ASP A 84 -0.63 12.32 2.83
CA ASP A 84 -0.30 13.68 3.22
C ASP A 84 -1.38 14.63 2.72
N GLU A 85 -2.09 14.18 1.69
CA GLU A 85 -3.16 14.97 1.11
C GLU A 85 -4.51 14.51 1.64
N GLU A 86 -4.80 14.92 2.86
CA GLU A 86 -6.07 14.56 3.48
C GLU A 86 -7.22 14.70 2.48
N LYS A 87 -7.02 15.59 1.52
CA LYS A 87 -8.03 15.83 0.51
C LYS A 87 -8.49 14.49 -0.07
N VAL A 88 -7.52 13.66 -0.41
CA VAL A 88 -7.82 12.34 -0.96
C VAL A 88 -8.53 11.49 0.08
N GLU A 89 -9.68 10.96 -0.31
CA GLU A 89 -10.46 10.13 0.59
C GLU A 89 -10.55 8.70 0.05
N PHE A 90 -10.36 7.76 0.95
CA PHE A 90 -10.42 6.35 0.57
C PHE A 90 -11.85 5.81 0.67
N LYS A 91 -12.07 4.68 0.02
CA LYS A 91 -13.38 4.06 0.01
C LYS A 91 -13.22 2.53 0.05
N PRO A 92 -14.29 1.86 0.55
CA PRO A 92 -14.28 0.41 0.64
C PRO A 92 -14.46 -0.23 -0.73
N GLY A 93 -13.58 0.15 -1.66
CA GLY A 93 -13.64 -0.37 -3.01
C GLY A 93 -12.50 0.18 -3.85
N ASP A 94 -11.37 0.40 -3.21
CA ASP A 94 -10.19 0.93 -3.89
C ASP A 94 -9.07 -0.11 -3.83
N GLN A 95 -7.88 0.34 -4.19
CA GLN A 95 -6.72 -0.53 -4.19
C GLN A 95 -5.47 0.25 -3.75
N VAL A 96 -4.51 -0.49 -3.20
CA VAL A 96 -3.28 0.10 -2.73
C VAL A 96 -2.10 -0.73 -3.21
N ILE A 97 -1.48 -0.27 -4.29
CA ILE A 97 -0.34 -0.97 -4.86
C ILE A 97 0.95 -0.39 -4.26
N CYS A 98 1.64 -1.23 -3.50
CA CYS A 98 2.88 -0.81 -2.87
C CYS A 98 4.03 -1.20 -3.79
N TYR A 99 4.80 -0.20 -4.20
CA TYR A 99 5.93 -0.42 -5.07
C TYR A 99 7.09 0.52 -4.73
N GLU A 100 8.20 0.31 -5.41
CA GLU A 100 9.38 1.12 -5.18
C GLU A 100 9.95 1.61 -6.51
N GLU A 101 10.28 2.90 -6.54
CA GLU A 101 10.83 3.51 -7.74
C GLU A 101 12.33 3.25 -7.82
N ASN A 102 12.68 2.11 -8.40
CA ASN A 102 14.07 1.73 -8.54
C ASN A 102 14.20 0.68 -9.64
N LYS A 103 15.43 0.46 -10.07
CA LYS A 103 15.70 -0.51 -11.12
C LYS A 103 16.86 -1.42 -10.68
N VAL A 104 16.55 -2.70 -10.58
CA VAL A 104 17.55 -3.68 -10.17
C VAL A 104 17.08 -5.08 -10.57
N PRO A 105 18.02 -5.88 -11.11
CA PRO A 105 17.72 -7.24 -11.53
C PRO A 105 17.58 -8.17 -10.31
N THR A 106 16.72 -9.16 -10.47
CA THR A 106 16.49 -10.11 -9.40
C THR A 106 16.79 -11.54 -9.88
N LYS A 107 17.91 -12.07 -9.43
CA LYS A 107 18.30 -13.41 -9.81
C LYS A 107 17.58 -14.43 -8.92
N THR A 108 17.78 -14.29 -7.62
CA THR A 108 17.15 -15.18 -6.67
C THR A 108 17.23 -16.63 -7.15
N SER A 109 18.39 -17.22 -6.92
CA SER A 109 18.61 -18.61 -7.33
C SER A 109 18.96 -19.46 -6.10
N TRP A 110 17.91 -19.86 -5.39
CA TRP A 110 18.09 -20.68 -4.20
C TRP A 110 17.17 -21.89 -4.32
N ASP A 111 17.56 -22.97 -3.66
CA ASP A 111 16.79 -24.20 -3.68
C ASP A 111 17.09 -25.01 -2.43
N PRO A 112 16.02 -25.63 -1.87
CA PRO A 112 16.15 -26.44 -0.68
C PRO A 112 16.80 -27.79 -1.00
N GLY A 113 17.45 -28.36 0.01
CA GLY A 113 18.11 -29.64 -0.16
C GLY A 113 19.44 -29.68 0.61
N PHE A 114 19.64 -30.80 1.30
CA PHE A 114 20.86 -30.97 2.07
C PHE A 114 21.06 -29.81 3.05
N SER A 115 22.11 -29.93 3.86
CA SER A 115 22.42 -28.90 4.83
C SER A 115 21.27 -28.75 5.82
N GLY A 116 21.54 -29.10 7.07
CA GLY A 116 20.55 -29.01 8.11
C GLY A 116 21.17 -28.56 9.44
N PRO A 117 20.46 -28.86 10.55
CA PRO A 117 20.92 -28.50 11.87
C PRO A 117 22.07 -29.42 12.32
N SER A 118 22.81 -28.94 13.31
CA SER A 118 23.93 -29.71 13.84
C SER A 118 24.50 -29.02 15.08
N SER A 119 25.09 -29.83 15.95
CA SER A 119 25.68 -29.31 17.17
C SER A 119 26.98 -30.06 17.49
N GLY A 120 27.87 -29.36 18.17
CA GLY A 120 29.14 -29.94 18.55
C GLY A 120 30.06 -30.08 17.33
N GLY A 1 -4.68 11.88 -19.09
CA GLY A 1 -3.48 11.18 -19.50
C GLY A 1 -3.29 9.89 -18.69
N SER A 2 -2.39 9.97 -17.72
CA SER A 2 -2.10 8.82 -16.88
C SER A 2 -1.71 7.61 -17.74
N SER A 3 -0.45 7.60 -18.14
CA SER A 3 0.07 6.52 -18.96
C SER A 3 1.58 6.38 -18.76
N GLY A 4 1.94 5.50 -17.84
CA GLY A 4 3.34 5.26 -17.55
C GLY A 4 3.50 4.24 -16.42
N SER A 5 3.91 3.04 -16.81
CA SER A 5 4.10 1.97 -15.85
C SER A 5 5.56 1.52 -15.85
N SER A 6 6.16 1.58 -14.67
CA SER A 6 7.55 1.19 -14.52
C SER A 6 7.73 0.35 -13.25
N GLY A 7 8.54 -0.68 -13.37
CA GLY A 7 8.80 -1.57 -12.24
C GLY A 7 7.59 -2.46 -11.94
N TYR A 8 7.70 -3.21 -10.86
CA TYR A 8 6.62 -4.11 -10.48
C TYR A 8 6.14 -3.80 -9.06
N PRO A 9 4.86 -4.16 -8.79
CA PRO A 9 4.27 -3.92 -7.48
C PRO A 9 4.80 -4.92 -6.45
N ILE A 10 5.22 -4.38 -5.31
CA ILE A 10 5.75 -5.21 -4.24
C ILE A 10 4.60 -5.97 -3.58
N GLY A 11 3.51 -5.25 -3.36
CA GLY A 11 2.33 -5.84 -2.73
C GLY A 11 1.15 -4.88 -2.78
N GLU A 12 -0.04 -5.46 -2.91
CA GLU A 12 -1.26 -4.66 -2.96
C GLU A 12 -2.06 -4.82 -1.67
N ALA A 13 -2.99 -3.90 -1.46
CA ALA A 13 -3.83 -3.94 -0.28
C ALA A 13 -5.20 -3.37 -0.61
N SER A 14 -6.23 -4.10 -0.21
CA SER A 14 -7.60 -3.68 -0.47
C SER A 14 -8.17 -3.00 0.78
N ILE A 15 -8.91 -1.92 0.53
CA ILE A 15 -9.52 -1.17 1.62
C ILE A 15 -10.85 -1.82 1.99
N LEU A 16 -10.93 -2.26 3.24
CA LEU A 16 -12.14 -2.90 3.73
C LEU A 16 -13.03 -1.85 4.38
N ALA A 17 -12.40 -0.93 5.10
CA ALA A 17 -13.12 0.14 5.77
C ALA A 17 -12.30 1.42 5.72
N THR A 18 -13.00 2.54 5.76
CA THR A 18 -12.36 3.84 5.73
C THR A 18 -12.94 4.76 6.79
N PHE A 19 -12.05 5.50 7.44
CA PHE A 19 -12.46 6.42 8.48
C PHE A 19 -11.37 7.46 8.76
N THR A 20 -11.68 8.36 9.68
CA THR A 20 -10.75 9.41 10.04
C THR A 20 -10.32 9.26 11.51
N VAL A 21 -9.22 9.93 11.85
CA VAL A 21 -8.71 9.88 13.21
C VAL A 21 -8.44 11.30 13.70
N THR A 22 -8.34 11.44 15.01
CA THR A 22 -8.09 12.73 15.62
C THR A 22 -6.81 12.69 16.45
N GLU A 23 -6.01 13.74 16.31
CA GLU A 23 -4.77 13.84 17.04
C GLU A 23 -4.57 15.26 17.57
N GLY A 24 -4.88 15.43 18.84
CA GLY A 24 -4.74 16.73 19.48
C GLY A 24 -5.96 17.61 19.19
N LYS A 25 -6.27 17.72 17.91
CA LYS A 25 -7.40 18.53 17.48
C LYS A 25 -7.68 18.27 15.99
N LYS A 26 -6.60 18.23 15.22
CA LYS A 26 -6.71 18.00 13.80
C LYS A 26 -7.30 16.61 13.55
N LYS A 27 -7.77 16.41 12.33
CA LYS A 27 -8.36 15.14 11.96
C LYS A 27 -7.63 14.57 10.74
N ILE A 28 -6.85 13.53 10.99
CA ILE A 28 -6.09 12.89 9.93
C ILE A 28 -6.90 11.72 9.37
N PRO A 29 -6.91 11.64 8.01
CA PRO A 29 -7.63 10.57 7.33
C PRO A 29 -6.90 9.24 7.45
N VAL A 30 -7.67 8.18 7.50
CA VAL A 30 -7.10 6.84 7.62
C VAL A 30 -7.94 5.86 6.79
N ALA A 31 -7.30 4.77 6.40
CA ALA A 31 -7.98 3.75 5.61
C ALA A 31 -7.53 2.37 6.06
N ASP A 32 -8.47 1.62 6.60
CA ASP A 32 -8.18 0.28 7.09
C ASP A 32 -8.22 -0.70 5.91
N CYS A 33 -7.04 -1.09 5.47
CA CYS A 33 -6.92 -2.02 4.35
C CYS A 33 -6.31 -3.32 4.87
N ARG A 34 -6.46 -4.37 4.08
CA ARG A 34 -5.94 -5.66 4.44
C ARG A 34 -5.04 -6.21 3.33
N VAL A 35 -3.79 -6.48 3.71
CA VAL A 35 -2.82 -6.99 2.75
C VAL A 35 -3.31 -8.35 2.23
N GLN A 36 -3.71 -8.34 0.96
CA GLN A 36 -4.20 -9.55 0.33
C GLN A 36 -3.04 -10.35 -0.27
N LYS A 37 -2.11 -9.61 -0.87
CA LYS A 37 -0.95 -10.23 -1.49
C LYS A 37 0.29 -9.39 -1.18
N GLY A 38 1.38 -10.09 -0.88
CA GLY A 38 2.64 -9.42 -0.56
C GLY A 38 2.57 -8.76 0.81
N GLN A 39 3.30 -7.67 0.94
CA GLN A 39 3.34 -6.94 2.20
C GLN A 39 3.48 -5.44 1.95
N LEU A 40 3.36 -4.68 3.02
CA LEU A 40 3.47 -3.24 2.94
C LEU A 40 4.68 -2.76 3.75
N GLU A 41 5.56 -2.04 3.07
CA GLU A 41 6.76 -1.53 3.72
C GLU A 41 6.65 -0.01 3.92
N ARG A 42 6.79 0.39 5.17
CA ARG A 42 6.71 1.81 5.51
C ARG A 42 7.94 2.56 4.99
N HIS A 43 7.96 2.77 3.68
CA HIS A 43 9.06 3.46 3.05
C HIS A 43 8.79 3.61 1.55
N LYS A 44 8.42 2.49 0.95
CA LYS A 44 8.13 2.47 -0.48
C LYS A 44 7.06 3.52 -0.79
N LYS A 45 6.57 3.47 -2.01
CA LYS A 45 5.54 4.41 -2.46
C LYS A 45 4.19 3.71 -2.45
N PHE A 46 3.14 4.52 -2.55
CA PHE A 46 1.78 3.99 -2.55
C PHE A 46 0.86 4.89 -3.37
N LYS A 47 -0.35 4.38 -3.61
CA LYS A 47 -1.33 5.13 -4.38
C LYS A 47 -2.72 4.51 -4.15
N LEU A 48 -3.73 5.36 -4.26
CA LEU A 48 -5.10 4.92 -4.07
C LEU A 48 -5.79 4.80 -5.43
N ILE A 49 -6.29 3.60 -5.70
CA ILE A 49 -6.98 3.34 -6.96
C ILE A 49 -8.47 3.21 -6.70
N ARG A 50 -9.23 4.06 -7.38
CA ARG A 50 -10.68 4.06 -7.23
C ARG A 50 -11.35 3.95 -8.60
N ASN A 51 -11.98 2.81 -8.83
CA ASN A 51 -12.66 2.57 -10.10
C ASN A 51 -11.63 2.19 -11.17
N GLY A 52 -10.38 2.17 -10.75
CA GLY A 52 -9.29 1.83 -11.65
C GLY A 52 -8.37 3.03 -11.89
N GLN A 53 -8.85 4.19 -11.48
CA GLN A 53 -8.09 5.43 -11.64
C GLN A 53 -7.39 5.79 -10.33
N VAL A 54 -6.23 6.41 -10.47
CA VAL A 54 -5.46 6.82 -9.31
C VAL A 54 -5.93 8.19 -8.84
N ILE A 55 -6.07 8.32 -7.53
CA ILE A 55 -6.52 9.57 -6.95
C ILE A 55 -5.36 10.21 -6.18
N TRP A 56 -4.65 9.38 -5.44
CA TRP A 56 -3.51 9.84 -4.66
C TRP A 56 -2.30 8.99 -5.03
N LYS A 57 -1.18 9.66 -5.23
CA LYS A 57 0.06 8.98 -5.59
C LYS A 57 1.22 9.59 -4.80
N GLY A 58 1.99 8.73 -4.17
CA GLY A 58 3.13 9.17 -3.38
C GLY A 58 3.45 8.16 -2.27
N SER A 59 4.17 8.65 -1.27
CA SER A 59 4.55 7.81 -0.14
C SER A 59 3.63 8.09 1.05
N LEU A 60 3.59 7.13 1.97
CA LEU A 60 2.75 7.26 3.14
C LEU A 60 3.49 8.09 4.19
N THR A 61 2.72 8.57 5.17
CA THR A 61 3.29 9.38 6.23
C THR A 61 3.31 8.60 7.55
N SER A 62 2.42 7.63 7.63
CA SER A 62 2.32 6.80 8.82
C SER A 62 1.60 5.50 8.50
N LEU A 63 1.86 4.49 9.33
CA LEU A 63 1.24 3.19 9.14
C LEU A 63 1.44 2.35 10.40
N LYS A 64 0.33 1.81 10.89
CA LYS A 64 0.37 0.99 12.09
C LYS A 64 -0.55 -0.22 11.90
N HIS A 65 -0.14 -1.33 12.49
CA HIS A 65 -0.91 -2.56 12.41
C HIS A 65 -1.97 -2.58 13.50
N HIS A 66 -1.50 -2.47 14.73
CA HIS A 66 -2.41 -2.48 15.88
C HIS A 66 -1.60 -2.28 17.16
N LYS A 67 -1.87 -1.15 17.81
CA LYS A 67 -1.19 -0.82 19.05
C LYS A 67 0.28 -1.22 18.94
N ASP A 68 0.81 -1.08 17.73
CA ASP A 68 2.20 -1.41 17.48
C ASP A 68 2.68 -0.68 16.23
N ASP A 69 3.76 0.07 16.40
CA ASP A 69 4.33 0.83 15.29
C ASP A 69 5.21 -0.09 14.45
N ILE A 70 4.55 -0.84 13.58
CA ILE A 70 5.26 -1.76 12.70
C ILE A 70 5.62 -1.05 11.40
N SER A 71 6.51 -1.68 10.64
CA SER A 71 6.95 -1.12 9.38
C SER A 71 6.51 -2.03 8.22
N VAL A 72 6.61 -3.32 8.47
CA VAL A 72 6.23 -4.30 7.46
C VAL A 72 4.90 -4.94 7.85
N ILE A 73 4.09 -5.22 6.84
CA ILE A 73 2.80 -5.83 7.06
C ILE A 73 2.66 -7.07 6.18
N LYS A 74 2.57 -8.22 6.84
CA LYS A 74 2.44 -9.49 6.13
C LYS A 74 1.04 -9.59 5.54
N THR A 75 0.78 -10.73 4.91
CA THR A 75 -0.51 -10.97 4.30
C THR A 75 -1.53 -11.37 5.37
N GLY A 76 -2.76 -10.92 5.16
CA GLY A 76 -3.83 -11.22 6.10
C GLY A 76 -3.76 -10.32 7.34
N MET A 77 -2.80 -9.40 7.31
CA MET A 77 -2.61 -8.49 8.40
C MET A 77 -3.30 -7.14 8.13
N ASP A 78 -4.08 -6.70 9.10
CA ASP A 78 -4.79 -5.44 8.98
C ASP A 78 -3.90 -4.30 9.45
N CYS A 79 -3.94 -3.21 8.71
CA CYS A 79 -3.13 -2.04 9.04
C CYS A 79 -3.83 -0.80 8.48
N GLY A 80 -3.46 0.35 9.03
CA GLY A 80 -4.04 1.60 8.59
C GLY A 80 -2.96 2.55 8.07
N LEU A 81 -3.25 3.17 6.94
CA LEU A 81 -2.31 4.10 6.32
C LEU A 81 -2.98 5.47 6.19
N SER A 82 -2.16 6.48 6.00
CA SER A 82 -2.65 7.84 5.85
C SER A 82 -1.86 8.56 4.76
N LEU A 83 -2.58 9.40 4.01
CA LEU A 83 -1.96 10.16 2.94
C LEU A 83 -1.65 11.57 3.43
N ASP A 84 -0.53 12.09 2.95
CA ASP A 84 -0.11 13.42 3.34
C ASP A 84 -1.17 14.44 2.91
N GLU A 85 -1.64 14.28 1.69
CA GLU A 85 -2.66 15.16 1.16
C GLU A 85 -3.77 15.39 2.19
N GLU A 86 -4.44 14.31 2.53
CA GLU A 86 -5.52 14.37 3.50
C GLU A 86 -6.85 14.68 2.82
N LYS A 87 -6.74 15.19 1.59
CA LYS A 87 -7.92 15.53 0.82
C LYS A 87 -8.42 14.28 0.09
N VAL A 88 -7.50 13.36 -0.16
CA VAL A 88 -7.84 12.13 -0.85
C VAL A 88 -8.51 11.18 0.14
N GLU A 89 -9.82 11.02 -0.04
CA GLU A 89 -10.59 10.14 0.82
C GLU A 89 -10.66 8.74 0.22
N PHE A 90 -10.50 7.75 1.09
CA PHE A 90 -10.54 6.36 0.66
C PHE A 90 -11.97 5.83 0.65
N LYS A 91 -12.09 4.56 0.31
CA LYS A 91 -13.40 3.92 0.26
C LYS A 91 -13.21 2.40 0.20
N PRO A 92 -14.27 1.68 0.67
CA PRO A 92 -14.24 0.23 0.69
C PRO A 92 -14.43 -0.33 -0.72
N GLY A 93 -13.31 -0.58 -1.39
CA GLY A 93 -13.35 -1.11 -2.74
C GLY A 93 -12.12 -0.68 -3.54
N ASP A 94 -11.50 0.40 -3.07
CA ASP A 94 -10.32 0.94 -3.73
C ASP A 94 -9.16 -0.06 -3.57
N GLN A 95 -8.00 0.37 -4.04
CA GLN A 95 -6.82 -0.47 -3.96
C GLN A 95 -5.60 0.37 -3.55
N VAL A 96 -4.59 -0.32 -3.05
CA VAL A 96 -3.37 0.35 -2.62
C VAL A 96 -2.16 -0.46 -3.09
N ILE A 97 -1.56 0.00 -4.18
CA ILE A 97 -0.40 -0.66 -4.74
C ILE A 97 0.86 -0.11 -4.08
N CYS A 98 1.55 -0.98 -3.35
CA CYS A 98 2.76 -0.59 -2.68
C CYS A 98 3.95 -0.98 -3.56
N TYR A 99 4.45 0.01 -4.29
CA TYR A 99 5.58 -0.22 -5.18
C TYR A 99 6.55 0.98 -5.15
N GLU A 100 7.67 0.79 -5.82
CA GLU A 100 8.69 1.84 -5.88
C GLU A 100 8.98 2.21 -7.34
N GLU A 101 9.33 3.48 -7.53
CA GLU A 101 9.64 3.97 -8.86
C GLU A 101 11.02 3.47 -9.29
N ASN A 102 11.25 3.49 -10.60
CA ASN A 102 12.51 3.05 -11.16
C ASN A 102 12.71 1.57 -10.85
N LYS A 103 13.67 0.97 -11.54
CA LYS A 103 13.97 -0.43 -11.34
C LYS A 103 15.49 -0.62 -11.28
N VAL A 104 15.93 -1.29 -10.22
CA VAL A 104 17.34 -1.55 -10.02
C VAL A 104 17.73 -2.84 -10.74
N PRO A 105 18.88 -2.77 -11.47
CA PRO A 105 19.37 -3.92 -12.21
C PRO A 105 19.99 -4.95 -11.25
N THR A 106 19.17 -5.90 -10.85
CA THR A 106 19.63 -6.95 -9.94
C THR A 106 19.70 -8.29 -10.68
N LYS A 107 18.93 -8.39 -11.75
CA LYS A 107 18.90 -9.61 -12.55
C LYS A 107 18.62 -10.80 -11.63
N THR A 108 18.46 -11.95 -12.25
CA THR A 108 18.19 -13.18 -11.51
C THR A 108 19.01 -14.34 -12.06
N SER A 109 19.56 -15.12 -11.16
CA SER A 109 20.38 -16.26 -11.54
C SER A 109 19.98 -17.48 -10.71
N TRP A 110 19.33 -18.43 -11.38
CA TRP A 110 18.88 -19.64 -10.72
C TRP A 110 19.50 -20.83 -11.46
N ASP A 111 20.64 -21.28 -10.96
CA ASP A 111 21.34 -22.40 -11.56
C ASP A 111 21.53 -23.50 -10.51
N PRO A 112 21.44 -24.77 -10.99
CA PRO A 112 21.60 -25.92 -10.11
C PRO A 112 23.07 -26.11 -9.72
N GLY A 113 23.93 -26.06 -10.74
CA GLY A 113 25.35 -26.24 -10.52
C GLY A 113 25.67 -27.66 -10.05
N PHE A 114 26.00 -27.76 -8.77
CA PHE A 114 26.32 -29.05 -8.19
C PHE A 114 26.43 -28.97 -6.66
N SER A 115 26.49 -30.12 -6.04
CA SER A 115 26.59 -30.18 -4.59
C SER A 115 27.19 -31.53 -4.16
N GLY A 116 27.60 -31.59 -2.90
CA GLY A 116 28.18 -32.80 -2.36
C GLY A 116 29.51 -32.50 -1.66
N PRO A 117 29.41 -32.00 -0.41
CA PRO A 117 30.59 -31.67 0.37
C PRO A 117 31.26 -32.94 0.90
N SER A 118 32.57 -33.00 0.67
CA SER A 118 33.34 -34.16 1.12
C SER A 118 34.65 -33.69 1.76
N SER A 119 34.55 -33.36 3.05
CA SER A 119 35.70 -32.90 3.79
C SER A 119 35.69 -33.50 5.20
N GLY A 120 36.86 -33.96 5.61
CA GLY A 120 37.00 -34.56 6.93
C GLY A 120 37.91 -35.80 6.87
N GLY A 1 -4.00 -0.38 -20.07
CA GLY A 1 -2.65 -0.13 -20.54
C GLY A 1 -1.81 0.60 -19.48
N SER A 2 -2.07 1.89 -19.37
CA SER A 2 -1.35 2.71 -18.40
C SER A 2 0.16 2.55 -18.59
N SER A 3 0.72 3.43 -19.41
CA SER A 3 2.15 3.40 -19.68
C SER A 3 2.93 3.62 -18.40
N GLY A 4 3.11 2.55 -17.65
CA GLY A 4 3.85 2.61 -16.40
C GLY A 4 4.32 1.23 -15.96
N SER A 5 5.56 1.18 -15.49
CA SER A 5 6.15 -0.07 -15.04
C SER A 5 7.08 0.19 -13.84
N SER A 6 6.93 -0.65 -12.83
CA SER A 6 7.74 -0.54 -11.63
C SER A 6 8.01 -1.92 -11.05
N GLY A 7 8.78 -2.70 -11.81
CA GLY A 7 9.13 -4.05 -11.38
C GLY A 7 7.94 -4.74 -10.72
N TYR A 8 6.84 -4.78 -11.45
CA TYR A 8 5.63 -5.40 -10.93
C TYR A 8 5.30 -4.91 -9.52
N PRO A 9 4.04 -5.15 -9.11
CA PRO A 9 3.59 -4.74 -7.79
C PRO A 9 4.15 -5.66 -6.71
N ILE A 10 4.85 -5.05 -5.76
CA ILE A 10 5.45 -5.80 -4.67
C ILE A 10 4.33 -6.37 -3.78
N GLY A 11 3.39 -5.51 -3.45
CA GLY A 11 2.27 -5.91 -2.62
C GLY A 11 1.03 -5.07 -2.91
N GLU A 12 -0.11 -5.74 -2.96
CA GLU A 12 -1.37 -5.07 -3.24
C GLU A 12 -2.31 -5.20 -2.04
N ALA A 13 -2.71 -4.05 -1.51
CA ALA A 13 -3.62 -4.02 -0.38
C ALA A 13 -4.97 -3.48 -0.82
N SER A 14 -6.01 -3.93 -0.12
CA SER A 14 -7.36 -3.49 -0.43
C SER A 14 -8.02 -2.92 0.81
N ILE A 15 -8.64 -1.75 0.63
CA ILE A 15 -9.30 -1.07 1.73
C ILE A 15 -10.63 -1.77 2.02
N LEU A 16 -10.76 -2.27 3.24
CA LEU A 16 -11.97 -2.96 3.65
C LEU A 16 -12.89 -1.99 4.38
N ALA A 17 -12.26 -1.07 5.11
CA ALA A 17 -13.02 -0.07 5.85
C ALA A 17 -12.25 1.24 5.85
N THR A 18 -12.99 2.32 6.02
CA THR A 18 -12.39 3.65 6.03
C THR A 18 -13.00 4.49 7.16
N PHE A 19 -12.14 5.28 7.79
CA PHE A 19 -12.57 6.14 8.88
C PHE A 19 -11.59 7.29 9.10
N THR A 20 -11.92 8.13 10.07
CA THR A 20 -11.08 9.28 10.39
C THR A 20 -10.71 9.27 11.87
N VAL A 21 -9.69 10.05 12.19
CA VAL A 21 -9.22 10.14 13.57
C VAL A 21 -8.87 11.60 13.89
N THR A 22 -8.88 11.90 15.18
CA THR A 22 -8.56 13.25 15.63
C THR A 22 -7.19 13.28 16.29
N GLU A 23 -6.43 14.33 15.97
CA GLU A 23 -5.10 14.48 16.53
C GLU A 23 -4.90 15.92 17.02
N GLY A 24 -5.06 16.09 18.32
CA GLY A 24 -4.90 17.41 18.92
C GLY A 24 -6.15 18.26 18.73
N LYS A 25 -6.60 18.32 17.48
CA LYS A 25 -7.78 19.10 17.15
C LYS A 25 -8.20 18.79 15.71
N LYS A 26 -7.20 18.73 14.84
CA LYS A 26 -7.45 18.44 13.43
C LYS A 26 -7.86 16.97 13.27
N LYS A 27 -8.44 16.68 12.13
CA LYS A 27 -8.88 15.32 11.85
C LYS A 27 -7.97 14.70 10.78
N ILE A 28 -7.45 13.53 11.11
CA ILE A 28 -6.57 12.83 10.19
C ILE A 28 -7.32 11.66 9.54
N PRO A 29 -7.31 11.66 8.18
CA PRO A 29 -8.00 10.61 7.44
C PRO A 29 -7.21 9.31 7.47
N VAL A 30 -7.86 8.27 7.97
CA VAL A 30 -7.24 6.96 8.06
C VAL A 30 -7.93 6.00 7.10
N ALA A 31 -7.21 4.94 6.75
CA ALA A 31 -7.73 3.93 5.84
C ALA A 31 -7.23 2.56 6.27
N ASP A 32 -8.20 1.67 6.51
CA ASP A 32 -7.87 0.31 6.92
C ASP A 32 -7.92 -0.61 5.71
N CYS A 33 -6.77 -1.23 5.43
CA CYS A 33 -6.67 -2.14 4.30
C CYS A 33 -6.00 -3.43 4.78
N ARG A 34 -6.38 -4.53 4.15
CA ARG A 34 -5.83 -5.83 4.50
C ARG A 34 -4.95 -6.36 3.37
N VAL A 35 -3.69 -6.60 3.70
CA VAL A 35 -2.74 -7.10 2.73
C VAL A 35 -3.28 -8.40 2.12
N GLN A 36 -3.67 -8.31 0.86
CA GLN A 36 -4.19 -9.46 0.16
C GLN A 36 -3.05 -10.28 -0.45
N LYS A 37 -2.09 -9.56 -1.02
CA LYS A 37 -0.95 -10.20 -1.65
C LYS A 37 0.30 -9.34 -1.43
N GLY A 38 1.38 -10.02 -1.06
CA GLY A 38 2.63 -9.33 -0.80
C GLY A 38 2.65 -8.72 0.60
N GLN A 39 3.49 -7.70 0.75
CA GLN A 39 3.62 -7.02 2.03
C GLN A 39 3.77 -5.52 1.83
N LEU A 40 3.60 -4.79 2.91
CA LEU A 40 3.70 -3.34 2.86
C LEU A 40 4.86 -2.89 3.76
N GLU A 41 5.78 -2.15 3.16
CA GLU A 41 6.94 -1.66 3.89
C GLU A 41 6.85 -0.14 4.05
N ARG A 42 7.29 0.32 5.21
CA ARG A 42 7.27 1.74 5.52
C ARG A 42 8.47 2.44 4.87
N HIS A 43 8.44 2.50 3.55
CA HIS A 43 9.51 3.13 2.80
C HIS A 43 9.10 3.28 1.34
N LYS A 44 8.71 2.16 0.74
CA LYS A 44 8.29 2.15 -0.65
C LYS A 44 7.19 3.20 -0.84
N LYS A 45 6.77 3.35 -2.10
CA LYS A 45 5.74 4.31 -2.43
C LYS A 45 4.38 3.61 -2.44
N PHE A 46 3.33 4.40 -2.57
CA PHE A 46 1.98 3.87 -2.60
C PHE A 46 1.07 4.72 -3.49
N LYS A 47 -0.15 4.24 -3.67
CA LYS A 47 -1.12 4.94 -4.50
C LYS A 47 -2.52 4.44 -4.17
N LEU A 48 -3.48 5.36 -4.23
CA LEU A 48 -4.86 5.02 -3.94
C LEU A 48 -5.64 4.94 -5.25
N ILE A 49 -6.06 3.72 -5.58
CA ILE A 49 -6.83 3.49 -6.79
C ILE A 49 -8.31 3.35 -6.44
N ARG A 50 -9.11 4.23 -7.02
CA ARG A 50 -10.54 4.22 -6.79
C ARG A 50 -11.30 4.16 -8.12
N ASN A 51 -11.94 3.02 -8.34
CA ASN A 51 -12.71 2.82 -9.56
C ASN A 51 -11.75 2.48 -10.70
N GLY A 52 -10.46 2.40 -10.36
CA GLY A 52 -9.44 2.08 -11.35
C GLY A 52 -8.54 3.29 -11.60
N GLN A 53 -9.00 4.45 -11.14
CA GLN A 53 -8.24 5.67 -11.32
C GLN A 53 -7.49 6.02 -10.03
N VAL A 54 -6.34 6.65 -10.21
CA VAL A 54 -5.52 7.04 -9.08
C VAL A 54 -5.98 8.41 -8.58
N ILE A 55 -6.04 8.53 -7.25
CA ILE A 55 -6.46 9.78 -6.64
C ILE A 55 -5.27 10.40 -5.90
N TRP A 56 -4.52 9.56 -5.23
CA TRP A 56 -3.36 10.01 -4.48
C TRP A 56 -2.18 9.09 -4.84
N LYS A 57 -1.03 9.71 -5.02
CA LYS A 57 0.18 8.96 -5.36
C LYS A 57 1.36 9.50 -4.55
N GLY A 58 2.16 8.58 -4.04
CA GLY A 58 3.32 8.94 -3.26
C GLY A 58 3.53 7.95 -2.10
N SER A 59 4.32 8.38 -1.13
CA SER A 59 4.62 7.55 0.02
C SER A 59 3.72 7.94 1.19
N LEU A 60 3.53 6.99 2.09
CA LEU A 60 2.70 7.22 3.27
C LEU A 60 3.52 7.94 4.33
N THR A 61 2.81 8.58 5.26
CA THR A 61 3.46 9.30 6.33
C THR A 61 3.58 8.42 7.58
N SER A 62 2.80 7.36 7.59
CA SER A 62 2.81 6.43 8.71
C SER A 62 2.20 5.09 8.28
N LEU A 63 2.40 4.09 9.13
CA LEU A 63 1.88 2.77 8.86
C LEU A 63 2.03 1.89 10.12
N LYS A 64 0.90 1.65 10.76
CA LYS A 64 0.90 0.83 11.97
C LYS A 64 0.00 -0.38 11.76
N HIS A 65 0.09 -1.31 12.69
CA HIS A 65 -0.72 -2.53 12.62
C HIS A 65 -1.81 -2.50 13.70
N HIS A 66 -2.71 -1.54 13.54
CA HIS A 66 -3.81 -1.39 14.49
C HIS A 66 -3.29 -0.69 15.75
N LYS A 67 -2.34 -1.34 16.40
CA LYS A 67 -1.76 -0.78 17.62
C LYS A 67 -0.34 -1.32 17.79
N ASP A 68 0.50 -0.99 16.81
CA ASP A 68 1.88 -1.44 16.84
C ASP A 68 2.66 -0.74 15.71
N ASP A 69 3.74 -0.08 16.11
CA ASP A 69 4.57 0.62 15.14
C ASP A 69 5.42 -0.40 14.37
N ILE A 70 4.81 -0.99 13.35
CA ILE A 70 5.51 -1.97 12.54
C ILE A 70 6.09 -1.29 11.30
N SER A 71 6.92 -2.03 10.58
CA SER A 71 7.54 -1.51 9.37
C SER A 71 7.09 -2.33 8.16
N VAL A 72 6.96 -3.63 8.38
CA VAL A 72 6.54 -4.53 7.32
C VAL A 72 5.25 -5.23 7.73
N ILE A 73 4.33 -5.33 6.78
CA ILE A 73 3.06 -5.98 7.04
C ILE A 73 2.94 -7.22 6.15
N LYS A 74 2.63 -8.34 6.79
CA LYS A 74 2.48 -9.59 6.09
C LYS A 74 1.05 -9.71 5.54
N THR A 75 0.81 -10.79 4.81
CA THR A 75 -0.49 -11.02 4.23
C THR A 75 -1.48 -11.48 5.31
N GLY A 76 -2.71 -10.99 5.19
CA GLY A 76 -3.75 -11.34 6.15
C GLY A 76 -3.68 -10.45 7.38
N MET A 77 -2.67 -9.60 7.41
CA MET A 77 -2.48 -8.69 8.52
C MET A 77 -3.13 -7.34 8.24
N ASP A 78 -3.91 -6.88 9.21
CA ASP A 78 -4.59 -5.59 9.09
C ASP A 78 -3.63 -4.47 9.47
N CYS A 79 -3.77 -3.35 8.77
CA CYS A 79 -2.93 -2.19 9.04
C CYS A 79 -3.65 -0.95 8.52
N GLY A 80 -3.32 0.18 9.11
CA GLY A 80 -3.92 1.44 8.73
C GLY A 80 -2.86 2.42 8.20
N LEU A 81 -3.26 3.21 7.22
CA LEU A 81 -2.36 4.17 6.62
C LEU A 81 -3.13 5.48 6.36
N SER A 82 -2.37 6.54 6.12
CA SER A 82 -2.97 7.84 5.86
C SER A 82 -2.05 8.65 4.94
N LEU A 83 -2.68 9.46 4.09
CA LEU A 83 -1.94 10.29 3.16
C LEU A 83 -1.83 11.71 3.72
N ASP A 84 -0.65 12.28 3.56
CA ASP A 84 -0.41 13.64 4.04
C ASP A 84 -1.56 14.54 3.61
N GLU A 85 -2.16 14.20 2.48
CA GLU A 85 -3.27 14.96 1.95
C GLU A 85 -4.58 14.50 2.57
N GLU A 86 -5.38 15.48 2.97
CA GLU A 86 -6.67 15.19 3.58
C GLU A 86 -7.78 15.22 2.53
N LYS A 87 -7.51 15.92 1.45
CA LYS A 87 -8.47 16.02 0.36
C LYS A 87 -8.82 14.63 -0.15
N VAL A 88 -7.78 13.81 -0.32
CA VAL A 88 -7.97 12.46 -0.80
C VAL A 88 -8.68 11.63 0.28
N GLU A 89 -9.78 11.01 -0.12
CA GLU A 89 -10.54 10.19 0.80
C GLU A 89 -10.65 8.75 0.27
N PHE A 90 -10.39 7.81 1.17
CA PHE A 90 -10.44 6.41 0.81
C PHE A 90 -11.87 5.88 0.87
N LYS A 91 -12.02 4.60 0.58
CA LYS A 91 -13.32 3.97 0.60
C LYS A 91 -13.15 2.44 0.54
N PRO A 92 -14.20 1.73 1.03
CA PRO A 92 -14.17 0.28 1.05
C PRO A 92 -14.39 -0.29 -0.36
N GLY A 93 -13.56 0.17 -1.28
CA GLY A 93 -13.65 -0.29 -2.67
C GLY A 93 -12.53 0.33 -3.52
N ASP A 94 -11.39 0.52 -2.88
CA ASP A 94 -10.24 1.09 -3.57
C ASP A 94 -9.11 0.06 -3.61
N GLN A 95 -7.93 0.53 -3.98
CA GLN A 95 -6.77 -0.33 -4.06
C GLN A 95 -5.51 0.43 -3.66
N VAL A 96 -4.59 -0.28 -3.04
CA VAL A 96 -3.34 0.32 -2.61
C VAL A 96 -2.17 -0.54 -3.08
N ILE A 97 -1.58 -0.13 -4.20
CA ILE A 97 -0.46 -0.86 -4.76
C ILE A 97 0.85 -0.32 -4.16
N CYS A 98 1.63 -1.25 -3.62
CA CYS A 98 2.90 -0.89 -3.02
C CYS A 98 4.03 -1.39 -3.92
N TYR A 99 4.57 -0.45 -4.69
CA TYR A 99 5.65 -0.78 -5.61
C TYR A 99 6.91 0.01 -5.26
N GLU A 100 7.98 -0.29 -6.00
CA GLU A 100 9.25 0.39 -5.78
C GLU A 100 9.76 0.99 -7.09
N GLU A 101 10.03 2.29 -7.03
CA GLU A 101 10.53 3.00 -8.20
C GLU A 101 12.03 2.74 -8.38
N ASN A 102 12.36 2.26 -9.57
CA ASN A 102 13.76 1.96 -9.88
C ASN A 102 13.86 1.53 -11.35
N LYS A 103 15.06 1.66 -11.88
CA LYS A 103 15.32 1.29 -13.26
C LYS A 103 15.81 -0.16 -13.31
N VAL A 104 14.92 -1.07 -12.95
CA VAL A 104 15.25 -2.48 -12.95
C VAL A 104 15.23 -3.01 -14.39
N PRO A 105 16.00 -4.11 -14.61
CA PRO A 105 16.08 -4.71 -15.93
C PRO A 105 14.80 -5.50 -16.23
N THR A 106 14.02 -4.97 -17.16
CA THR A 106 12.77 -5.61 -17.56
C THR A 106 13.01 -7.10 -17.82
N LYS A 107 12.47 -7.91 -16.93
CA LYS A 107 12.61 -9.36 -17.07
C LYS A 107 11.22 -10.00 -17.05
N THR A 108 10.99 -10.83 -18.06
CA THR A 108 9.71 -11.52 -18.19
C THR A 108 9.92 -12.96 -18.65
N SER A 109 8.97 -13.81 -18.30
CA SER A 109 9.04 -15.21 -18.66
C SER A 109 7.77 -15.94 -18.19
N TRP A 110 7.12 -16.59 -19.14
CA TRP A 110 5.90 -17.33 -18.83
C TRP A 110 5.56 -18.20 -20.05
N ASP A 111 5.44 -19.49 -19.79
CA ASP A 111 5.12 -20.43 -20.84
C ASP A 111 3.75 -21.07 -20.56
N PRO A 112 2.73 -20.61 -21.32
CA PRO A 112 1.38 -21.12 -21.15
C PRO A 112 1.25 -22.52 -21.76
N GLY A 113 0.08 -23.10 -21.57
CA GLY A 113 -0.19 -24.43 -22.10
C GLY A 113 -1.68 -24.77 -22.01
N PHE A 114 -2.15 -25.54 -22.98
CA PHE A 114 -3.54 -25.93 -23.02
C PHE A 114 -3.69 -27.38 -23.52
N SER A 115 -4.80 -28.00 -23.13
CA SER A 115 -5.06 -29.36 -23.54
C SER A 115 -6.57 -29.62 -23.53
N GLY A 116 -7.03 -30.28 -24.57
CA GLY A 116 -8.45 -30.59 -24.70
C GLY A 116 -8.87 -30.67 -26.17
N PRO A 117 -9.23 -31.90 -26.61
CA PRO A 117 -9.66 -32.11 -27.98
C PRO A 117 -11.07 -31.59 -28.21
N SER A 118 -11.52 -31.69 -29.45
CA SER A 118 -12.85 -31.23 -29.80
C SER A 118 -13.73 -32.41 -30.23
N SER A 119 -15.01 -32.14 -30.39
CA SER A 119 -15.96 -33.17 -30.78
C SER A 119 -16.06 -34.24 -29.70
N GLY A 120 -17.28 -34.68 -29.46
CA GLY A 120 -17.54 -35.70 -28.45
C GLY A 120 -16.64 -36.92 -28.69
N GLY A 1 7.32 15.04 -15.67
CA GLY A 1 6.31 15.42 -16.64
C GLY A 1 4.94 15.54 -15.99
N SER A 2 4.47 14.41 -15.48
CA SER A 2 3.16 14.38 -14.82
C SER A 2 3.14 13.26 -13.79
N SER A 3 3.38 12.04 -14.26
CA SER A 3 3.38 10.88 -13.39
C SER A 3 4.11 9.72 -14.06
N GLY A 4 5.08 9.18 -13.34
CA GLY A 4 5.86 8.06 -13.85
C GLY A 4 6.06 6.99 -12.77
N SER A 5 6.07 5.74 -13.22
CA SER A 5 6.26 4.63 -12.31
C SER A 5 7.24 3.61 -12.92
N SER A 6 8.43 3.58 -12.36
CA SER A 6 9.46 2.68 -12.82
C SER A 6 9.80 1.66 -11.73
N GLY A 7 9.10 0.52 -11.78
CA GLY A 7 9.32 -0.53 -10.81
C GLY A 7 8.17 -1.54 -10.83
N TYR A 8 8.28 -2.53 -9.96
CA TYR A 8 7.26 -3.56 -9.87
C TYR A 8 6.45 -3.42 -8.57
N PRO A 9 5.21 -3.98 -8.61
CA PRO A 9 4.34 -3.93 -7.45
C PRO A 9 4.79 -4.91 -6.37
N ILE A 10 5.00 -4.38 -5.18
CA ILE A 10 5.44 -5.19 -4.06
C ILE A 10 4.26 -6.03 -3.57
N GLY A 11 3.12 -5.37 -3.42
CA GLY A 11 1.93 -6.04 -2.95
C GLY A 11 0.69 -5.16 -3.13
N GLU A 12 -0.45 -5.80 -3.29
CA GLU A 12 -1.70 -5.09 -3.48
C GLU A 12 -2.62 -5.31 -2.26
N ALA A 13 -3.08 -4.20 -1.70
CA ALA A 13 -3.95 -4.25 -0.55
C ALA A 13 -5.34 -3.76 -0.95
N SER A 14 -6.31 -4.05 -0.09
CA SER A 14 -7.68 -3.65 -0.34
C SER A 14 -8.27 -2.98 0.91
N ILE A 15 -8.87 -1.82 0.69
CA ILE A 15 -9.47 -1.08 1.79
C ILE A 15 -10.78 -1.77 2.20
N LEU A 16 -10.79 -2.27 3.43
CA LEU A 16 -11.96 -2.95 3.95
C LEU A 16 -12.86 -1.93 4.64
N ALA A 17 -12.24 -0.96 5.28
CA ALA A 17 -12.97 0.08 5.98
C ALA A 17 -12.17 1.39 5.94
N THR A 18 -12.89 2.48 6.12
CA THR A 18 -12.26 3.80 6.10
C THR A 18 -12.87 4.70 7.18
N PHE A 19 -12.00 5.47 7.81
CA PHE A 19 -12.43 6.38 8.86
C PHE A 19 -11.40 7.49 9.10
N THR A 20 -11.75 8.39 10.00
CA THR A 20 -10.86 9.50 10.32
C THR A 20 -10.39 9.40 11.78
N VAL A 21 -9.32 10.13 12.08
CA VAL A 21 -8.77 10.13 13.42
C VAL A 21 -8.49 11.58 13.85
N THR A 22 -8.40 11.76 15.16
CA THR A 22 -8.15 13.07 15.72
C THR A 22 -6.82 13.08 16.46
N GLU A 23 -6.05 14.14 16.23
CA GLU A 23 -4.75 14.29 16.87
C GLU A 23 -4.54 15.74 17.32
N GLY A 24 -4.78 15.96 18.61
CA GLY A 24 -4.62 17.29 19.17
C GLY A 24 -5.85 18.16 18.89
N LYS A 25 -6.27 18.16 17.63
CA LYS A 25 -7.43 18.94 17.23
C LYS A 25 -7.77 18.61 15.78
N LYS A 26 -6.73 18.58 14.95
CA LYS A 26 -6.91 18.28 13.54
C LYS A 26 -7.55 16.89 13.39
N LYS A 27 -7.93 16.58 12.16
CA LYS A 27 -8.55 15.30 11.86
C LYS A 27 -7.85 14.67 10.67
N ILE A 28 -7.01 13.68 10.96
CA ILE A 28 -6.27 12.98 9.93
C ILE A 28 -7.09 11.78 9.44
N PRO A 29 -7.25 11.69 8.10
CA PRO A 29 -8.00 10.60 7.51
C PRO A 29 -7.19 9.30 7.54
N VAL A 30 -7.89 8.21 7.81
CA VAL A 30 -7.25 6.91 7.87
C VAL A 30 -8.04 5.92 7.01
N ALA A 31 -7.31 4.98 6.43
CA ALA A 31 -7.92 3.97 5.58
C ALA A 31 -7.39 2.58 5.97
N ASP A 32 -8.30 1.76 6.49
CA ASP A 32 -7.93 0.42 6.90
C ASP A 32 -7.96 -0.50 5.68
N CYS A 33 -6.80 -1.06 5.37
CA CYS A 33 -6.69 -1.96 4.24
C CYS A 33 -5.97 -3.23 4.71
N ARG A 34 -6.28 -4.33 4.04
CA ARG A 34 -5.68 -5.61 4.38
C ARG A 34 -4.80 -6.10 3.23
N VAL A 35 -3.55 -6.36 3.54
CA VAL A 35 -2.60 -6.83 2.54
C VAL A 35 -3.06 -8.20 2.03
N GLN A 36 -3.61 -8.19 0.82
CA GLN A 36 -4.09 -9.41 0.21
C GLN A 36 -2.93 -10.19 -0.41
N LYS A 37 -2.04 -9.45 -1.04
CA LYS A 37 -0.87 -10.06 -1.67
C LYS A 37 0.36 -9.20 -1.38
N GLY A 38 1.50 -9.89 -1.26
CA GLY A 38 2.75 -9.21 -0.98
C GLY A 38 2.80 -8.73 0.48
N GLN A 39 3.12 -7.46 0.64
CA GLN A 39 3.20 -6.87 1.96
C GLN A 39 3.12 -5.34 1.87
N LEU A 40 2.87 -4.72 3.01
CA LEU A 40 2.76 -3.28 3.07
C LEU A 40 3.92 -2.72 3.91
N GLU A 41 4.66 -1.81 3.30
CA GLU A 41 5.79 -1.20 3.97
C GLU A 41 5.38 0.15 4.57
N ARG A 42 6.35 0.80 5.22
CA ARG A 42 6.10 2.08 5.84
C ARG A 42 6.79 3.20 5.04
N HIS A 43 7.95 2.86 4.50
CA HIS A 43 8.71 3.83 3.72
C HIS A 43 8.31 3.72 2.24
N LYS A 44 8.19 2.48 1.79
CA LYS A 44 7.82 2.23 0.41
C LYS A 44 6.71 3.22 -0.01
N LYS A 45 6.60 3.42 -1.31
CA LYS A 45 5.60 4.34 -1.84
C LYS A 45 4.27 3.58 -1.99
N PHE A 46 3.22 4.36 -2.20
CA PHE A 46 1.90 3.78 -2.37
C PHE A 46 1.01 4.67 -3.25
N LYS A 47 -0.20 4.21 -3.48
CA LYS A 47 -1.14 4.95 -4.30
C LYS A 47 -2.56 4.39 -4.07
N LEU A 48 -3.53 5.29 -4.18
CA LEU A 48 -4.92 4.91 -3.99
C LEU A 48 -5.61 4.81 -5.35
N ILE A 49 -6.10 3.62 -5.64
CA ILE A 49 -6.78 3.39 -6.91
C ILE A 49 -8.30 3.30 -6.66
N ARG A 50 -9.03 4.16 -7.36
CA ARG A 50 -10.48 4.19 -7.22
C ARG A 50 -11.14 4.18 -8.60
N ASN A 51 -11.81 3.07 -8.89
CA ASN A 51 -12.48 2.93 -10.16
C ASN A 51 -11.47 2.49 -11.23
N GLY A 52 -10.23 2.36 -10.80
CA GLY A 52 -9.16 1.95 -11.70
C GLY A 52 -8.18 3.10 -11.95
N GLN A 53 -8.58 4.29 -11.51
CA GLN A 53 -7.76 5.46 -11.68
C GLN A 53 -7.09 5.84 -10.35
N VAL A 54 -5.89 6.40 -10.46
CA VAL A 54 -5.14 6.80 -9.28
C VAL A 54 -5.61 8.18 -8.84
N ILE A 55 -5.69 8.35 -7.52
CA ILE A 55 -6.13 9.61 -6.96
C ILE A 55 -4.97 10.25 -6.18
N TRP A 56 -4.26 9.40 -5.45
CA TRP A 56 -3.12 9.85 -4.66
C TRP A 56 -1.91 9.01 -5.04
N LYS A 57 -0.78 9.68 -5.17
CA LYS A 57 0.46 9.01 -5.53
C LYS A 57 1.60 9.56 -4.68
N GLY A 58 2.39 8.65 -4.15
CA GLY A 58 3.52 9.03 -3.32
C GLY A 58 3.82 7.97 -2.26
N SER A 59 4.16 8.45 -1.07
CA SER A 59 4.46 7.55 0.04
C SER A 59 3.57 7.88 1.24
N LEU A 60 3.27 6.84 2.01
CA LEU A 60 2.43 7.01 3.18
C LEU A 60 3.19 7.81 4.25
N THR A 61 2.43 8.47 5.10
CA THR A 61 3.02 9.27 6.16
C THR A 61 3.18 8.44 7.44
N SER A 62 2.45 7.33 7.49
CA SER A 62 2.51 6.45 8.63
C SER A 62 1.81 5.12 8.31
N LEU A 63 2.18 4.10 9.07
CA LEU A 63 1.61 2.78 8.86
C LEU A 63 1.74 1.97 10.15
N LYS A 64 0.62 1.86 10.86
CA LYS A 64 0.59 1.13 12.11
C LYS A 64 -0.31 -0.09 11.95
N HIS A 65 0.11 -1.19 12.57
CA HIS A 65 -0.64 -2.42 12.51
C HIS A 65 -1.64 -2.47 13.68
N HIS A 66 -1.10 -2.65 14.87
CA HIS A 66 -1.92 -2.71 16.07
C HIS A 66 -1.02 -2.75 17.31
N LYS A 67 -1.18 -1.73 18.14
CA LYS A 67 -0.39 -1.63 19.36
C LYS A 67 1.04 -2.08 19.08
N ASP A 68 1.55 -1.63 17.94
CA ASP A 68 2.91 -1.97 17.54
C ASP A 68 3.25 -1.20 16.25
N ASP A 69 4.18 -0.26 16.40
CA ASP A 69 4.61 0.55 15.27
C ASP A 69 5.44 -0.31 14.33
N ILE A 70 4.74 -1.08 13.50
CA ILE A 70 5.39 -1.96 12.54
C ILE A 70 5.65 -1.18 11.25
N SER A 71 6.53 -1.74 10.44
CA SER A 71 6.87 -1.11 9.16
C SER A 71 6.43 -2.01 8.01
N VAL A 72 6.50 -3.31 8.24
CA VAL A 72 6.11 -4.27 7.23
C VAL A 72 4.83 -4.99 7.69
N ILE A 73 4.00 -5.31 6.71
CA ILE A 73 2.74 -5.99 6.99
C ILE A 73 2.62 -7.21 6.08
N LYS A 74 2.66 -8.38 6.70
CA LYS A 74 2.55 -9.63 5.96
C LYS A 74 1.12 -9.78 5.42
N THR A 75 0.93 -10.82 4.62
CA THR A 75 -0.37 -11.08 4.05
C THR A 75 -1.34 -11.60 5.12
N GLY A 76 -2.52 -11.00 5.15
CA GLY A 76 -3.53 -11.39 6.11
C GLY A 76 -3.47 -10.49 7.36
N MET A 77 -2.57 -9.54 7.31
CA MET A 77 -2.41 -8.61 8.42
C MET A 77 -3.08 -7.27 8.13
N ASP A 78 -3.81 -6.78 9.12
CA ASP A 78 -4.51 -5.51 8.98
C ASP A 78 -3.56 -4.37 9.36
N CYS A 79 -3.78 -3.22 8.73
CA CYS A 79 -2.96 -2.06 9.00
C CYS A 79 -3.69 -0.83 8.46
N GLY A 80 -3.39 0.31 9.05
CA GLY A 80 -4.01 1.57 8.65
C GLY A 80 -2.96 2.55 8.13
N LEU A 81 -3.28 3.16 7.00
CA LEU A 81 -2.38 4.13 6.39
C LEU A 81 -3.13 5.45 6.17
N SER A 82 -2.35 6.50 6.00
CA SER A 82 -2.93 7.83 5.77
C SER A 82 -2.03 8.63 4.83
N LEU A 83 -2.68 9.27 3.86
CA LEU A 83 -1.96 10.07 2.88
C LEU A 83 -1.78 11.49 3.43
N ASP A 84 -0.63 12.07 3.12
CA ASP A 84 -0.33 13.42 3.57
C ASP A 84 -1.42 14.37 3.08
N GLU A 85 -2.14 13.93 2.05
CA GLU A 85 -3.21 14.73 1.49
C GLU A 85 -4.55 14.33 2.10
N GLU A 86 -5.30 15.34 2.52
CA GLU A 86 -6.61 15.10 3.12
C GLU A 86 -7.69 15.10 2.04
N LYS A 87 -7.42 15.82 0.97
CA LYS A 87 -8.36 15.92 -0.14
C LYS A 87 -8.74 14.51 -0.60
N VAL A 88 -7.71 13.67 -0.74
CA VAL A 88 -7.93 12.31 -1.18
C VAL A 88 -8.69 11.54 -0.10
N GLU A 89 -9.68 10.79 -0.53
CA GLU A 89 -10.49 10.00 0.39
C GLU A 89 -10.57 8.55 -0.08
N PHE A 90 -10.47 7.65 0.89
CA PHE A 90 -10.52 6.22 0.59
C PHE A 90 -11.96 5.71 0.68
N LYS A 91 -12.09 4.40 0.51
CA LYS A 91 -13.39 3.76 0.56
C LYS A 91 -13.22 2.25 0.47
N PRO A 92 -14.26 1.51 0.97
CA PRO A 92 -14.24 0.06 0.95
C PRO A 92 -14.49 -0.47 -0.47
N GLY A 93 -13.66 0.00 -1.39
CA GLY A 93 -13.78 -0.43 -2.78
C GLY A 93 -12.67 0.18 -3.63
N ASP A 94 -11.50 0.31 -3.02
CA ASP A 94 -10.36 0.87 -3.70
C ASP A 94 -9.19 -0.12 -3.63
N GLN A 95 -8.07 0.29 -4.20
CA GLN A 95 -6.88 -0.54 -4.21
C GLN A 95 -5.66 0.26 -3.75
N VAL A 96 -4.70 -0.44 -3.16
CA VAL A 96 -3.50 0.19 -2.68
C VAL A 96 -2.29 -0.55 -3.23
N ILE A 97 -1.72 0.01 -4.28
CA ILE A 97 -0.55 -0.59 -4.92
C ILE A 97 0.72 -0.06 -4.25
N CYS A 98 1.44 -0.97 -3.62
CA CYS A 98 2.69 -0.61 -2.94
C CYS A 98 3.85 -0.91 -3.87
N TYR A 99 4.33 0.14 -4.54
CA TYR A 99 5.44 0.00 -5.46
C TYR A 99 6.61 0.89 -5.05
N GLU A 100 7.78 0.55 -5.55
CA GLU A 100 8.98 1.31 -5.24
C GLU A 100 9.63 1.82 -6.54
N GLU A 101 9.91 3.11 -6.55
CA GLU A 101 10.53 3.73 -7.70
C GLU A 101 11.95 3.19 -7.89
N ASN A 102 12.06 2.24 -8.81
CA ASN A 102 13.35 1.63 -9.10
C ASN A 102 13.20 0.64 -10.26
N LYS A 103 14.19 0.65 -11.14
CA LYS A 103 14.17 -0.23 -12.29
C LYS A 103 14.75 -1.59 -11.89
N VAL A 104 14.12 -2.64 -12.42
CA VAL A 104 14.55 -3.99 -12.12
C VAL A 104 13.82 -4.97 -13.05
N PRO A 105 14.58 -6.01 -13.49
CA PRO A 105 14.02 -7.02 -14.38
C PRO A 105 13.08 -7.96 -13.62
N THR A 106 12.37 -8.77 -14.39
CA THR A 106 11.44 -9.72 -13.82
C THR A 106 12.19 -10.87 -13.14
N LYS A 107 11.79 -11.16 -11.92
CA LYS A 107 12.42 -12.24 -11.16
C LYS A 107 11.49 -13.45 -11.13
N THR A 108 12.10 -14.63 -11.07
CA THR A 108 11.34 -15.86 -11.03
C THR A 108 11.79 -16.73 -9.86
N SER A 109 10.83 -17.45 -9.29
CA SER A 109 11.12 -18.33 -8.17
C SER A 109 10.17 -19.53 -8.18
N TRP A 110 8.88 -19.23 -8.15
CA TRP A 110 7.87 -20.27 -8.16
C TRP A 110 8.05 -21.13 -6.90
N ASP A 111 7.24 -20.84 -5.90
CA ASP A 111 7.30 -21.56 -4.65
C ASP A 111 6.06 -21.25 -3.81
N PRO A 112 5.54 -22.31 -3.15
CA PRO A 112 4.35 -22.17 -2.31
C PRO A 112 4.69 -21.45 -1.00
N GLY A 113 5.81 -21.84 -0.42
CA GLY A 113 6.26 -21.24 0.83
C GLY A 113 7.04 -22.26 1.67
N PHE A 114 8.34 -22.04 1.76
CA PHE A 114 9.19 -22.93 2.53
C PHE A 114 9.00 -24.38 2.11
N SER A 115 9.85 -24.82 1.19
CA SER A 115 9.78 -26.19 0.70
C SER A 115 10.94 -27.01 1.26
N GLY A 116 10.76 -28.32 1.26
CA GLY A 116 11.78 -29.23 1.76
C GLY A 116 11.80 -30.54 0.97
N PRO A 117 12.72 -30.60 -0.02
CA PRO A 117 12.85 -31.78 -0.85
C PRO A 117 13.54 -32.92 -0.09
N SER A 118 12.76 -33.58 0.75
CA SER A 118 13.27 -34.68 1.54
C SER A 118 13.96 -35.70 0.63
N SER A 119 15.09 -36.20 1.10
CA SER A 119 15.86 -37.18 0.35
C SER A 119 15.72 -38.56 0.98
N GLY A 120 15.89 -39.58 0.15
CA GLY A 120 15.78 -40.95 0.62
C GLY A 120 17.04 -41.38 1.37
#